data_2PII
# 
_entry.id   2PII 
# 
_audit_conform.dict_name       mmcif_pdbx.dic 
_audit_conform.dict_version    5.387 
_audit_conform.dict_location   http://mmcif.pdb.org/dictionaries/ascii/mmcif_pdbx.dic 
# 
loop_
_database_2.database_id 
_database_2.database_code 
_database_2.pdbx_database_accession 
_database_2.pdbx_DOI 
PDB   2PII         pdb_00002pii 10.2210/pdb2pii/pdb 
WWPDB D_1000178473 ?            ?                   
# 
loop_
_pdbx_audit_revision_history.ordinal 
_pdbx_audit_revision_history.data_content_type 
_pdbx_audit_revision_history.major_revision 
_pdbx_audit_revision_history.minor_revision 
_pdbx_audit_revision_history.revision_date 
1 'Structure model' 1 0 1996-06-20 
2 'Structure model' 1 1 2008-03-24 
3 'Structure model' 1 2 2011-07-13 
4 'Structure model' 1 3 2011-11-16 
5 'Structure model' 1 4 2024-02-21 
# 
_pdbx_audit_revision_details.ordinal             1 
_pdbx_audit_revision_details.revision_ordinal    1 
_pdbx_audit_revision_details.data_content_type   'Structure model' 
_pdbx_audit_revision_details.provider            repository 
_pdbx_audit_revision_details.type                'Initial release' 
_pdbx_audit_revision_details.description         ? 
_pdbx_audit_revision_details.details             ? 
# 
loop_
_pdbx_audit_revision_group.ordinal 
_pdbx_audit_revision_group.revision_ordinal 
_pdbx_audit_revision_group.data_content_type 
_pdbx_audit_revision_group.group 
1 2 'Structure model' 'Version format compliance' 
2 3 'Structure model' 'Derived calculations'      
3 3 'Structure model' 'Version format compliance' 
4 4 'Structure model' 'Atomic model'              
5 5 'Structure model' 'Data collection'           
6 5 'Structure model' 'Database references'       
7 5 'Structure model' Other                       
# 
loop_
_pdbx_audit_revision_category.ordinal 
_pdbx_audit_revision_category.revision_ordinal 
_pdbx_audit_revision_category.data_content_type 
_pdbx_audit_revision_category.category 
1 5 'Structure model' chem_comp_atom       
2 5 'Structure model' chem_comp_bond       
3 5 'Structure model' database_2           
4 5 'Structure model' pdbx_database_status 
# 
loop_
_pdbx_audit_revision_item.ordinal 
_pdbx_audit_revision_item.revision_ordinal 
_pdbx_audit_revision_item.data_content_type 
_pdbx_audit_revision_item.item 
1 5 'Structure model' '_database_2.pdbx_DOI'                
2 5 'Structure model' '_database_2.pdbx_database_accession' 
3 5 'Structure model' '_pdbx_database_status.process_site'  
# 
_pdbx_database_status.status_code                     REL 
_pdbx_database_status.entry_id                        2PII 
_pdbx_database_status.recvd_initial_deposition_date   1995-05-02 
_pdbx_database_status.deposit_site                    ? 
_pdbx_database_status.process_site                    BNL 
_pdbx_database_status.SG_entry                        . 
_pdbx_database_status.pdb_format_compatible           Y 
_pdbx_database_status.status_code_mr                  ? 
_pdbx_database_status.status_code_sf                  ? 
_pdbx_database_status.status_code_cs                  ? 
_pdbx_database_status.status_code_nmr_data            ? 
_pdbx_database_status.methods_development_category    ? 
# 
loop_
_audit_author.name 
_audit_author.pdbx_ordinal 
'Carr, P.D.'    1 
'Cheah, E.'     2 
'Suffolk, P.M.' 3 
'Ollis, D.L.'   4 
# 
loop_
_citation.id 
_citation.title 
_citation.journal_abbrev 
_citation.journal_volume 
_citation.page_first 
_citation.page_last 
_citation.year 
_citation.journal_id_ASTM 
_citation.country 
_citation.journal_id_ISSN 
_citation.journal_id_CSD 
_citation.book_publisher 
_citation.pdbx_database_id_PubMed 
_citation.pdbx_database_id_DOI 
primary 'X-ray structure of the signal transduction protein from Escherichia coli at 1.9 A.'   'Acta Crystallogr.,Sect.D' 52  93  
104 1996 ABCRE6 DK 0907-4449 0766 ? 15299730 10.1107/S0907444995007293 
1       'Escherichia Coli Pii Protein: Purification, Crystallization and Oligomeric Structure' 'FEBS Lett.'               337 255 
?   1994 FEBLAL NE 0014-5793 0165 ? ?        ?                         
2       'Structure of the Escherichia Coli Signal Transducing Protein Pii'                     Structure                  2   981 
?   1994 STRUE6 UK 0969-2126 2005 ? ?        ?                         
# 
loop_
_citation_author.citation_id 
_citation_author.name 
_citation_author.ordinal 
_citation_author.identifier_ORCID 
primary 'Carr, P.D.'      1  ? 
primary 'Cheah, E.'       2  ? 
primary 'Suffolk, P.M.'   3  ? 
primary 'Vasudevan, S.G.' 4  ? 
primary 'Dixon, N.E.'     5  ? 
primary 'Ollis, D.L.'     6  ? 
1       'Vasudevan, S.G.' 7  ? 
1       'Gedye, C.'       8  ? 
1       'Dixon, N.E.'     9  ? 
1       'Cheah, E.'       10 ? 
1       'Carr, P.D.'      11 ? 
1       'Suffolk, P.M.'   12 ? 
1       'Jeffrey, P.D.'   13 ? 
1       'Ollis, D.L.'     14 ? 
2       'Cheah, E.'       15 ? 
2       'Carr, P.D.'      16 ? 
2       'Suffolk, P.M.'   17 ? 
2       'Vasudevan, S.G.' 18 ? 
2       'Dixon, N.E.'     19 ? 
2       'Ollis, D.L.'     20 ? 
# 
loop_
_entity.id 
_entity.type 
_entity.src_method 
_entity.pdbx_description 
_entity.formula_weight 
_entity.pdbx_number_of_molecules 
_entity.pdbx_ec 
_entity.pdbx_mutation 
_entity.pdbx_fragment 
_entity.details 
1 polymer man PII   12443.442 1   ? ? ? ? 
2 water   nat water 18.015    312 ? ? ? ? 
# 
_entity_name_com.entity_id   1 
_entity_name_com.name        'GLNB PRODUCT' 
# 
_entity_poly.entity_id                      1 
_entity_poly.type                           'polypeptide(L)' 
_entity_poly.nstd_linkage                   no 
_entity_poly.nstd_monomer                   no 
_entity_poly.pdbx_seq_one_letter_code       
;MKKIDAIIKPFKLDDVREALAEVGITGMTVTEVKGFGRQKGHTELYRGAEYMVDFLPKVKIEIVVPDDIVDTCVDTIIRT
AQTGKIGDGKIFVFDVARVIRIRTGEEDDAAI
;
_entity_poly.pdbx_seq_one_letter_code_can   
;MKKIDAIIKPFKLDDVREALAEVGITGMTVTEVKGFGRQKGHTELYRGAEYMVDFLPKVKIEIVVPDDIVDTCVDTIIRT
AQTGKIGDGKIFVFDVARVIRIRTGEEDDAAI
;
_entity_poly.pdbx_strand_id                 A 
_entity_poly.pdbx_target_identifier         ? 
# 
_pdbx_entity_nonpoly.entity_id   2 
_pdbx_entity_nonpoly.name        water 
_pdbx_entity_nonpoly.comp_id     HOH 
# 
loop_
_entity_poly_seq.entity_id 
_entity_poly_seq.num 
_entity_poly_seq.mon_id 
_entity_poly_seq.hetero 
1 1   MET n 
1 2   LYS n 
1 3   LYS n 
1 4   ILE n 
1 5   ASP n 
1 6   ALA n 
1 7   ILE n 
1 8   ILE n 
1 9   LYS n 
1 10  PRO n 
1 11  PHE n 
1 12  LYS n 
1 13  LEU n 
1 14  ASP n 
1 15  ASP n 
1 16  VAL n 
1 17  ARG n 
1 18  GLU n 
1 19  ALA n 
1 20  LEU n 
1 21  ALA n 
1 22  GLU n 
1 23  VAL n 
1 24  GLY n 
1 25  ILE n 
1 26  THR n 
1 27  GLY n 
1 28  MET n 
1 29  THR n 
1 30  VAL n 
1 31  THR n 
1 32  GLU n 
1 33  VAL n 
1 34  LYS n 
1 35  GLY n 
1 36  PHE n 
1 37  GLY n 
1 38  ARG n 
1 39  GLN n 
1 40  LYS n 
1 41  GLY n 
1 42  HIS n 
1 43  THR n 
1 44  GLU n 
1 45  LEU n 
1 46  TYR n 
1 47  ARG n 
1 48  GLY n 
1 49  ALA n 
1 50  GLU n 
1 51  TYR n 
1 52  MET n 
1 53  VAL n 
1 54  ASP n 
1 55  PHE n 
1 56  LEU n 
1 57  PRO n 
1 58  LYS n 
1 59  VAL n 
1 60  LYS n 
1 61  ILE n 
1 62  GLU n 
1 63  ILE n 
1 64  VAL n 
1 65  VAL n 
1 66  PRO n 
1 67  ASP n 
1 68  ASP n 
1 69  ILE n 
1 70  VAL n 
1 71  ASP n 
1 72  THR n 
1 73  CYS n 
1 74  VAL n 
1 75  ASP n 
1 76  THR n 
1 77  ILE n 
1 78  ILE n 
1 79  ARG n 
1 80  THR n 
1 81  ALA n 
1 82  GLN n 
1 83  THR n 
1 84  GLY n 
1 85  LYS n 
1 86  ILE n 
1 87  GLY n 
1 88  ASP n 
1 89  GLY n 
1 90  LYS n 
1 91  ILE n 
1 92  PHE n 
1 93  VAL n 
1 94  PHE n 
1 95  ASP n 
1 96  VAL n 
1 97  ALA n 
1 98  ARG n 
1 99  VAL n 
1 100 ILE n 
1 101 ARG n 
1 102 ILE n 
1 103 ARG n 
1 104 THR n 
1 105 GLY n 
1 106 GLU n 
1 107 GLU n 
1 108 ASP n 
1 109 ASP n 
1 110 ALA n 
1 111 ALA n 
1 112 ILE n 
# 
_entity_src_gen.entity_id                          1 
_entity_src_gen.pdbx_src_id                        1 
_entity_src_gen.pdbx_alt_source_flag               sample 
_entity_src_gen.pdbx_seq_type                      ? 
_entity_src_gen.pdbx_beg_seq_num                   ? 
_entity_src_gen.pdbx_end_seq_num                   ? 
_entity_src_gen.gene_src_common_name               ? 
_entity_src_gen.gene_src_genus                     Escherichia 
_entity_src_gen.pdbx_gene_src_gene                 GLNB 
_entity_src_gen.gene_src_species                   ? 
_entity_src_gen.gene_src_strain                    'DERIVED FROM K12' 
_entity_src_gen.gene_src_tissue                    ? 
_entity_src_gen.gene_src_tissue_fraction           ? 
_entity_src_gen.gene_src_details                   ? 
_entity_src_gen.pdbx_gene_src_fragment             ? 
_entity_src_gen.pdbx_gene_src_scientific_name      'Escherichia coli' 
_entity_src_gen.pdbx_gene_src_ncbi_taxonomy_id     562 
_entity_src_gen.pdbx_gene_src_variant              AN1459 
_entity_src_gen.pdbx_gene_src_cell_line            ? 
_entity_src_gen.pdbx_gene_src_atcc                 ? 
_entity_src_gen.pdbx_gene_src_organ                ? 
_entity_src_gen.pdbx_gene_src_organelle            ? 
_entity_src_gen.pdbx_gene_src_cell                 ? 
_entity_src_gen.pdbx_gene_src_cellular_location    ? 
_entity_src_gen.host_org_common_name               ? 
_entity_src_gen.pdbx_host_org_scientific_name      'Escherichia coli' 
_entity_src_gen.pdbx_host_org_ncbi_taxonomy_id     562 
_entity_src_gen.host_org_genus                     Escherichia 
_entity_src_gen.pdbx_host_org_gene                 ? 
_entity_src_gen.pdbx_host_org_organ                ? 
_entity_src_gen.host_org_species                   ? 
_entity_src_gen.pdbx_host_org_tissue               ? 
_entity_src_gen.pdbx_host_org_tissue_fraction      ? 
_entity_src_gen.pdbx_host_org_strain               ? 
_entity_src_gen.pdbx_host_org_variant              ? 
_entity_src_gen.pdbx_host_org_cell_line            ? 
_entity_src_gen.pdbx_host_org_atcc                 ? 
_entity_src_gen.pdbx_host_org_culture_collection   ? 
_entity_src_gen.pdbx_host_org_cell                 ? 
_entity_src_gen.pdbx_host_org_organelle            ? 
_entity_src_gen.pdbx_host_org_cellular_location    ? 
_entity_src_gen.pdbx_host_org_vector_type          ? 
_entity_src_gen.pdbx_host_org_vector               ? 
_entity_src_gen.host_org_details                   ? 
_entity_src_gen.expression_system_id               ? 
_entity_src_gen.plasmid_name                       PCG646 
_entity_src_gen.plasmid_details                    ? 
_entity_src_gen.pdbx_description                   ? 
# 
loop_
_chem_comp.id 
_chem_comp.type 
_chem_comp.mon_nstd_flag 
_chem_comp.name 
_chem_comp.pdbx_synonyms 
_chem_comp.formula 
_chem_comp.formula_weight 
ALA 'L-peptide linking' y ALANINE         ? 'C3 H7 N O2'     89.093  
ARG 'L-peptide linking' y ARGININE        ? 'C6 H15 N4 O2 1' 175.209 
ASP 'L-peptide linking' y 'ASPARTIC ACID' ? 'C4 H7 N O4'     133.103 
CYS 'L-peptide linking' y CYSTEINE        ? 'C3 H7 N O2 S'   121.158 
GLN 'L-peptide linking' y GLUTAMINE       ? 'C5 H10 N2 O3'   146.144 
GLU 'L-peptide linking' y 'GLUTAMIC ACID' ? 'C5 H9 N O4'     147.129 
GLY 'peptide linking'   y GLYCINE         ? 'C2 H5 N O2'     75.067  
HIS 'L-peptide linking' y HISTIDINE       ? 'C6 H10 N3 O2 1' 156.162 
HOH non-polymer         . WATER           ? 'H2 O'           18.015  
ILE 'L-peptide linking' y ISOLEUCINE      ? 'C6 H13 N O2'    131.173 
LEU 'L-peptide linking' y LEUCINE         ? 'C6 H13 N O2'    131.173 
LYS 'L-peptide linking' y LYSINE          ? 'C6 H15 N2 O2 1' 147.195 
MET 'L-peptide linking' y METHIONINE      ? 'C5 H11 N O2 S'  149.211 
PHE 'L-peptide linking' y PHENYLALANINE   ? 'C9 H11 N O2'    165.189 
PRO 'L-peptide linking' y PROLINE         ? 'C5 H9 N O2'     115.130 
THR 'L-peptide linking' y THREONINE       ? 'C4 H9 N O3'     119.119 
TYR 'L-peptide linking' y TYROSINE        ? 'C9 H11 N O3'    181.189 
VAL 'L-peptide linking' y VALINE          ? 'C5 H11 N O2'    117.146 
# 
loop_
_pdbx_poly_seq_scheme.asym_id 
_pdbx_poly_seq_scheme.entity_id 
_pdbx_poly_seq_scheme.seq_id 
_pdbx_poly_seq_scheme.mon_id 
_pdbx_poly_seq_scheme.ndb_seq_num 
_pdbx_poly_seq_scheme.pdb_seq_num 
_pdbx_poly_seq_scheme.auth_seq_num 
_pdbx_poly_seq_scheme.pdb_mon_id 
_pdbx_poly_seq_scheme.auth_mon_id 
_pdbx_poly_seq_scheme.pdb_strand_id 
_pdbx_poly_seq_scheme.pdb_ins_code 
_pdbx_poly_seq_scheme.hetero 
A 1 1   MET 1   1   1   MET MET A . n 
A 1 2   LYS 2   2   2   LYS LYS A . n 
A 1 3   LYS 3   3   3   LYS LYS A . n 
A 1 4   ILE 4   4   4   ILE ILE A . n 
A 1 5   ASP 5   5   5   ASP ASP A . n 
A 1 6   ALA 6   6   6   ALA ALA A . n 
A 1 7   ILE 7   7   7   ILE ILE A . n 
A 1 8   ILE 8   8   8   ILE ILE A . n 
A 1 9   LYS 9   9   9   LYS LYS A . n 
A 1 10  PRO 10  10  10  PRO PRO A . n 
A 1 11  PHE 11  11  11  PHE PHE A . n 
A 1 12  LYS 12  12  12  LYS LYS A . n 
A 1 13  LEU 13  13  13  LEU LEU A . n 
A 1 14  ASP 14  14  14  ASP ASP A . n 
A 1 15  ASP 15  15  15  ASP ASP A . n 
A 1 16  VAL 16  16  16  VAL VAL A . n 
A 1 17  ARG 17  17  17  ARG ARG A . n 
A 1 18  GLU 18  18  18  GLU GLU A . n 
A 1 19  ALA 19  19  19  ALA ALA A . n 
A 1 20  LEU 20  20  20  LEU LEU A . n 
A 1 21  ALA 21  21  21  ALA ALA A . n 
A 1 22  GLU 22  22  22  GLU GLU A . n 
A 1 23  VAL 23  23  23  VAL VAL A . n 
A 1 24  GLY 24  24  24  GLY GLY A . n 
A 1 25  ILE 25  25  25  ILE ILE A . n 
A 1 26  THR 26  26  26  THR THR A . n 
A 1 27  GLY 27  27  27  GLY GLY A . n 
A 1 28  MET 28  28  28  MET MET A . n 
A 1 29  THR 29  29  29  THR THR A . n 
A 1 30  VAL 30  30  30  VAL VAL A . n 
A 1 31  THR 31  31  31  THR THR A . n 
A 1 32  GLU 32  32  32  GLU GLU A . n 
A 1 33  VAL 33  33  33  VAL VAL A . n 
A 1 34  LYS 34  34  34  LYS LYS A . n 
A 1 35  GLY 35  35  35  GLY GLY A . n 
A 1 36  PHE 36  36  36  PHE PHE A . n 
A 1 37  GLY 37  37  37  GLY GLY A . n 
A 1 38  ARG 38  38  38  ARG ARG A . n 
A 1 39  GLN 39  39  39  GLN GLN A . n 
A 1 40  LYS 40  40  40  LYS LYS A . n 
A 1 41  GLY 41  41  41  GLY GLY A . n 
A 1 42  HIS 42  42  42  HIS HIS A . n 
A 1 43  THR 43  43  43  THR THR A . n 
A 1 44  GLU 44  44  44  GLU GLU A . n 
A 1 45  LEU 45  45  45  LEU LEU A . n 
A 1 46  TYR 46  46  46  TYR TYR A . n 
A 1 47  ARG 47  47  47  ARG ARG A . n 
A 1 48  GLY 48  48  48  GLY GLY A . n 
A 1 49  ALA 49  49  49  ALA ALA A . n 
A 1 50  GLU 50  50  50  GLU GLU A . n 
A 1 51  TYR 51  51  51  TYR TYR A . n 
A 1 52  MET 52  52  52  MET MET A . n 
A 1 53  VAL 53  53  53  VAL VAL A . n 
A 1 54  ASP 54  54  54  ASP ASP A . n 
A 1 55  PHE 55  55  55  PHE PHE A . n 
A 1 56  LEU 56  56  56  LEU LEU A . n 
A 1 57  PRO 57  57  57  PRO PRO A . n 
A 1 58  LYS 58  58  58  LYS LYS A . n 
A 1 59  VAL 59  59  59  VAL VAL A . n 
A 1 60  LYS 60  60  60  LYS LYS A . n 
A 1 61  ILE 61  61  61  ILE ILE A . n 
A 1 62  GLU 62  62  62  GLU GLU A . n 
A 1 63  ILE 63  63  63  ILE ILE A . n 
A 1 64  VAL 64  64  64  VAL VAL A . n 
A 1 65  VAL 65  65  65  VAL VAL A . n 
A 1 66  PRO 66  66  66  PRO PRO A . n 
A 1 67  ASP 67  67  67  ASP ASP A . n 
A 1 68  ASP 68  68  68  ASP ASP A . n 
A 1 69  ILE 69  69  69  ILE ILE A . n 
A 1 70  VAL 70  70  70  VAL VAL A . n 
A 1 71  ASP 71  71  71  ASP ASP A . n 
A 1 72  THR 72  72  72  THR THR A . n 
A 1 73  CYS 73  73  73  CYS CYS A . n 
A 1 74  VAL 74  74  74  VAL VAL A . n 
A 1 75  ASP 75  75  75  ASP ASP A . n 
A 1 76  THR 76  76  76  THR THR A . n 
A 1 77  ILE 77  77  77  ILE ILE A . n 
A 1 78  ILE 78  78  78  ILE ILE A . n 
A 1 79  ARG 79  79  79  ARG ARG A . n 
A 1 80  THR 80  80  80  THR THR A . n 
A 1 81  ALA 81  81  81  ALA ALA A . n 
A 1 82  GLN 82  82  82  GLN GLN A . n 
A 1 83  THR 83  83  83  THR THR A . n 
A 1 84  GLY 84  84  84  GLY GLY A . n 
A 1 85  LYS 85  85  85  LYS LYS A . n 
A 1 86  ILE 86  86  86  ILE ILE A . n 
A 1 87  GLY 87  87  87  GLY GLY A . n 
A 1 88  ASP 88  88  88  ASP ASP A . n 
A 1 89  GLY 89  89  89  GLY GLY A . n 
A 1 90  LYS 90  90  90  LYS LYS A . n 
A 1 91  ILE 91  91  91  ILE ILE A . n 
A 1 92  PHE 92  92  92  PHE PHE A . n 
A 1 93  VAL 93  93  93  VAL VAL A . n 
A 1 94  PHE 94  94  94  PHE PHE A . n 
A 1 95  ASP 95  95  95  ASP ASP A . n 
A 1 96  VAL 96  96  96  VAL VAL A . n 
A 1 97  ALA 97  97  97  ALA ALA A . n 
A 1 98  ARG 98  98  98  ARG ARG A . n 
A 1 99  VAL 99  99  99  VAL VAL A . n 
A 1 100 ILE 100 100 100 ILE ILE A . n 
A 1 101 ARG 101 101 101 ARG ARG A . n 
A 1 102 ILE 102 102 102 ILE ILE A . n 
A 1 103 ARG 103 103 103 ARG ARG A . n 
A 1 104 THR 104 104 104 THR THR A . n 
A 1 105 GLY 105 105 105 GLY GLY A . n 
A 1 106 GLU 106 106 106 GLU GLU A . n 
A 1 107 GLU 107 107 107 GLU GLU A . n 
A 1 108 ASP 108 108 108 ASP ASP A . n 
A 1 109 ASP 109 109 109 ASP ASP A . n 
A 1 110 ALA 110 110 110 ALA ALA A . n 
A 1 111 ALA 111 111 111 ALA ALA A . n 
A 1 112 ILE 112 112 112 ILE ILE A . n 
# 
loop_
_pdbx_nonpoly_scheme.asym_id 
_pdbx_nonpoly_scheme.entity_id 
_pdbx_nonpoly_scheme.mon_id 
_pdbx_nonpoly_scheme.ndb_seq_num 
_pdbx_nonpoly_scheme.pdb_seq_num 
_pdbx_nonpoly_scheme.auth_seq_num 
_pdbx_nonpoly_scheme.pdb_mon_id 
_pdbx_nonpoly_scheme.auth_mon_id 
_pdbx_nonpoly_scheme.pdb_strand_id 
_pdbx_nonpoly_scheme.pdb_ins_code 
B 2 HOH 1   500 500 HOH HOH A . 
B 2 HOH 2   502 502 HOH HOH A . 
B 2 HOH 3   505 505 HOH HOH A . 
B 2 HOH 4   506 506 HOH HOH A . 
B 2 HOH 5   507 507 HOH HOH A . 
B 2 HOH 6   508 508 HOH HOH A . 
B 2 HOH 7   509 509 HOH HOH A . 
B 2 HOH 8   510 510 HOH HOH A . 
B 2 HOH 9   511 511 HOH HOH A . 
B 2 HOH 10  512 512 HOH HOH A . 
B 2 HOH 11  513 513 HOH HOH A . 
B 2 HOH 12  514 514 HOH HOH A . 
B 2 HOH 13  515 515 HOH HOH A . 
B 2 HOH 14  516 516 HOH HOH A . 
B 2 HOH 15  517 517 HOH HOH A . 
B 2 HOH 16  518 518 HOH HOH A . 
B 2 HOH 17  519 519 HOH HOH A . 
B 2 HOH 18  520 520 HOH HOH A . 
B 2 HOH 19  521 521 HOH HOH A . 
B 2 HOH 20  522 522 HOH HOH A . 
B 2 HOH 21  524 524 HOH HOH A . 
B 2 HOH 22  525 525 HOH HOH A . 
B 2 HOH 23  526 526 HOH HOH A . 
B 2 HOH 24  527 527 HOH HOH A . 
B 2 HOH 25  528 528 HOH HOH A . 
B 2 HOH 26  529 529 HOH HOH A . 
B 2 HOH 27  530 530 HOH HOH A . 
B 2 HOH 28  532 532 HOH HOH A . 
B 2 HOH 29  533 533 HOH HOH A . 
B 2 HOH 30  534 534 HOH HOH A . 
B 2 HOH 31  535 535 HOH HOH A . 
B 2 HOH 32  536 536 HOH HOH A . 
B 2 HOH 33  537 537 HOH HOH A . 
B 2 HOH 34  538 538 HOH HOH A . 
B 2 HOH 35  541 541 HOH HOH A . 
B 2 HOH 36  542 542 HOH HOH A . 
B 2 HOH 37  544 544 HOH HOH A . 
B 2 HOH 38  545 545 HOH HOH A . 
B 2 HOH 39  547 547 HOH HOH A . 
B 2 HOH 40  548 548 HOH HOH A . 
B 2 HOH 41  552 552 HOH HOH A . 
B 2 HOH 42  553 553 HOH HOH A . 
B 2 HOH 43  555 555 HOH HOH A . 
B 2 HOH 44  557 557 HOH HOH A . 
B 2 HOH 45  558 558 HOH HOH A . 
B 2 HOH 46  560 560 HOH HOH A . 
B 2 HOH 47  561 561 HOH HOH A . 
B 2 HOH 48  562 562 HOH HOH A . 
B 2 HOH 49  565 565 HOH HOH A . 
B 2 HOH 50  567 567 HOH HOH A . 
B 2 HOH 51  568 568 HOH HOH A . 
B 2 HOH 52  569 569 HOH HOH A . 
B 2 HOH 53  571 571 HOH HOH A . 
B 2 HOH 54  572 572 HOH HOH A . 
B 2 HOH 55  573 573 HOH HOH A . 
B 2 HOH 56  575 575 HOH HOH A . 
B 2 HOH 57  576 576 HOH HOH A . 
B 2 HOH 58  578 578 HOH HOH A . 
B 2 HOH 59  579 579 HOH HOH A . 
B 2 HOH 60  580 580 HOH HOH A . 
B 2 HOH 61  581 581 HOH HOH A . 
B 2 HOH 62  583 583 HOH HOH A . 
B 2 HOH 63  585 585 HOH HOH A . 
B 2 HOH 64  586 586 HOH HOH A . 
B 2 HOH 65  587 587 HOH HOH A . 
B 2 HOH 66  589 589 HOH HOH A . 
B 2 HOH 67  591 591 HOH HOH A . 
B 2 HOH 68  592 592 HOH HOH A . 
B 2 HOH 69  593 593 HOH HOH A . 
B 2 HOH 70  594 594 HOH HOH A . 
B 2 HOH 71  596 596 HOH HOH A . 
B 2 HOH 72  597 597 HOH HOH A . 
B 2 HOH 73  599 599 HOH HOH A . 
B 2 HOH 74  600 600 HOH HOH A . 
B 2 HOH 75  602 602 HOH HOH A . 
B 2 HOH 76  603 603 HOH HOH A . 
B 2 HOH 77  605 605 HOH HOH A . 
B 2 HOH 78  608 608 HOH HOH A . 
B 2 HOH 79  609 609 HOH HOH A . 
B 2 HOH 80  611 611 HOH HOH A . 
B 2 HOH 81  615 615 HOH HOH A . 
B 2 HOH 82  616 616 HOH HOH A . 
B 2 HOH 83  617 617 HOH HOH A . 
B 2 HOH 84  618 618 HOH HOH A . 
B 2 HOH 85  619 619 HOH HOH A . 
B 2 HOH 86  620 620 HOH HOH A . 
B 2 HOH 87  621 621 HOH HOH A . 
B 2 HOH 88  622 622 HOH HOH A . 
B 2 HOH 89  625 625 HOH HOH A . 
B 2 HOH 90  626 626 HOH HOH A . 
B 2 HOH 91  628 628 HOH HOH A . 
B 2 HOH 92  631 631 HOH HOH A . 
B 2 HOH 93  632 632 HOH HOH A . 
B 2 HOH 94  635 635 HOH HOH A . 
B 2 HOH 95  636 636 HOH HOH A . 
B 2 HOH 96  637 637 HOH HOH A . 
B 2 HOH 97  639 639 HOH HOH A . 
B 2 HOH 98  641 641 HOH HOH A . 
B 2 HOH 99  642 642 HOH HOH A . 
B 2 HOH 100 643 643 HOH HOH A . 
B 2 HOH 101 644 644 HOH HOH A . 
B 2 HOH 102 645 645 HOH HOH A . 
B 2 HOH 103 646 646 HOH HOH A . 
B 2 HOH 104 647 647 HOH HOH A . 
B 2 HOH 105 649 649 HOH HOH A . 
B 2 HOH 106 650 650 HOH HOH A . 
B 2 HOH 107 651 651 HOH HOH A . 
B 2 HOH 108 652 652 HOH HOH A . 
B 2 HOH 109 653 653 HOH HOH A . 
B 2 HOH 110 654 654 HOH HOH A . 
B 2 HOH 111 655 655 HOH HOH A . 
B 2 HOH 112 656 656 HOH HOH A . 
B 2 HOH 113 657 657 HOH HOH A . 
B 2 HOH 114 658 658 HOH HOH A . 
B 2 HOH 115 659 659 HOH HOH A . 
B 2 HOH 116 660 660 HOH HOH A . 
B 2 HOH 117 661 661 HOH HOH A . 
B 2 HOH 118 662 662 HOH HOH A . 
B 2 HOH 119 663 663 HOH HOH A . 
B 2 HOH 120 664 664 HOH HOH A . 
B 2 HOH 121 665 665 HOH HOH A . 
B 2 HOH 122 667 667 HOH HOH A . 
B 2 HOH 123 669 669 HOH HOH A . 
B 2 HOH 124 670 670 HOH HOH A . 
B 2 HOH 125 672 672 HOH HOH A . 
B 2 HOH 126 673 673 HOH HOH A . 
B 2 HOH 127 674 674 HOH HOH A . 
B 2 HOH 128 675 675 HOH HOH A . 
B 2 HOH 129 676 676 HOH HOH A . 
B 2 HOH 130 678 678 HOH HOH A . 
B 2 HOH 131 679 679 HOH HOH A . 
B 2 HOH 132 680 680 HOH HOH A . 
B 2 HOH 133 681 681 HOH HOH A . 
B 2 HOH 134 683 683 HOH HOH A . 
B 2 HOH 135 684 684 HOH HOH A . 
B 2 HOH 136 685 685 HOH HOH A . 
B 2 HOH 137 686 686 HOH HOH A . 
B 2 HOH 138 689 689 HOH HOH A . 
B 2 HOH 139 690 690 HOH HOH A . 
B 2 HOH 140 691 691 HOH HOH A . 
B 2 HOH 141 692 692 HOH HOH A . 
B 2 HOH 142 693 693 HOH HOH A . 
B 2 HOH 143 694 694 HOH HOH A . 
B 2 HOH 144 695 695 HOH HOH A . 
B 2 HOH 145 696 696 HOH HOH A . 
B 2 HOH 146 697 697 HOH HOH A . 
B 2 HOH 147 698 698 HOH HOH A . 
B 2 HOH 148 699 699 HOH HOH A . 
B 2 HOH 149 702 702 HOH HOH A . 
B 2 HOH 150 703 703 HOH HOH A . 
B 2 HOH 151 704 704 HOH HOH A . 
B 2 HOH 152 705 705 HOH HOH A . 
B 2 HOH 153 706 706 HOH HOH A . 
B 2 HOH 154 707 707 HOH HOH A . 
B 2 HOH 155 708 708 HOH HOH A . 
B 2 HOH 156 709 709 HOH HOH A . 
B 2 HOH 157 712 712 HOH HOH A . 
B 2 HOH 158 715 715 HOH HOH A . 
B 2 HOH 159 716 716 HOH HOH A . 
B 2 HOH 160 717 717 HOH HOH A . 
B 2 HOH 161 720 720 HOH HOH A . 
B 2 HOH 162 721 721 HOH HOH A . 
B 2 HOH 163 722 722 HOH HOH A . 
B 2 HOH 164 723 723 HOH HOH A . 
B 2 HOH 165 724 724 HOH HOH A . 
B 2 HOH 166 725 725 HOH HOH A . 
B 2 HOH 167 726 726 HOH HOH A . 
B 2 HOH 168 727 727 HOH HOH A . 
B 2 HOH 169 728 728 HOH HOH A . 
B 2 HOH 170 730 730 HOH HOH A . 
B 2 HOH 171 731 731 HOH HOH A . 
B 2 HOH 172 732 732 HOH HOH A . 
B 2 HOH 173 733 733 HOH HOH A . 
B 2 HOH 174 734 734 HOH HOH A . 
B 2 HOH 175 735 735 HOH HOH A . 
B 2 HOH 176 736 736 HOH HOH A . 
B 2 HOH 177 737 737 HOH HOH A . 
B 2 HOH 178 738 738 HOH HOH A . 
B 2 HOH 179 739 739 HOH HOH A . 
B 2 HOH 180 742 742 HOH HOH A . 
B 2 HOH 181 743 743 HOH HOH A . 
B 2 HOH 182 744 744 HOH HOH A . 
B 2 HOH 183 745 745 HOH HOH A . 
B 2 HOH 184 746 746 HOH HOH A . 
B 2 HOH 185 747 747 HOH HOH A . 
B 2 HOH 186 748 748 HOH HOH A . 
B 2 HOH 187 749 749 HOH HOH A . 
B 2 HOH 188 750 750 HOH HOH A . 
B 2 HOH 189 751 751 HOH HOH A . 
B 2 HOH 190 752 752 HOH HOH A . 
B 2 HOH 191 753 753 HOH HOH A . 
B 2 HOH 192 754 754 HOH HOH A . 
B 2 HOH 193 755 755 HOH HOH A . 
B 2 HOH 194 756 756 HOH HOH A . 
B 2 HOH 195 757 757 HOH HOH A . 
B 2 HOH 196 758 758 HOH HOH A . 
B 2 HOH 197 759 759 HOH HOH A . 
B 2 HOH 198 760 760 HOH HOH A . 
B 2 HOH 199 762 762 HOH HOH A . 
B 2 HOH 200 763 763 HOH HOH A . 
B 2 HOH 201 764 764 HOH HOH A . 
B 2 HOH 202 765 765 HOH HOH A . 
B 2 HOH 203 766 766 HOH HOH A . 
B 2 HOH 204 767 767 HOH HOH A . 
B 2 HOH 205 770 770 HOH HOH A . 
B 2 HOH 206 771 771 HOH HOH A . 
B 2 HOH 207 773 773 HOH HOH A . 
B 2 HOH 208 776 776 HOH HOH A . 
B 2 HOH 209 777 777 HOH HOH A . 
B 2 HOH 210 779 779 HOH HOH A . 
B 2 HOH 211 781 781 HOH HOH A . 
B 2 HOH 212 782 782 HOH HOH A . 
B 2 HOH 213 783 783 HOH HOH A . 
B 2 HOH 214 784 784 HOH HOH A . 
B 2 HOH 215 785 785 HOH HOH A . 
B 2 HOH 216 786 786 HOH HOH A . 
B 2 HOH 217 788 788 HOH HOH A . 
B 2 HOH 218 789 789 HOH HOH A . 
B 2 HOH 219 790 790 HOH HOH A . 
B 2 HOH 220 791 791 HOH HOH A . 
B 2 HOH 221 792 792 HOH HOH A . 
B 2 HOH 222 793 793 HOH HOH A . 
B 2 HOH 223 794 794 HOH HOH A . 
B 2 HOH 224 795 795 HOH HOH A . 
B 2 HOH 225 796 796 HOH HOH A . 
B 2 HOH 226 797 797 HOH HOH A . 
B 2 HOH 227 798 798 HOH HOH A . 
B 2 HOH 228 799 799 HOH HOH A . 
B 2 HOH 229 800 800 HOH HOH A . 
B 2 HOH 230 803 803 HOH HOH A . 
B 2 HOH 231 804 804 HOH HOH A . 
B 2 HOH 232 805 805 HOH HOH A . 
B 2 HOH 233 806 806 HOH HOH A . 
B 2 HOH 234 807 807 HOH HOH A . 
B 2 HOH 235 808 808 HOH HOH A . 
B 2 HOH 236 809 809 HOH HOH A . 
B 2 HOH 237 810 810 HOH HOH A . 
B 2 HOH 238 811 811 HOH HOH A . 
B 2 HOH 239 812 812 HOH HOH A . 
B 2 HOH 240 814 814 HOH HOH A . 
B 2 HOH 241 815 815 HOH HOH A . 
B 2 HOH 242 816 816 HOH HOH A . 
B 2 HOH 243 817 817 HOH HOH A . 
B 2 HOH 244 818 818 HOH HOH A . 
B 2 HOH 245 819 819 HOH HOH A . 
B 2 HOH 246 820 820 HOH HOH A . 
B 2 HOH 247 821 821 HOH HOH A . 
B 2 HOH 248 822 822 HOH HOH A . 
B 2 HOH 249 823 823 HOH HOH A . 
B 2 HOH 250 824 824 HOH HOH A . 
B 2 HOH 251 825 825 HOH HOH A . 
B 2 HOH 252 826 826 HOH HOH A . 
B 2 HOH 253 827 827 HOH HOH A . 
B 2 HOH 254 828 828 HOH HOH A . 
B 2 HOH 255 829 829 HOH HOH A . 
B 2 HOH 256 830 830 HOH HOH A . 
B 2 HOH 257 831 831 HOH HOH A . 
B 2 HOH 258 832 832 HOH HOH A . 
B 2 HOH 259 833 833 HOH HOH A . 
B 2 HOH 260 834 834 HOH HOH A . 
B 2 HOH 261 835 835 HOH HOH A . 
B 2 HOH 262 836 836 HOH HOH A . 
B 2 HOH 263 837 837 HOH HOH A . 
B 2 HOH 264 838 838 HOH HOH A . 
B 2 HOH 265 839 839 HOH HOH A . 
B 2 HOH 266 840 840 HOH HOH A . 
B 2 HOH 267 841 841 HOH HOH A . 
B 2 HOH 268 842 842 HOH HOH A . 
B 2 HOH 269 843 843 HOH HOH A . 
B 2 HOH 270 844 844 HOH HOH A . 
B 2 HOH 271 845 845 HOH HOH A . 
B 2 HOH 272 846 846 HOH HOH A . 
B 2 HOH 273 847 847 HOH HOH A . 
B 2 HOH 274 848 848 HOH HOH A . 
B 2 HOH 275 849 849 HOH HOH A . 
B 2 HOH 276 850 850 HOH HOH A . 
B 2 HOH 277 851 851 HOH HOH A . 
B 2 HOH 278 852 852 HOH HOH A . 
B 2 HOH 279 853 853 HOH HOH A . 
B 2 HOH 280 854 854 HOH HOH A . 
B 2 HOH 281 855 855 HOH HOH A . 
B 2 HOH 282 857 857 HOH HOH A . 
B 2 HOH 283 858 858 HOH HOH A . 
B 2 HOH 284 859 859 HOH HOH A . 
B 2 HOH 285 860 860 HOH HOH A . 
B 2 HOH 286 861 861 HOH HOH A . 
B 2 HOH 287 862 862 HOH HOH A . 
B 2 HOH 288 863 863 HOH HOH A . 
B 2 HOH 289 864 864 HOH HOH A . 
B 2 HOH 290 865 865 HOH HOH A . 
B 2 HOH 291 866 866 HOH HOH A . 
B 2 HOH 292 868 868 HOH HOH A . 
B 2 HOH 293 869 869 HOH HOH A . 
B 2 HOH 294 870 870 HOH HOH A . 
B 2 HOH 295 871 871 HOH HOH A . 
B 2 HOH 296 872 872 HOH HOH A . 
B 2 HOH 297 873 873 HOH HOH A . 
B 2 HOH 298 874 874 HOH HOH A . 
B 2 HOH 299 875 875 HOH HOH A . 
B 2 HOH 300 876 876 HOH HOH A . 
B 2 HOH 301 877 877 HOH HOH A . 
B 2 HOH 302 878 878 HOH HOH A . 
B 2 HOH 303 879 879 HOH HOH A . 
B 2 HOH 304 880 880 HOH HOH A . 
B 2 HOH 305 881 881 HOH HOH A . 
B 2 HOH 306 882 882 HOH HOH A . 
B 2 HOH 307 883 883 HOH HOH A . 
B 2 HOH 308 884 884 HOH HOH A . 
B 2 HOH 309 885 885 HOH HOH A . 
B 2 HOH 310 887 887 HOH HOH A . 
B 2 HOH 311 888 888 HOH HOH A . 
B 2 HOH 312 889 889 HOH HOH A . 
# 
loop_
_software.name 
_software.classification 
_software.version 
_software.citation_id 
_software.pdbx_ordinal 
X-PLOR 'model building' . ? 1 
X-PLOR refinement       . ? 2 
X-PLOR phasing          . ? 3 
# 
_cell.entry_id           2PII 
_cell.length_a           61.600 
_cell.length_b           61.600 
_cell.length_c           56.300 
_cell.angle_alpha        90.00 
_cell.angle_beta         90.00 
_cell.angle_gamma        120.00 
_cell.Z_PDB              6 
_cell.pdbx_unique_axis   ? 
# 
_symmetry.entry_id                         2PII 
_symmetry.space_group_name_H-M             'P 63' 
_symmetry.pdbx_full_space_group_name_H-M   ? 
_symmetry.cell_setting                     ? 
_symmetry.Int_Tables_number                173 
# 
_exptl.entry_id          2PII 
_exptl.method            'X-RAY DIFFRACTION' 
_exptl.crystals_number   ? 
# 
_exptl_crystal.id                    1 
_exptl_crystal.density_meas          ? 
_exptl_crystal.density_Matthews      2.48 
_exptl_crystal.density_percent_sol   53. 
_exptl_crystal.description           ? 
# 
_diffrn.id                     1 
_diffrn.ambient_temp           ? 
_diffrn.ambient_temp_details   ? 
_diffrn.crystal_id             1 
# 
_diffrn_radiation.diffrn_id                        1 
_diffrn_radiation.wavelength_id                    1 
_diffrn_radiation.pdbx_monochromatic_or_laue_m_l   ? 
_diffrn_radiation.monochromator                    ? 
_diffrn_radiation.pdbx_diffrn_protocol             ? 
_diffrn_radiation.pdbx_scattering_type             x-ray 
# 
_diffrn_radiation_wavelength.id           1 
_diffrn_radiation_wavelength.wavelength   . 
_diffrn_radiation_wavelength.wt           1.0 
# 
_reflns.entry_id                     2PII 
_reflns.observed_criterion_sigma_I   1.0 
_reflns.observed_criterion_sigma_F   ? 
_reflns.d_resolution_low             ? 
_reflns.d_resolution_high            ? 
_reflns.number_obs                   11079 
_reflns.number_all                   ? 
_reflns.percent_possible_obs         ? 
_reflns.pdbx_Rmerge_I_obs            ? 
_reflns.pdbx_Rsym_value              ? 
_reflns.pdbx_netI_over_sigmaI        ? 
_reflns.B_iso_Wilson_estimate        ? 
_reflns.pdbx_redundancy              ? 
_reflns.pdbx_ordinal                 1 
_reflns.pdbx_diffrn_id               1 
# 
_refine.entry_id                                 2PII 
_refine.ls_number_reflns_obs                     7736 
_refine.ls_number_reflns_all                     ? 
_refine.pdbx_ls_sigma_I                          ? 
_refine.pdbx_ls_sigma_F                          3.0 
_refine.pdbx_data_cutoff_high_absF               ? 
_refine.pdbx_data_cutoff_low_absF                ? 
_refine.pdbx_data_cutoff_high_rms_absF           ? 
_refine.ls_d_res_low                             10.0 
_refine.ls_d_res_high                            1.9 
_refine.ls_percent_reflns_obs                    ? 
_refine.ls_R_factor_obs                          0.1320000 
_refine.ls_R_factor_all                          ? 
_refine.ls_R_factor_R_work                       0.1320000 
_refine.ls_R_factor_R_free                       ? 
_refine.ls_R_factor_R_free_error                 ? 
_refine.ls_R_factor_R_free_error_details         ? 
_refine.ls_percent_reflns_R_free                 ? 
_refine.ls_number_reflns_R_free                  ? 
_refine.ls_number_parameters                     ? 
_refine.ls_number_restraints                     ? 
_refine.occupancy_min                            ? 
_refine.occupancy_max                            ? 
_refine.B_iso_mean                               ? 
_refine.aniso_B[1][1]                            ? 
_refine.aniso_B[2][2]                            ? 
_refine.aniso_B[3][3]                            ? 
_refine.aniso_B[1][2]                            ? 
_refine.aniso_B[1][3]                            ? 
_refine.aniso_B[2][3]                            ? 
_refine.solvent_model_details                    ? 
_refine.solvent_model_param_ksol                 ? 
_refine.solvent_model_param_bsol                 ? 
_refine.pdbx_ls_cross_valid_method               ? 
_refine.details                                  ? 
_refine.pdbx_starting_model                      ? 
_refine.pdbx_method_to_determine_struct          ? 
_refine.pdbx_isotropic_thermal_model             ? 
_refine.pdbx_stereochemistry_target_values       ? 
_refine.pdbx_stereochem_target_val_spec_case     ? 
_refine.pdbx_R_Free_selection_details            ? 
_refine.pdbx_overall_ESU_R                       ? 
_refine.pdbx_overall_ESU_R_Free                  ? 
_refine.overall_SU_ML                            ? 
_refine.overall_SU_B                             ? 
_refine.pdbx_refine_id                           'X-RAY DIFFRACTION' 
_refine.pdbx_diffrn_id                           1 
_refine.pdbx_TLS_residual_ADP_flag               ? 
_refine.correlation_coeff_Fo_to_Fc               ? 
_refine.correlation_coeff_Fo_to_Fc_free          ? 
_refine.pdbx_solvent_vdw_probe_radii             ? 
_refine.pdbx_solvent_ion_probe_radii             ? 
_refine.pdbx_solvent_shrinkage_radii             ? 
_refine.pdbx_overall_phase_error                 ? 
_refine.overall_SU_R_Cruickshank_DPI             ? 
_refine.pdbx_overall_SU_R_free_Cruickshank_DPI   ? 
_refine.pdbx_overall_SU_R_Blow_DPI               ? 
_refine.pdbx_overall_SU_R_free_Blow_DPI          ? 
# 
_refine_hist.pdbx_refine_id                   'X-RAY DIFFRACTION' 
_refine_hist.cycle_id                         LAST 
_refine_hist.pdbx_number_atoms_protein        872 
_refine_hist.pdbx_number_atoms_nucleic_acid   0 
_refine_hist.pdbx_number_atoms_ligand         0 
_refine_hist.number_atoms_solvent             312 
_refine_hist.number_atoms_total               1184 
_refine_hist.d_res_high                       1.9 
_refine_hist.d_res_low                        10.0 
# 
loop_
_refine_ls_restr.type 
_refine_ls_restr.dev_ideal 
_refine_ls_restr.dev_ideal_target 
_refine_ls_restr.weight 
_refine_ls_restr.number 
_refine_ls_restr.pdbx_refine_id 
_refine_ls_restr.pdbx_restraint_function 
x_bond_d                0.017 ? ? ? 'X-RAY DIFFRACTION' ? 
x_bond_d_na             ?     ? ? ? 'X-RAY DIFFRACTION' ? 
x_bond_d_prot           ?     ? ? ? 'X-RAY DIFFRACTION' ? 
x_angle_d               ?     ? ? ? 'X-RAY DIFFRACTION' ? 
x_angle_d_na            ?     ? ? ? 'X-RAY DIFFRACTION' ? 
x_angle_d_prot          ?     ? ? ? 'X-RAY DIFFRACTION' ? 
x_angle_deg             1.98  ? ? ? 'X-RAY DIFFRACTION' ? 
x_angle_deg_na          ?     ? ? ? 'X-RAY DIFFRACTION' ? 
x_angle_deg_prot        ?     ? ? ? 'X-RAY DIFFRACTION' ? 
x_dihedral_angle_d      ?     ? ? ? 'X-RAY DIFFRACTION' ? 
x_dihedral_angle_d_na   ?     ? ? ? 'X-RAY DIFFRACTION' ? 
x_dihedral_angle_d_prot ?     ? ? ? 'X-RAY DIFFRACTION' ? 
x_improper_angle_d      ?     ? ? ? 'X-RAY DIFFRACTION' ? 
x_improper_angle_d_na   ?     ? ? ? 'X-RAY DIFFRACTION' ? 
x_improper_angle_d_prot ?     ? ? ? 'X-RAY DIFFRACTION' ? 
x_mcbond_it             ?     ? ? ? 'X-RAY DIFFRACTION' ? 
x_mcangle_it            ?     ? ? ? 'X-RAY DIFFRACTION' ? 
x_scbond_it             ?     ? ? ? 'X-RAY DIFFRACTION' ? 
x_scangle_it            ?     ? ? ? 'X-RAY DIFFRACTION' ? 
# 
_struct.entry_id                  2PII 
_struct.title                     'PII, GLNB PRODUCT' 
_struct.pdbx_model_details        ? 
_struct.pdbx_CASP_flag            ? 
_struct.pdbx_model_type_details   ? 
# 
_struct_keywords.entry_id        2PII 
_struct_keywords.pdbx_keywords   'SIGNAL TRANSDUCTION PROTEIN' 
_struct_keywords.text            'SIGNAL TRANSDUCTION PROTEIN' 
# 
loop_
_struct_asym.id 
_struct_asym.pdbx_blank_PDB_chainid_flag 
_struct_asym.pdbx_modified 
_struct_asym.entity_id 
_struct_asym.details 
A N N 1 ? 
B N N 2 ? 
# 
_struct_ref.id                         1 
_struct_ref.db_name                    UNP 
_struct_ref.db_code                    GLNB_ECOLI 
_struct_ref.entity_id                  1 
_struct_ref.pdbx_db_accession          P0A9Z1 
_struct_ref.pdbx_align_begin           1 
_struct_ref.pdbx_seq_one_letter_code   
;MKKIDAIIKPFKLDDVREALAEVGITGMTVTEVKGFGRQKGHTELYRGAEYMVDFLPKVKIEIVVPDDIVDTCVDTIIRT
AQTGKIGDGKIFVFDVARVIRIRTGEEDDAAI
;
_struct_ref.pdbx_db_isoform            ? 
# 
_struct_ref_seq.align_id                      1 
_struct_ref_seq.ref_id                        1 
_struct_ref_seq.pdbx_PDB_id_code              2PII 
_struct_ref_seq.pdbx_strand_id                A 
_struct_ref_seq.seq_align_beg                 1 
_struct_ref_seq.pdbx_seq_align_beg_ins_code   ? 
_struct_ref_seq.seq_align_end                 112 
_struct_ref_seq.pdbx_seq_align_end_ins_code   ? 
_struct_ref_seq.pdbx_db_accession             P0A9Z1 
_struct_ref_seq.db_align_beg                  1 
_struct_ref_seq.pdbx_db_align_beg_ins_code    ? 
_struct_ref_seq.db_align_end                  112 
_struct_ref_seq.pdbx_db_align_end_ins_code    ? 
_struct_ref_seq.pdbx_auth_seq_align_beg       1 
_struct_ref_seq.pdbx_auth_seq_align_end       112 
# 
_pdbx_struct_assembly.id                   1 
_pdbx_struct_assembly.details              author_and_software_defined_assembly 
_pdbx_struct_assembly.method_details       PISA,PQS 
_pdbx_struct_assembly.oligomeric_details   trimeric 
_pdbx_struct_assembly.oligomeric_count     3 
# 
loop_
_pdbx_struct_assembly_prop.biol_id 
_pdbx_struct_assembly_prop.type 
_pdbx_struct_assembly_prop.value 
_pdbx_struct_assembly_prop.details 
1 'ABSA (A^2)' 7500  ? 
1 MORE         -37   ? 
1 'SSA (A^2)'  16100 ? 
# 
_pdbx_struct_assembly_gen.assembly_id       1 
_pdbx_struct_assembly_gen.oper_expression   1,2,3 
_pdbx_struct_assembly_gen.asym_id_list      A,B 
# 
loop_
_pdbx_struct_oper_list.id 
_pdbx_struct_oper_list.type 
_pdbx_struct_oper_list.name 
_pdbx_struct_oper_list.symmetry_operation 
_pdbx_struct_oper_list.matrix[1][1] 
_pdbx_struct_oper_list.matrix[1][2] 
_pdbx_struct_oper_list.matrix[1][3] 
_pdbx_struct_oper_list.vector[1] 
_pdbx_struct_oper_list.matrix[2][1] 
_pdbx_struct_oper_list.matrix[2][2] 
_pdbx_struct_oper_list.matrix[2][3] 
_pdbx_struct_oper_list.vector[2] 
_pdbx_struct_oper_list.matrix[3][1] 
_pdbx_struct_oper_list.matrix[3][2] 
_pdbx_struct_oper_list.matrix[3][3] 
_pdbx_struct_oper_list.vector[3] 
1 'identity operation'         1_555 x,y,z        1.0000000000  0.0000000000  0.0000000000  0.0000000000  0.0000000000  1.0000000000  0.0000000000  0.0000000000   0.0000000000  0.0000000000  1.0000000000 0.0000000000  
2 'crystal symmetry operation' 2_665 -y+1,x-y+1,z -0.4943815232 -0.7765319495 -0.3906213524 -0.6759921052 0.6773791766  -0.0625472581 -0.7329701847 -15.1899752377 0.5447424719  -0.6269656863 0.5569287813 -9.7230806417 
3 'crystal symmetry operation' 3_565 -x+y,-x+1,z  -0.4943815232 0.6773791766  0.5447424719  15.2517498953 -0.7765319495 -0.0625472581 -0.6269656863 -7.5710586979  -0.3906213524 -0.7329701847 0.5569287813 -5.9827924541 
# 
_struct_biol.id   1 
# 
loop_
_struct_conf.conf_type_id 
_struct_conf.id 
_struct_conf.pdbx_PDB_helix_id 
_struct_conf.beg_label_comp_id 
_struct_conf.beg_label_asym_id 
_struct_conf.beg_label_seq_id 
_struct_conf.pdbx_beg_PDB_ins_code 
_struct_conf.end_label_comp_id 
_struct_conf.end_label_asym_id 
_struct_conf.end_label_seq_id 
_struct_conf.pdbx_end_PDB_ins_code 
_struct_conf.beg_auth_comp_id 
_struct_conf.beg_auth_asym_id 
_struct_conf.beg_auth_seq_id 
_struct_conf.end_auth_comp_id 
_struct_conf.end_auth_asym_id 
_struct_conf.end_auth_seq_id 
_struct_conf.pdbx_PDB_helix_class 
_struct_conf.details 
_struct_conf.pdbx_PDB_helix_length 
HELX_P HELX_P1 1 PRO A 10 ? VAL A 23 ? PRO A 10 VAL A 23 5 ? 14 
HELX_P HELX_P2 2 ASP A 67 ? ALA A 81 ? ASP A 67 ALA A 81 5 ? 15 
# 
_struct_conf_type.id          HELX_P 
_struct_conf_type.criteria    ? 
_struct_conf_type.reference   ? 
# 
_struct_sheet.id               A 
_struct_sheet.type             ? 
_struct_sheet.number_strands   4 
_struct_sheet.details          ? 
# 
loop_
_struct_sheet_order.sheet_id 
_struct_sheet_order.range_id_1 
_struct_sheet_order.range_id_2 
_struct_sheet_order.offset 
_struct_sheet_order.sense 
A 1 2 ? anti-parallel 
A 2 3 ? anti-parallel 
A 3 4 ? anti-parallel 
# 
loop_
_struct_sheet_range.sheet_id 
_struct_sheet_range.id 
_struct_sheet_range.beg_label_comp_id 
_struct_sheet_range.beg_label_asym_id 
_struct_sheet_range.beg_label_seq_id 
_struct_sheet_range.pdbx_beg_PDB_ins_code 
_struct_sheet_range.end_label_comp_id 
_struct_sheet_range.end_label_asym_id 
_struct_sheet_range.end_label_seq_id 
_struct_sheet_range.pdbx_end_PDB_ins_code 
_struct_sheet_range.beg_auth_comp_id 
_struct_sheet_range.beg_auth_asym_id 
_struct_sheet_range.beg_auth_seq_id 
_struct_sheet_range.end_auth_comp_id 
_struct_sheet_range.end_auth_asym_id 
_struct_sheet_range.end_auth_seq_id 
A 1 LYS A 90 ? ASP A 95 ? LYS A 90 ASP A 95 
A 2 LYS A 2  ? ILE A 8  ? LYS A 2  ILE A 8  
A 3 LEU A 56 ? VAL A 65 ? LEU A 56 VAL A 65 
A 4 THR A 29 ? GLY A 35 ? THR A 29 GLY A 35 
# 
loop_
_pdbx_struct_sheet_hbond.sheet_id 
_pdbx_struct_sheet_hbond.range_id_1 
_pdbx_struct_sheet_hbond.range_id_2 
_pdbx_struct_sheet_hbond.range_1_label_atom_id 
_pdbx_struct_sheet_hbond.range_1_label_comp_id 
_pdbx_struct_sheet_hbond.range_1_label_asym_id 
_pdbx_struct_sheet_hbond.range_1_label_seq_id 
_pdbx_struct_sheet_hbond.range_1_PDB_ins_code 
_pdbx_struct_sheet_hbond.range_1_auth_atom_id 
_pdbx_struct_sheet_hbond.range_1_auth_comp_id 
_pdbx_struct_sheet_hbond.range_1_auth_asym_id 
_pdbx_struct_sheet_hbond.range_1_auth_seq_id 
_pdbx_struct_sheet_hbond.range_2_label_atom_id 
_pdbx_struct_sheet_hbond.range_2_label_comp_id 
_pdbx_struct_sheet_hbond.range_2_label_asym_id 
_pdbx_struct_sheet_hbond.range_2_label_seq_id 
_pdbx_struct_sheet_hbond.range_2_PDB_ins_code 
_pdbx_struct_sheet_hbond.range_2_auth_atom_id 
_pdbx_struct_sheet_hbond.range_2_auth_comp_id 
_pdbx_struct_sheet_hbond.range_2_auth_asym_id 
_pdbx_struct_sheet_hbond.range_2_auth_seq_id 
A 1 2 O LYS A 90 ? O LYS A 90 N ILE A 7  ? N ILE A 7  
A 2 3 O LYS A 2  ? O LYS A 2  N VAL A 65 ? N VAL A 65 
A 3 4 O LEU A 56 ? O LEU A 56 N GLY A 35 ? N GLY A 35 
# 
_pdbx_validate_rmsd_angle.id                         1 
_pdbx_validate_rmsd_angle.PDB_model_num              1 
_pdbx_validate_rmsd_angle.auth_atom_id_1             CA 
_pdbx_validate_rmsd_angle.auth_asym_id_1             A 
_pdbx_validate_rmsd_angle.auth_comp_id_1             LEU 
_pdbx_validate_rmsd_angle.auth_seq_id_1              45 
_pdbx_validate_rmsd_angle.PDB_ins_code_1             ? 
_pdbx_validate_rmsd_angle.label_alt_id_1             ? 
_pdbx_validate_rmsd_angle.auth_atom_id_2             CB 
_pdbx_validate_rmsd_angle.auth_asym_id_2             A 
_pdbx_validate_rmsd_angle.auth_comp_id_2             LEU 
_pdbx_validate_rmsd_angle.auth_seq_id_2              45 
_pdbx_validate_rmsd_angle.PDB_ins_code_2             ? 
_pdbx_validate_rmsd_angle.label_alt_id_2             ? 
_pdbx_validate_rmsd_angle.auth_atom_id_3             CG 
_pdbx_validate_rmsd_angle.auth_asym_id_3             A 
_pdbx_validate_rmsd_angle.auth_comp_id_3             LEU 
_pdbx_validate_rmsd_angle.auth_seq_id_3              45 
_pdbx_validate_rmsd_angle.PDB_ins_code_3             ? 
_pdbx_validate_rmsd_angle.label_alt_id_3             ? 
_pdbx_validate_rmsd_angle.angle_value                129.11 
_pdbx_validate_rmsd_angle.angle_target_value         115.30 
_pdbx_validate_rmsd_angle.angle_deviation            13.81 
_pdbx_validate_rmsd_angle.angle_standard_deviation   2.30 
_pdbx_validate_rmsd_angle.linker_flag                N 
# 
_pdbx_validate_torsion.id              1 
_pdbx_validate_torsion.PDB_model_num   1 
_pdbx_validate_torsion.auth_comp_id    TYR 
_pdbx_validate_torsion.auth_asym_id    A 
_pdbx_validate_torsion.auth_seq_id     46 
_pdbx_validate_torsion.PDB_ins_code    ? 
_pdbx_validate_torsion.label_alt_id    ? 
_pdbx_validate_torsion.phi             51.23 
_pdbx_validate_torsion.psi             93.98 
# 
loop_
_pdbx_struct_special_symmetry.id 
_pdbx_struct_special_symmetry.PDB_model_num 
_pdbx_struct_special_symmetry.auth_asym_id 
_pdbx_struct_special_symmetry.auth_comp_id 
_pdbx_struct_special_symmetry.auth_seq_id 
_pdbx_struct_special_symmetry.PDB_ins_code 
_pdbx_struct_special_symmetry.label_asym_id 
_pdbx_struct_special_symmetry.label_comp_id 
_pdbx_struct_special_symmetry.label_seq_id 
1 1 A HOH 639 ? B HOH . 
2 1 A HOH 795 ? B HOH . 
3 1 A HOH 796 ? B HOH . 
4 1 A HOH 811 ? B HOH . 
5 1 A HOH 842 ? B HOH . 
6 1 A HOH 843 ? B HOH . 
# 
loop_
_chem_comp_atom.comp_id 
_chem_comp_atom.atom_id 
_chem_comp_atom.type_symbol 
_chem_comp_atom.pdbx_aromatic_flag 
_chem_comp_atom.pdbx_stereo_config 
_chem_comp_atom.pdbx_ordinal 
ALA N    N N N 1   
ALA CA   C N S 2   
ALA C    C N N 3   
ALA O    O N N 4   
ALA CB   C N N 5   
ALA OXT  O N N 6   
ALA H    H N N 7   
ALA H2   H N N 8   
ALA HA   H N N 9   
ALA HB1  H N N 10  
ALA HB2  H N N 11  
ALA HB3  H N N 12  
ALA HXT  H N N 13  
ARG N    N N N 14  
ARG CA   C N S 15  
ARG C    C N N 16  
ARG O    O N N 17  
ARG CB   C N N 18  
ARG CG   C N N 19  
ARG CD   C N N 20  
ARG NE   N N N 21  
ARG CZ   C N N 22  
ARG NH1  N N N 23  
ARG NH2  N N N 24  
ARG OXT  O N N 25  
ARG H    H N N 26  
ARG H2   H N N 27  
ARG HA   H N N 28  
ARG HB2  H N N 29  
ARG HB3  H N N 30  
ARG HG2  H N N 31  
ARG HG3  H N N 32  
ARG HD2  H N N 33  
ARG HD3  H N N 34  
ARG HE   H N N 35  
ARG HH11 H N N 36  
ARG HH12 H N N 37  
ARG HH21 H N N 38  
ARG HH22 H N N 39  
ARG HXT  H N N 40  
ASP N    N N N 41  
ASP CA   C N S 42  
ASP C    C N N 43  
ASP O    O N N 44  
ASP CB   C N N 45  
ASP CG   C N N 46  
ASP OD1  O N N 47  
ASP OD2  O N N 48  
ASP OXT  O N N 49  
ASP H    H N N 50  
ASP H2   H N N 51  
ASP HA   H N N 52  
ASP HB2  H N N 53  
ASP HB3  H N N 54  
ASP HD2  H N N 55  
ASP HXT  H N N 56  
CYS N    N N N 57  
CYS CA   C N R 58  
CYS C    C N N 59  
CYS O    O N N 60  
CYS CB   C N N 61  
CYS SG   S N N 62  
CYS OXT  O N N 63  
CYS H    H N N 64  
CYS H2   H N N 65  
CYS HA   H N N 66  
CYS HB2  H N N 67  
CYS HB3  H N N 68  
CYS HG   H N N 69  
CYS HXT  H N N 70  
GLN N    N N N 71  
GLN CA   C N S 72  
GLN C    C N N 73  
GLN O    O N N 74  
GLN CB   C N N 75  
GLN CG   C N N 76  
GLN CD   C N N 77  
GLN OE1  O N N 78  
GLN NE2  N N N 79  
GLN OXT  O N N 80  
GLN H    H N N 81  
GLN H2   H N N 82  
GLN HA   H N N 83  
GLN HB2  H N N 84  
GLN HB3  H N N 85  
GLN HG2  H N N 86  
GLN HG3  H N N 87  
GLN HE21 H N N 88  
GLN HE22 H N N 89  
GLN HXT  H N N 90  
GLU N    N N N 91  
GLU CA   C N S 92  
GLU C    C N N 93  
GLU O    O N N 94  
GLU CB   C N N 95  
GLU CG   C N N 96  
GLU CD   C N N 97  
GLU OE1  O N N 98  
GLU OE2  O N N 99  
GLU OXT  O N N 100 
GLU H    H N N 101 
GLU H2   H N N 102 
GLU HA   H N N 103 
GLU HB2  H N N 104 
GLU HB3  H N N 105 
GLU HG2  H N N 106 
GLU HG3  H N N 107 
GLU HE2  H N N 108 
GLU HXT  H N N 109 
GLY N    N N N 110 
GLY CA   C N N 111 
GLY C    C N N 112 
GLY O    O N N 113 
GLY OXT  O N N 114 
GLY H    H N N 115 
GLY H2   H N N 116 
GLY HA2  H N N 117 
GLY HA3  H N N 118 
GLY HXT  H N N 119 
HIS N    N N N 120 
HIS CA   C N S 121 
HIS C    C N N 122 
HIS O    O N N 123 
HIS CB   C N N 124 
HIS CG   C Y N 125 
HIS ND1  N Y N 126 
HIS CD2  C Y N 127 
HIS CE1  C Y N 128 
HIS NE2  N Y N 129 
HIS OXT  O N N 130 
HIS H    H N N 131 
HIS H2   H N N 132 
HIS HA   H N N 133 
HIS HB2  H N N 134 
HIS HB3  H N N 135 
HIS HD1  H N N 136 
HIS HD2  H N N 137 
HIS HE1  H N N 138 
HIS HE2  H N N 139 
HIS HXT  H N N 140 
HOH O    O N N 141 
HOH H1   H N N 142 
HOH H2   H N N 143 
ILE N    N N N 144 
ILE CA   C N S 145 
ILE C    C N N 146 
ILE O    O N N 147 
ILE CB   C N S 148 
ILE CG1  C N N 149 
ILE CG2  C N N 150 
ILE CD1  C N N 151 
ILE OXT  O N N 152 
ILE H    H N N 153 
ILE H2   H N N 154 
ILE HA   H N N 155 
ILE HB   H N N 156 
ILE HG12 H N N 157 
ILE HG13 H N N 158 
ILE HG21 H N N 159 
ILE HG22 H N N 160 
ILE HG23 H N N 161 
ILE HD11 H N N 162 
ILE HD12 H N N 163 
ILE HD13 H N N 164 
ILE HXT  H N N 165 
LEU N    N N N 166 
LEU CA   C N S 167 
LEU C    C N N 168 
LEU O    O N N 169 
LEU CB   C N N 170 
LEU CG   C N N 171 
LEU CD1  C N N 172 
LEU CD2  C N N 173 
LEU OXT  O N N 174 
LEU H    H N N 175 
LEU H2   H N N 176 
LEU HA   H N N 177 
LEU HB2  H N N 178 
LEU HB3  H N N 179 
LEU HG   H N N 180 
LEU HD11 H N N 181 
LEU HD12 H N N 182 
LEU HD13 H N N 183 
LEU HD21 H N N 184 
LEU HD22 H N N 185 
LEU HD23 H N N 186 
LEU HXT  H N N 187 
LYS N    N N N 188 
LYS CA   C N S 189 
LYS C    C N N 190 
LYS O    O N N 191 
LYS CB   C N N 192 
LYS CG   C N N 193 
LYS CD   C N N 194 
LYS CE   C N N 195 
LYS NZ   N N N 196 
LYS OXT  O N N 197 
LYS H    H N N 198 
LYS H2   H N N 199 
LYS HA   H N N 200 
LYS HB2  H N N 201 
LYS HB3  H N N 202 
LYS HG2  H N N 203 
LYS HG3  H N N 204 
LYS HD2  H N N 205 
LYS HD3  H N N 206 
LYS HE2  H N N 207 
LYS HE3  H N N 208 
LYS HZ1  H N N 209 
LYS HZ2  H N N 210 
LYS HZ3  H N N 211 
LYS HXT  H N N 212 
MET N    N N N 213 
MET CA   C N S 214 
MET C    C N N 215 
MET O    O N N 216 
MET CB   C N N 217 
MET CG   C N N 218 
MET SD   S N N 219 
MET CE   C N N 220 
MET OXT  O N N 221 
MET H    H N N 222 
MET H2   H N N 223 
MET HA   H N N 224 
MET HB2  H N N 225 
MET HB3  H N N 226 
MET HG2  H N N 227 
MET HG3  H N N 228 
MET HE1  H N N 229 
MET HE2  H N N 230 
MET HE3  H N N 231 
MET HXT  H N N 232 
PHE N    N N N 233 
PHE CA   C N S 234 
PHE C    C N N 235 
PHE O    O N N 236 
PHE CB   C N N 237 
PHE CG   C Y N 238 
PHE CD1  C Y N 239 
PHE CD2  C Y N 240 
PHE CE1  C Y N 241 
PHE CE2  C Y N 242 
PHE CZ   C Y N 243 
PHE OXT  O N N 244 
PHE H    H N N 245 
PHE H2   H N N 246 
PHE HA   H N N 247 
PHE HB2  H N N 248 
PHE HB3  H N N 249 
PHE HD1  H N N 250 
PHE HD2  H N N 251 
PHE HE1  H N N 252 
PHE HE2  H N N 253 
PHE HZ   H N N 254 
PHE HXT  H N N 255 
PRO N    N N N 256 
PRO CA   C N S 257 
PRO C    C N N 258 
PRO O    O N N 259 
PRO CB   C N N 260 
PRO CG   C N N 261 
PRO CD   C N N 262 
PRO OXT  O N N 263 
PRO H    H N N 264 
PRO HA   H N N 265 
PRO HB2  H N N 266 
PRO HB3  H N N 267 
PRO HG2  H N N 268 
PRO HG3  H N N 269 
PRO HD2  H N N 270 
PRO HD3  H N N 271 
PRO HXT  H N N 272 
THR N    N N N 273 
THR CA   C N S 274 
THR C    C N N 275 
THR O    O N N 276 
THR CB   C N R 277 
THR OG1  O N N 278 
THR CG2  C N N 279 
THR OXT  O N N 280 
THR H    H N N 281 
THR H2   H N N 282 
THR HA   H N N 283 
THR HB   H N N 284 
THR HG1  H N N 285 
THR HG21 H N N 286 
THR HG22 H N N 287 
THR HG23 H N N 288 
THR HXT  H N N 289 
TYR N    N N N 290 
TYR CA   C N S 291 
TYR C    C N N 292 
TYR O    O N N 293 
TYR CB   C N N 294 
TYR CG   C Y N 295 
TYR CD1  C Y N 296 
TYR CD2  C Y N 297 
TYR CE1  C Y N 298 
TYR CE2  C Y N 299 
TYR CZ   C Y N 300 
TYR OH   O N N 301 
TYR OXT  O N N 302 
TYR H    H N N 303 
TYR H2   H N N 304 
TYR HA   H N N 305 
TYR HB2  H N N 306 
TYR HB3  H N N 307 
TYR HD1  H N N 308 
TYR HD2  H N N 309 
TYR HE1  H N N 310 
TYR HE2  H N N 311 
TYR HH   H N N 312 
TYR HXT  H N N 313 
VAL N    N N N 314 
VAL CA   C N S 315 
VAL C    C N N 316 
VAL O    O N N 317 
VAL CB   C N N 318 
VAL CG1  C N N 319 
VAL CG2  C N N 320 
VAL OXT  O N N 321 
VAL H    H N N 322 
VAL H2   H N N 323 
VAL HA   H N N 324 
VAL HB   H N N 325 
VAL HG11 H N N 326 
VAL HG12 H N N 327 
VAL HG13 H N N 328 
VAL HG21 H N N 329 
VAL HG22 H N N 330 
VAL HG23 H N N 331 
VAL HXT  H N N 332 
# 
loop_
_chem_comp_bond.comp_id 
_chem_comp_bond.atom_id_1 
_chem_comp_bond.atom_id_2 
_chem_comp_bond.value_order 
_chem_comp_bond.pdbx_aromatic_flag 
_chem_comp_bond.pdbx_stereo_config 
_chem_comp_bond.pdbx_ordinal 
ALA N   CA   sing N N 1   
ALA N   H    sing N N 2   
ALA N   H2   sing N N 3   
ALA CA  C    sing N N 4   
ALA CA  CB   sing N N 5   
ALA CA  HA   sing N N 6   
ALA C   O    doub N N 7   
ALA C   OXT  sing N N 8   
ALA CB  HB1  sing N N 9   
ALA CB  HB2  sing N N 10  
ALA CB  HB3  sing N N 11  
ALA OXT HXT  sing N N 12  
ARG N   CA   sing N N 13  
ARG N   H    sing N N 14  
ARG N   H2   sing N N 15  
ARG CA  C    sing N N 16  
ARG CA  CB   sing N N 17  
ARG CA  HA   sing N N 18  
ARG C   O    doub N N 19  
ARG C   OXT  sing N N 20  
ARG CB  CG   sing N N 21  
ARG CB  HB2  sing N N 22  
ARG CB  HB3  sing N N 23  
ARG CG  CD   sing N N 24  
ARG CG  HG2  sing N N 25  
ARG CG  HG3  sing N N 26  
ARG CD  NE   sing N N 27  
ARG CD  HD2  sing N N 28  
ARG CD  HD3  sing N N 29  
ARG NE  CZ   sing N N 30  
ARG NE  HE   sing N N 31  
ARG CZ  NH1  sing N N 32  
ARG CZ  NH2  doub N N 33  
ARG NH1 HH11 sing N N 34  
ARG NH1 HH12 sing N N 35  
ARG NH2 HH21 sing N N 36  
ARG NH2 HH22 sing N N 37  
ARG OXT HXT  sing N N 38  
ASP N   CA   sing N N 39  
ASP N   H    sing N N 40  
ASP N   H2   sing N N 41  
ASP CA  C    sing N N 42  
ASP CA  CB   sing N N 43  
ASP CA  HA   sing N N 44  
ASP C   O    doub N N 45  
ASP C   OXT  sing N N 46  
ASP CB  CG   sing N N 47  
ASP CB  HB2  sing N N 48  
ASP CB  HB3  sing N N 49  
ASP CG  OD1  doub N N 50  
ASP CG  OD2  sing N N 51  
ASP OD2 HD2  sing N N 52  
ASP OXT HXT  sing N N 53  
CYS N   CA   sing N N 54  
CYS N   H    sing N N 55  
CYS N   H2   sing N N 56  
CYS CA  C    sing N N 57  
CYS CA  CB   sing N N 58  
CYS CA  HA   sing N N 59  
CYS C   O    doub N N 60  
CYS C   OXT  sing N N 61  
CYS CB  SG   sing N N 62  
CYS CB  HB2  sing N N 63  
CYS CB  HB3  sing N N 64  
CYS SG  HG   sing N N 65  
CYS OXT HXT  sing N N 66  
GLN N   CA   sing N N 67  
GLN N   H    sing N N 68  
GLN N   H2   sing N N 69  
GLN CA  C    sing N N 70  
GLN CA  CB   sing N N 71  
GLN CA  HA   sing N N 72  
GLN C   O    doub N N 73  
GLN C   OXT  sing N N 74  
GLN CB  CG   sing N N 75  
GLN CB  HB2  sing N N 76  
GLN CB  HB3  sing N N 77  
GLN CG  CD   sing N N 78  
GLN CG  HG2  sing N N 79  
GLN CG  HG3  sing N N 80  
GLN CD  OE1  doub N N 81  
GLN CD  NE2  sing N N 82  
GLN NE2 HE21 sing N N 83  
GLN NE2 HE22 sing N N 84  
GLN OXT HXT  sing N N 85  
GLU N   CA   sing N N 86  
GLU N   H    sing N N 87  
GLU N   H2   sing N N 88  
GLU CA  C    sing N N 89  
GLU CA  CB   sing N N 90  
GLU CA  HA   sing N N 91  
GLU C   O    doub N N 92  
GLU C   OXT  sing N N 93  
GLU CB  CG   sing N N 94  
GLU CB  HB2  sing N N 95  
GLU CB  HB3  sing N N 96  
GLU CG  CD   sing N N 97  
GLU CG  HG2  sing N N 98  
GLU CG  HG3  sing N N 99  
GLU CD  OE1  doub N N 100 
GLU CD  OE2  sing N N 101 
GLU OE2 HE2  sing N N 102 
GLU OXT HXT  sing N N 103 
GLY N   CA   sing N N 104 
GLY N   H    sing N N 105 
GLY N   H2   sing N N 106 
GLY CA  C    sing N N 107 
GLY CA  HA2  sing N N 108 
GLY CA  HA3  sing N N 109 
GLY C   O    doub N N 110 
GLY C   OXT  sing N N 111 
GLY OXT HXT  sing N N 112 
HIS N   CA   sing N N 113 
HIS N   H    sing N N 114 
HIS N   H2   sing N N 115 
HIS CA  C    sing N N 116 
HIS CA  CB   sing N N 117 
HIS CA  HA   sing N N 118 
HIS C   O    doub N N 119 
HIS C   OXT  sing N N 120 
HIS CB  CG   sing N N 121 
HIS CB  HB2  sing N N 122 
HIS CB  HB3  sing N N 123 
HIS CG  ND1  sing Y N 124 
HIS CG  CD2  doub Y N 125 
HIS ND1 CE1  doub Y N 126 
HIS ND1 HD1  sing N N 127 
HIS CD2 NE2  sing Y N 128 
HIS CD2 HD2  sing N N 129 
HIS CE1 NE2  sing Y N 130 
HIS CE1 HE1  sing N N 131 
HIS NE2 HE2  sing N N 132 
HIS OXT HXT  sing N N 133 
HOH O   H1   sing N N 134 
HOH O   H2   sing N N 135 
ILE N   CA   sing N N 136 
ILE N   H    sing N N 137 
ILE N   H2   sing N N 138 
ILE CA  C    sing N N 139 
ILE CA  CB   sing N N 140 
ILE CA  HA   sing N N 141 
ILE C   O    doub N N 142 
ILE C   OXT  sing N N 143 
ILE CB  CG1  sing N N 144 
ILE CB  CG2  sing N N 145 
ILE CB  HB   sing N N 146 
ILE CG1 CD1  sing N N 147 
ILE CG1 HG12 sing N N 148 
ILE CG1 HG13 sing N N 149 
ILE CG2 HG21 sing N N 150 
ILE CG2 HG22 sing N N 151 
ILE CG2 HG23 sing N N 152 
ILE CD1 HD11 sing N N 153 
ILE CD1 HD12 sing N N 154 
ILE CD1 HD13 sing N N 155 
ILE OXT HXT  sing N N 156 
LEU N   CA   sing N N 157 
LEU N   H    sing N N 158 
LEU N   H2   sing N N 159 
LEU CA  C    sing N N 160 
LEU CA  CB   sing N N 161 
LEU CA  HA   sing N N 162 
LEU C   O    doub N N 163 
LEU C   OXT  sing N N 164 
LEU CB  CG   sing N N 165 
LEU CB  HB2  sing N N 166 
LEU CB  HB3  sing N N 167 
LEU CG  CD1  sing N N 168 
LEU CG  CD2  sing N N 169 
LEU CG  HG   sing N N 170 
LEU CD1 HD11 sing N N 171 
LEU CD1 HD12 sing N N 172 
LEU CD1 HD13 sing N N 173 
LEU CD2 HD21 sing N N 174 
LEU CD2 HD22 sing N N 175 
LEU CD2 HD23 sing N N 176 
LEU OXT HXT  sing N N 177 
LYS N   CA   sing N N 178 
LYS N   H    sing N N 179 
LYS N   H2   sing N N 180 
LYS CA  C    sing N N 181 
LYS CA  CB   sing N N 182 
LYS CA  HA   sing N N 183 
LYS C   O    doub N N 184 
LYS C   OXT  sing N N 185 
LYS CB  CG   sing N N 186 
LYS CB  HB2  sing N N 187 
LYS CB  HB3  sing N N 188 
LYS CG  CD   sing N N 189 
LYS CG  HG2  sing N N 190 
LYS CG  HG3  sing N N 191 
LYS CD  CE   sing N N 192 
LYS CD  HD2  sing N N 193 
LYS CD  HD3  sing N N 194 
LYS CE  NZ   sing N N 195 
LYS CE  HE2  sing N N 196 
LYS CE  HE3  sing N N 197 
LYS NZ  HZ1  sing N N 198 
LYS NZ  HZ2  sing N N 199 
LYS NZ  HZ3  sing N N 200 
LYS OXT HXT  sing N N 201 
MET N   CA   sing N N 202 
MET N   H    sing N N 203 
MET N   H2   sing N N 204 
MET CA  C    sing N N 205 
MET CA  CB   sing N N 206 
MET CA  HA   sing N N 207 
MET C   O    doub N N 208 
MET C   OXT  sing N N 209 
MET CB  CG   sing N N 210 
MET CB  HB2  sing N N 211 
MET CB  HB3  sing N N 212 
MET CG  SD   sing N N 213 
MET CG  HG2  sing N N 214 
MET CG  HG3  sing N N 215 
MET SD  CE   sing N N 216 
MET CE  HE1  sing N N 217 
MET CE  HE2  sing N N 218 
MET CE  HE3  sing N N 219 
MET OXT HXT  sing N N 220 
PHE N   CA   sing N N 221 
PHE N   H    sing N N 222 
PHE N   H2   sing N N 223 
PHE CA  C    sing N N 224 
PHE CA  CB   sing N N 225 
PHE CA  HA   sing N N 226 
PHE C   O    doub N N 227 
PHE C   OXT  sing N N 228 
PHE CB  CG   sing N N 229 
PHE CB  HB2  sing N N 230 
PHE CB  HB3  sing N N 231 
PHE CG  CD1  doub Y N 232 
PHE CG  CD2  sing Y N 233 
PHE CD1 CE1  sing Y N 234 
PHE CD1 HD1  sing N N 235 
PHE CD2 CE2  doub Y N 236 
PHE CD2 HD2  sing N N 237 
PHE CE1 CZ   doub Y N 238 
PHE CE1 HE1  sing N N 239 
PHE CE2 CZ   sing Y N 240 
PHE CE2 HE2  sing N N 241 
PHE CZ  HZ   sing N N 242 
PHE OXT HXT  sing N N 243 
PRO N   CA   sing N N 244 
PRO N   CD   sing N N 245 
PRO N   H    sing N N 246 
PRO CA  C    sing N N 247 
PRO CA  CB   sing N N 248 
PRO CA  HA   sing N N 249 
PRO C   O    doub N N 250 
PRO C   OXT  sing N N 251 
PRO CB  CG   sing N N 252 
PRO CB  HB2  sing N N 253 
PRO CB  HB3  sing N N 254 
PRO CG  CD   sing N N 255 
PRO CG  HG2  sing N N 256 
PRO CG  HG3  sing N N 257 
PRO CD  HD2  sing N N 258 
PRO CD  HD3  sing N N 259 
PRO OXT HXT  sing N N 260 
THR N   CA   sing N N 261 
THR N   H    sing N N 262 
THR N   H2   sing N N 263 
THR CA  C    sing N N 264 
THR CA  CB   sing N N 265 
THR CA  HA   sing N N 266 
THR C   O    doub N N 267 
THR C   OXT  sing N N 268 
THR CB  OG1  sing N N 269 
THR CB  CG2  sing N N 270 
THR CB  HB   sing N N 271 
THR OG1 HG1  sing N N 272 
THR CG2 HG21 sing N N 273 
THR CG2 HG22 sing N N 274 
THR CG2 HG23 sing N N 275 
THR OXT HXT  sing N N 276 
TYR N   CA   sing N N 277 
TYR N   H    sing N N 278 
TYR N   H2   sing N N 279 
TYR CA  C    sing N N 280 
TYR CA  CB   sing N N 281 
TYR CA  HA   sing N N 282 
TYR C   O    doub N N 283 
TYR C   OXT  sing N N 284 
TYR CB  CG   sing N N 285 
TYR CB  HB2  sing N N 286 
TYR CB  HB3  sing N N 287 
TYR CG  CD1  doub Y N 288 
TYR CG  CD2  sing Y N 289 
TYR CD1 CE1  sing Y N 290 
TYR CD1 HD1  sing N N 291 
TYR CD2 CE2  doub Y N 292 
TYR CD2 HD2  sing N N 293 
TYR CE1 CZ   doub Y N 294 
TYR CE1 HE1  sing N N 295 
TYR CE2 CZ   sing Y N 296 
TYR CE2 HE2  sing N N 297 
TYR CZ  OH   sing N N 298 
TYR OH  HH   sing N N 299 
TYR OXT HXT  sing N N 300 
VAL N   CA   sing N N 301 
VAL N   H    sing N N 302 
VAL N   H2   sing N N 303 
VAL CA  C    sing N N 304 
VAL CA  CB   sing N N 305 
VAL CA  HA   sing N N 306 
VAL C   O    doub N N 307 
VAL C   OXT  sing N N 308 
VAL CB  CG1  sing N N 309 
VAL CB  CG2  sing N N 310 
VAL CB  HB   sing N N 311 
VAL CG1 HG11 sing N N 312 
VAL CG1 HG12 sing N N 313 
VAL CG1 HG13 sing N N 314 
VAL CG2 HG21 sing N N 315 
VAL CG2 HG22 sing N N 316 
VAL CG2 HG23 sing N N 317 
VAL OXT HXT  sing N N 318 
# 
_atom_sites.entry_id                    2PII 
_atom_sites.fract_transf_matrix[1][1]   -0.00398280 
_atom_sites.fract_transf_matrix[1][2]   -0.01553570 
_atom_sites.fract_transf_matrix[1][3]   -0.00970440 
_atom_sites.fract_transf_matrix[2][1]   0.01384035 
_atom_sites.fract_transf_matrix[2][2]   -0.01014867 
_atom_sites.fract_transf_matrix[2][3]   -0.00753818 
_atom_sites.fract_transf_matrix[3][1]   0.00108707 
_atom_sites.fract_transf_matrix[3][2]   -0.00959206 
_atom_sites.fract_transf_matrix[3][3]   0.01490971 
_atom_sites.fract_transf_vector[1]      0.184025 
_atom_sites.fract_transf_vector[2]      0.482955 
_atom_sites.fract_transf_vector[3]      0.127808 
# 
loop_
_atom_type.symbol 
C 
N 
O 
S 
# 
loop_
_atom_site.group_PDB 
_atom_site.id 
_atom_site.type_symbol 
_atom_site.label_atom_id 
_atom_site.label_alt_id 
_atom_site.label_comp_id 
_atom_site.label_asym_id 
_atom_site.label_entity_id 
_atom_site.label_seq_id 
_atom_site.pdbx_PDB_ins_code 
_atom_site.Cartn_x 
_atom_site.Cartn_y 
_atom_site.Cartn_z 
_atom_site.occupancy 
_atom_site.B_iso_or_equiv 
_atom_site.pdbx_formal_charge 
_atom_site.auth_seq_id 
_atom_site.auth_comp_id 
_atom_site.auth_asym_id 
_atom_site.auth_atom_id 
_atom_site.pdbx_PDB_model_num 
ATOM   1    N N   . MET A 1 1   ? -7.335  1.457   -15.892 1.00 12.55  ? 1   MET A N   1 
ATOM   2    C CA  . MET A 1 1   ? -7.179  0.890   -14.531 1.00 11.09  ? 1   MET A CA  1 
ATOM   3    C C   . MET A 1 1   ? -5.735  1.009   -14.076 1.00 9.03   ? 1   MET A C   1 
ATOM   4    O O   . MET A 1 1   ? -4.822  1.053   -14.906 1.00 6.73   ? 1   MET A O   1 
ATOM   5    C CB  . MET A 1 1   ? -7.598  -0.577  -14.529 1.00 14.50  ? 1   MET A CB  1 
ATOM   6    C CG  . MET A 1 1   ? -9.078  -0.702  -14.500 1.00 18.48  ? 1   MET A CG  1 
ATOM   7    S SD  . MET A 1 1   ? -9.553  -2.404  -14.372 1.00 20.40  ? 1   MET A SD  1 
ATOM   8    C CE  . MET A 1 1   ? -11.396 -2.145  -14.283 1.00 27.20  ? 1   MET A CE  1 
ATOM   9    N N   . LYS A 1 2   ? -5.544  1.116   -12.761 1.00 7.51   ? 2   LYS A N   1 
ATOM   10   C CA  . LYS A 1 2   ? -4.213  1.260   -12.173 1.00 8.24   ? 2   LYS A CA  1 
ATOM   11   C C   . LYS A 1 2   ? -4.028  0.377   -10.948 1.00 9.24   ? 2   LYS A C   1 
ATOM   12   O O   . LYS A 1 2   ? -4.989  0.017   -10.263 1.00 11.16  ? 2   LYS A O   1 
ATOM   13   C CB  . LYS A 1 2   ? -3.958  2.715   -11.715 1.00 7.90   ? 2   LYS A CB  1 
ATOM   14   C CG  . LYS A 1 2   ? -4.006  3.851   -12.785 1.00 6.68   ? 2   LYS A CG  1 
ATOM   15   C CD  . LYS A 1 2   ? -2.781  3.895   -13.657 1.00 9.97   ? 2   LYS A CD  1 
ATOM   16   C CE  . LYS A 1 2   ? -2.987  4.790   -14.911 1.00 12.60  ? 2   LYS A CE  1 
ATOM   17   N NZ  . LYS A 1 2   ? -3.761  4.106   -16.020 1.00 14.83  ? 2   LYS A NZ  1 
ATOM   18   N N   . LYS A 1 3   ? -2.798  -0.037  -10.727 1.00 7.99   ? 3   LYS A N   1 
ATOM   19   C CA  . LYS A 1 3   ? -2.451  -0.772  -9.527  1.00 9.61   ? 3   LYS A CA  1 
ATOM   20   C C   . LYS A 1 3   ? -1.811  0.202   -8.528  1.00 6.86   ? 3   LYS A C   1 
ATOM   21   O O   . LYS A 1 3   ? -0.878  0.949   -8.842  1.00 7.57   ? 3   LYS A O   1 
ATOM   22   C CB  . LYS A 1 3   ? -1.505  -1.935  -9.818  1.00 10.68  ? 3   LYS A CB  1 
ATOM   23   C CG  . LYS A 1 3   ? -1.046  -2.622  -8.539  1.00 14.06  ? 3   LYS A CG  1 
ATOM   24   C CD  . LYS A 1 3   ? -0.372  -3.891  -8.867  1.00 19.01  ? 3   LYS A CD  1 
ATOM   25   C CE  . LYS A 1 3   ? 0.019   -4.625  -7.632  1.00 22.21  ? 3   LYS A CE  1 
ATOM   26   N NZ  . LYS A 1 3   ? 1.430   -4.297  -7.389  1.00 21.73  ? 3   LYS A NZ  1 
ATOM   27   N N   . ILE A 1 4   ? -2.355  0.213   -7.322  1.00 7.04   ? 4   ILE A N   1 
ATOM   28   C CA  . ILE A 1 4   ? -1.887  1.074   -6.244  1.00 6.72   ? 4   ILE A CA  1 
ATOM   29   C C   . ILE A 1 4   ? -1.187  0.188   -5.184  1.00 7.51   ? 4   ILE A C   1 
ATOM   30   O O   . ILE A 1 4   ? -1.732  -0.845  -4.809  1.00 9.21   ? 4   ILE A O   1 
ATOM   31   C CB  . ILE A 1 4   ? -3.099  1.851   -5.613  1.00 7.82   ? 4   ILE A CB  1 
ATOM   32   C CG1 . ILE A 1 4   ? -3.709  2.817   -6.633  1.00 9.58   ? 4   ILE A CG1 1 
ATOM   33   C CG2 . ILE A 1 4   ? -2.658  2.683   -4.398  1.00 9.95   ? 4   ILE A CG2 1 
ATOM   34   C CD1 . ILE A 1 4   ? -4.969  3.425   -6.150  1.00 11.01  ? 4   ILE A CD1 1 
ATOM   35   N N   . ASP A 1 5   ? 0.082   0.468   -4.901  1.00 5.65   ? 5   ASP A N   1 
ATOM   36   C CA  . ASP A 1 5   ? 0.828   -0.252  -3.861  1.00 7.47   ? 5   ASP A CA  1 
ATOM   37   C C   . ASP A 1 5   ? 1.050   0.773   -2.766  1.00 9.04   ? 5   ASP A C   1 
ATOM   38   O O   . ASP A 1 5   ? 1.566   1.853   -3.049  1.00 10.73  ? 5   ASP A O   1 
ATOM   39   C CB  . ASP A 1 5   ? 2.237   -0.662  -4.288  1.00 10.96  ? 5   ASP A CB  1 
ATOM   40   C CG  . ASP A 1 5   ? 2.265   -1.851  -5.176  1.00 12.38  ? 5   ASP A CG  1 
ATOM   41   O OD1 . ASP A 1 5   ? 1.212   -2.285  -5.639  1.00 14.41  ? 5   ASP A OD1 1 
ATOM   42   O OD2 . ASP A 1 5   ? 3.364   -2.358  -5.420  1.00 13.26  ? 5   ASP A OD2 1 
ATOM   43   N N   . ALA A 1 6   ? 0.763   0.423   -1.524  1.00 6.42   ? 6   ALA A N   1 
ATOM   44   C CA  . ALA A 1 6   ? 0.984   1.348   -0.422  1.00 7.54   ? 6   ALA A CA  1 
ATOM   45   C C   . ALA A 1 6   ? 1.776   0.583   0.667   1.00 8.03   ? 6   ALA A C   1 
ATOM   46   O O   . ALA A 1 6   ? 1.414   -0.560  1.002   1.00 8.48   ? 6   ALA A O   1 
ATOM   47   C CB  . ALA A 1 6   ? -0.356  1.830   0.121   1.00 10.50  ? 6   ALA A CB  1 
ATOM   48   N N   . ILE A 1 7   ? 2.871   1.166   1.147   1.00 7.85   ? 7   ILE A N   1 
ATOM   49   C CA  . ILE A 1 7   ? 3.668   0.540   2.220   1.00 11.56  ? 7   ILE A CA  1 
ATOM   50   C C   . ILE A 1 7   ? 3.385   1.362   3.465   1.00 9.36   ? 7   ILE A C   1 
ATOM   51   O O   . ILE A 1 7   ? 3.859   2.491   3.581   1.00 9.00   ? 7   ILE A O   1 
ATOM   52   C CB  . ILE A 1 7   ? 5.212   0.560   2.000   1.00 11.68  ? 7   ILE A CB  1 
ATOM   53   C CG1 . ILE A 1 7   ? 5.576   0.153   0.575   1.00 12.40  ? 7   ILE A CG1 1 
ATOM   54   C CG2 . ILE A 1 7   ? 5.850   -0.429  3.012   1.00 13.13  ? 7   ILE A CG2 1 
ATOM   55   C CD1 . ILE A 1 7   ? 5.155   -1.197  0.247   1.00 16.06  ? 7   ILE A CD1 1 
ATOM   56   N N   . ILE A 1 8   ? 2.647   0.781   4.401   1.00 9.19   ? 8   ILE A N   1 
ATOM   57   C CA  . ILE A 1 8   ? 2.212   1.487   5.597   1.00 7.37   ? 8   ILE A CA  1 
ATOM   58   C C   . ILE A 1 8   ? 2.643   0.874   6.910   1.00 10.73  ? 8   ILE A C   1 
ATOM   59   O O   . ILE A 1 8   ? 3.075   -0.269  6.937   1.00 9.66   ? 8   ILE A O   1 
ATOM   60   C CB  . ILE A 1 8   ? 0.678   1.571   5.622   1.00 8.32   ? 8   ILE A CB  1 
ATOM   61   C CG1 . ILE A 1 8   ? 0.041   0.177   5.770   1.00 7.37   ? 8   ILE A CG1 1 
ATOM   62   C CG2 . ILE A 1 8   ? 0.186   2.181   4.317   1.00 11.73  ? 8   ILE A CG2 1 
ATOM   63   C CD1 . ILE A 1 8   ? -1.467  0.217   6.212   1.00 9.90   ? 8   ILE A CD1 1 
ATOM   64   N N   . LYS A 1 9   ? 2.537   1.654   7.993   1.00 9.46   ? 9   LYS A N   1 
ATOM   65   C CA  . LYS A 1 9   ? 2.853   1.174   9.344   1.00 9.65   ? 9   LYS A CA  1 
ATOM   66   C C   . LYS A 1 9   ? 1.707   0.195   9.645   1.00 12.13  ? 9   LYS A C   1 
ATOM   67   O O   . LYS A 1 9   ? 0.510   0.540   9.473   1.00 9.53   ? 9   LYS A O   1 
ATOM   68   C CB  . LYS A 1 9   ? 2.827   2.353   10.321  1.00 9.89   ? 9   LYS A CB  1 
ATOM   69   C CG  . LYS A 1 9   ? 3.950   3.274   10.050  1.00 9.02   ? 9   LYS A CG  1 
ATOM   70   C CD  . LYS A 1 9   ? 4.155   4.313   11.111  1.00 9.15   ? 9   LYS A CD  1 
ATOM   71   C CE  . LYS A 1 9   ? 5.385   5.118   10.737  1.00 9.02   ? 9   LYS A CE  1 
ATOM   72   N NZ  . LYS A 1 9   ? 5.991   5.765   11.916  1.00 10.45  ? 9   LYS A NZ  1 
ATOM   73   N N   . PRO A 1 10  ? 2.048   -1.031  10.095  1.00 11.45  ? 10  PRO A N   1 
ATOM   74   C CA  . PRO A 1 10  ? 1.077   -2.080  10.402  1.00 11.09  ? 10  PRO A CA  1 
ATOM   75   C C   . PRO A 1 10  ? -0.131  -1.722  11.223  1.00 10.81  ? 10  PRO A C   1 
ATOM   76   O O   . PRO A 1 10  ? -1.223  -2.178  10.897  1.00 12.71  ? 10  PRO A O   1 
ATOM   77   C CB  . PRO A 1 10  ? 1.932   -3.184  11.062  1.00 13.74  ? 10  PRO A CB  1 
ATOM   78   C CG  . PRO A 1 10  ? 3.290   -3.007  10.451  1.00 13.27  ? 10  PRO A CG  1 
ATOM   79   C CD  . PRO A 1 10  ? 3.402   -1.460  10.494  1.00 14.16  ? 10  PRO A CD  1 
ATOM   80   N N   . PHE A 1 11  ? 0.029   -0.878  12.240  1.00 11.05  ? 11  PHE A N   1 
ATOM   81   C CA  . PHE A 1 11  ? -1.101  -0.518  13.098  1.00 12.33  ? 11  PHE A CA  1 
ATOM   82   C C   . PHE A 1 11  ? -2.211  0.280   12.394  1.00 12.26  ? 11  PHE A C   1 
ATOM   83   O O   . PHE A 1 11  ? -3.343  0.361   12.891  1.00 13.36  ? 11  PHE A O   1 
ATOM   84   C CB  . PHE A 1 11  ? -0.609  0.173   14.410  1.00 11.01  ? 11  PHE A CB  1 
ATOM   85   C CG  . PHE A 1 11  ? -0.258  1.619   14.254  1.00 11.13  ? 11  PHE A CG  1 
ATOM   86   C CD1 . PHE A 1 11  ? 0.907   2.006   13.600  1.00 13.60  ? 11  PHE A CD1 1 
ATOM   87   C CD2 . PHE A 1 11  ? -1.074  2.593   14.786  1.00 13.92  ? 11  PHE A CD2 1 
ATOM   88   C CE1 . PHE A 1 11  ? 1.254   3.341   13.479  1.00 13.10  ? 11  PHE A CE1 1 
ATOM   89   C CE2 . PHE A 1 11  ? -0.733  3.942   14.666  1.00 14.54  ? 11  PHE A CE2 1 
ATOM   90   C CZ  . PHE A 1 11  ? 0.437   4.310   14.011  1.00 12.85  ? 11  PHE A CZ  1 
ATOM   91   N N   . LYS A 1 12  ? -1.907  0.814   11.221  1.00 12.51  ? 12  LYS A N   1 
ATOM   92   C CA  . LYS A 1 12  ? -2.883  1.593   10.447  1.00 13.82  ? 12  LYS A CA  1 
ATOM   93   C C   . LYS A 1 12  ? -3.691  0.773   9.459   1.00 14.15  ? 12  LYS A C   1 
ATOM   94   O O   . LYS A 1 12  ? -4.644  1.286   8.877   1.00 12.58  ? 12  LYS A O   1 
ATOM   95   C CB  . LYS A 1 12  ? -2.184  2.721   9.680   1.00 15.44  ? 12  LYS A CB  1 
ATOM   96   C CG  . LYS A 1 12  ? -1.673  3.840   10.544  1.00 17.26  ? 12  LYS A CG  1 
ATOM   97   C CD  . LYS A 1 12  ? -2.840  4.608   11.100  1.00 16.80  ? 12  LYS A CD  1 
ATOM   98   C CE  . LYS A 1 12  ? -2.373  5.951   11.574  1.00 20.68  ? 12  LYS A CE  1 
ATOM   99   N NZ  . LYS A 1 12  ? -3.511  6.634   12.225  1.00 22.46  ? 12  LYS A NZ  1 
ATOM   100  N N   . LEU A 1 13  ? -3.370  -0.521  9.339   1.00 15.34  ? 13  LEU A N   1 
ATOM   101  C CA  . LEU A 1 13  ? -4.038  -1.395  8.383   1.00 13.64  ? 13  LEU A CA  1 
ATOM   102  C C   . LEU A 1 13  ? -5.566  -1.421  8.537   1.00 15.42  ? 13  LEU A C   1 
ATOM   103  O O   . LEU A 1 13  ? -6.281  -1.214  7.569   1.00 14.63  ? 13  LEU A O   1 
ATOM   104  C CB  . LEU A 1 13  ? -3.447  -2.810  8.462   1.00 14.77  ? 13  LEU A CB  1 
ATOM   105  C CG  . LEU A 1 13  ? -3.561  -3.847  7.318   1.00 18.58  ? 13  LEU A CG  1 
ATOM   106  C CD1 . LEU A 1 13  ? -4.005  -5.181  7.854   1.00 13.74  ? 13  LEU A CD1 1 
ATOM   107  C CD2 . LEU A 1 13  ? -4.455  -3.371  6.186   1.00 15.46  ? 13  LEU A CD2 1 
ATOM   108  N N   . ASP A 1 14  ? -6.073  -1.618  9.748   1.00 15.93  ? 14  ASP A N   1 
ATOM   109  C CA  . ASP A 1 14  ? -7.512  -1.664  9.924   1.00 17.82  ? 14  ASP A CA  1 
ATOM   110  C C   . ASP A 1 14  ? -8.273  -0.393  9.532   1.00 16.26  ? 14  ASP A C   1 
ATOM   111  O O   . ASP A 1 14  ? -9.359  -0.487  8.942   1.00 15.36  ? 14  ASP A O   1 
ATOM   112  C CB  . ASP A 1 14  ? -7.865  -2.163  11.325  1.00 22.47  ? 14  ASP A CB  1 
ATOM   113  C CG  . ASP A 1 14  ? -7.652  -3.684  11.474  1.00 28.67  ? 14  ASP A CG  1 
ATOM   114  O OD1 . ASP A 1 14  ? -6.663  -4.240  10.937  1.00 33.69  ? 14  ASP A OD1 1 
ATOM   115  O OD2 . ASP A 1 14  ? -8.504  -4.343  12.079  1.00 33.74  ? 14  ASP A OD2 1 
ATOM   116  N N   . ASP A 1 15  ? -7.699  0.772   9.839   1.00 15.56  ? 15  ASP A N   1 
ATOM   117  C CA  . ASP A 1 15  ? -8.286  2.083   9.495   1.00 15.12  ? 15  ASP A CA  1 
ATOM   118  C C   . ASP A 1 15  ? -8.338  2.286   7.983   1.00 13.38  ? 15  ASP A C   1 
ATOM   119  O O   . ASP A 1 15  ? -9.327  2.804   7.455   1.00 12.46  ? 15  ASP A O   1 
ATOM   120  C CB  . ASP A 1 15  ? -7.448  3.217   10.103  1.00 17.58  ? 15  ASP A CB  1 
ATOM   121  C CG  . ASP A 1 15  ? -7.599  3.318   11.624  1.00 21.96  ? 15  ASP A CG  1 
ATOM   122  O OD1 . ASP A 1 15  ? -8.592  2.797   12.170  1.00 25.05  ? 15  ASP A OD1 1 
ATOM   123  O OD2 . ASP A 1 15  ? -6.736  3.920   12.280  1.00 23.91  ? 15  ASP A OD2 1 
ATOM   124  N N   . VAL A 1 16  ? -7.203  2.035   7.330   1.00 12.37  ? 16  VAL A N   1 
ATOM   125  C CA  . VAL A 1 16  ? -7.068  2.129   5.867   1.00 13.02  ? 16  VAL A CA  1 
ATOM   126  C C   . VAL A 1 16  ? -8.118  1.191   5.235   1.00 13.22  ? 16  VAL A C   1 
ATOM   127  O O   . VAL A 1 16  ? -8.891  1.592   4.371   1.00 12.85  ? 16  VAL A O   1 
ATOM   128  C CB  . VAL A 1 16  ? -5.584  1.716   5.370   1.00 12.63  ? 16  VAL A CB  1 
ATOM   129  C CG1 . VAL A 1 16  ? -5.506  1.663   3.866   1.00 12.46  ? 16  VAL A CG1 1 
ATOM   130  C CG2 . VAL A 1 16  ? -4.533  2.726   5.845   1.00 12.59  ? 16  VAL A CG2 1 
ATOM   131  N N   . ARG A 1 17  ? -8.203  -0.037  5.749   1.00 15.93  ? 17  ARG A N   1 
ATOM   132  C CA  . ARG A 1 17  ? -9.142  -1.054  5.253   1.00 17.21  ? 17  ARG A CA  1 
ATOM   133  C C   . ARG A 1 17  ? -10.573 -0.611  5.426   1.00 15.65  ? 17  ARG A C   1 
ATOM   134  O O   . ARG A 1 17  ? -11.375 -0.782  4.559   1.00 16.89  ? 17  ARG A O   1 
ATOM   135  C CB  . ARG A 1 17  ? -8.936  -2.390  5.977   1.00 16.72  ? 17  ARG A CB  1 
ATOM   136  C CG  . ARG A 1 17  ? -9.527  -3.587  5.285   1.00 21.82  ? 17  ARG A CG  1 
ATOM   137  C CD  . ARG A 1 17  ? -8.972  -4.923  5.836   1.00 24.17  ? 17  ARG A CD  1 
ATOM   138  N NE  . ARG A 1 17  ? -9.807  -5.465  6.924   1.00 28.98  ? 17  ARG A NE  1 
ATOM   139  C CZ  . ARG A 1 17  ? -9.442  -5.469  8.197   1.00 26.54  ? 17  ARG A CZ  1 
ATOM   140  N NH1 . ARG A 1 17  ? -8.257  -4.969  8.552   1.00 30.01  ? 17  ARG A NH1 1 
ATOM   141  N NH2 . ARG A 1 17  ? -10.257 -5.960  9.107   1.00 24.58  ? 17  ARG A NH2 1 
ATOM   142  N N   . GLU A 1 18  ? -10.906 -0.080  6.578   1.00 16.64  ? 18  GLU A N   1 
ATOM   143  C CA  . GLU A 1 18  ? -12.259 0.372   6.791   1.00 15.55  ? 18  GLU A CA  1 
ATOM   144  C C   . GLU A 1 18  ? -12.606 1.513   5.816   1.00 14.63  ? 18  GLU A C   1 
ATOM   145  O O   . GLU A 1 18  ? -13.637 1.467   5.128   1.00 14.01  ? 18  GLU A O   1 
ATOM   146  C CB  . GLU A 1 18  ? -12.406 0.805   8.243   1.00 19.39  ? 18  GLU A CB  1 
ATOM   147  C CG  . GLU A 1 18  ? -13.758 1.411   8.583   1.00 26.28  ? 18  GLU A CG  1 
ATOM   148  C CD  . GLU A 1 18  ? -13.841 1.864   10.025  1.00 28.39  ? 18  GLU A CD  1 
ATOM   149  O OE1 . GLU A 1 18  ? -12.828 2.379   10.576  1.00 32.74  ? 18  GLU A OE1 1 
ATOM   150  O OE2 . GLU A 1 18  ? -14.932 1.697   10.604  1.00 30.61  ? 18  GLU A OE2 1 
ATOM   151  N N   . ALA A 1 19  ? -11.711 2.493   5.701   1.00 14.26  ? 19  ALA A N   1 
ATOM   152  C CA  . ALA A 1 19  ? -11.923 3.655   4.843   1.00 12.47  ? 19  ALA A CA  1 
ATOM   153  C C   . ALA A 1 19  ? -12.038 3.281   3.376   1.00 16.10  ? 19  ALA A C   1 
ATOM   154  O O   . ALA A 1 19  ? -12.868 3.826   2.668   1.00 15.30  ? 19  ALA A O   1 
ATOM   155  C CB  . ALA A 1 19  ? -10.808 4.645   5.036   1.00 14.57  ? 19  ALA A CB  1 
ATOM   156  N N   . LEU A 1 20  ? -11.215 2.341   2.920   1.00 15.96  ? 20  LEU A N   1 
ATOM   157  C CA  . LEU A 1 20  ? -11.246 1.901   1.522   1.00 16.70  ? 20  LEU A CA  1 
ATOM   158  C C   . LEU A 1 20  ? -12.571 1.162   1.243   1.00 18.91  ? 20  LEU A C   1 
ATOM   159  O O   . LEU A 1 20  ? -13.145 1.265   0.152   1.00 17.75  ? 20  LEU A O   1 
ATOM   160  C CB  . LEU A 1 20  ? -10.022 1.024   1.237   1.00 17.35  ? 20  LEU A CB  1 
ATOM   161  C CG  . LEU A 1 20  ? -8.919  1.443   0.246   1.00 20.03  ? 20  LEU A CG  1 
ATOM   162  C CD1 . LEU A 1 20  ? -8.823  2.962   0.097   1.00 18.84  ? 20  LEU A CD1 1 
ATOM   163  C CD2 . LEU A 1 20  ? -7.550  0.839   0.663   1.00 18.85  ? 20  LEU A CD2 1 
ATOM   164  N N   . ALA A 1 21  ? -13.083 0.443   2.238   1.00 18.67  ? 21  ALA A N   1 
ATOM   165  C CA  . ALA A 1 21  ? -14.365 -0.239  2.057   1.00 22.43  ? 21  ALA A CA  1 
ATOM   166  C C   . ALA A 1 21  ? -15.464 0.820   1.818   1.00 24.07  ? 21  ALA A C   1 
ATOM   167  O O   . ALA A 1 21  ? -16.344 0.650   0.967   1.00 24.69  ? 21  ALA A O   1 
ATOM   168  C CB  . ALA A 1 21  ? -14.700 -1.131  3.297   1.00 21.52  ? 21  ALA A CB  1 
ATOM   169  N N   . GLU A 1 22  ? -15.424 1.911   2.569   1.00 25.18  ? 22  GLU A N   1 
ATOM   170  C CA  . GLU A 1 22  ? -16.404 2.975   2.387   1.00 28.41  ? 22  GLU A CA  1 
ATOM   171  C C   . GLU A 1 22  ? -16.442 3.517   0.940   1.00 28.17  ? 22  GLU A C   1 
ATOM   172  O O   . GLU A 1 22  ? -17.514 3.766   0.410   1.00 28.65  ? 22  GLU A O   1 
ATOM   173  C CB  . GLU A 1 22  ? -16.111 4.130   3.331   1.00 28.75  ? 22  GLU A CB  1 
ATOM   174  C CG  . GLU A 1 22  ? -17.266 4.465   4.230   1.00 37.65  ? 22  GLU A CG  1 
ATOM   175  C CD  . GLU A 1 22  ? -17.309 3.594   5.480   1.00 41.49  ? 22  GLU A CD  1 
ATOM   176  O OE1 . GLU A 1 22  ? -16.229 3.155   5.937   1.00 44.12  ? 22  GLU A OE1 1 
ATOM   177  O OE2 . GLU A 1 22  ? -18.419 3.364   6.016   1.00 43.50  ? 22  GLU A OE2 1 
ATOM   178  N N   . VAL A 1 23  ? -15.282 3.731   0.320   1.00 28.23  ? 23  VAL A N   1 
ATOM   179  C CA  . VAL A 1 23  ? -15.247 4.249   -1.053  1.00 30.03  ? 23  VAL A CA  1 
ATOM   180  C C   . VAL A 1 23  ? -15.683 3.218   -2.107  1.00 29.83  ? 23  VAL A C   1 
ATOM   181  O O   . VAL A 1 23  ? -15.813 3.540   -3.301  1.00 29.82  ? 23  VAL A O   1 
ATOM   182  C CB  . VAL A 1 23  ? -13.856 4.895   -1.458  1.00 29.44  ? 23  VAL A CB  1 
ATOM   183  C CG1 . VAL A 1 23  ? -13.304 5.731   -0.346  1.00 28.91  ? 23  VAL A CG1 1 
ATOM   184  C CG2 . VAL A 1 23  ? -12.864 3.853   -1.890  1.00 32.44  ? 23  VAL A CG2 1 
ATOM   185  N N   . GLY A 1 24  ? -15.903 1.977   -1.683  1.00 29.97  ? 24  GLY A N   1 
ATOM   186  C CA  . GLY A 1 24  ? -16.347 0.962   -2.635  1.00 30.17  ? 24  GLY A CA  1 
ATOM   187  C C   . GLY A 1 24  ? -15.380 -0.103  -3.131  1.00 28.58  ? 24  GLY A C   1 
ATOM   188  O O   . GLY A 1 24  ? -15.734 -0.898  -4.009  1.00 27.99  ? 24  GLY A O   1 
ATOM   189  N N   . ILE A 1 25  ? -14.181 -0.145  -2.563  1.00 27.22  ? 25  ILE A N   1 
ATOM   190  C CA  . ILE A 1 25  ? -13.197 -1.132  -2.959  1.00 27.98  ? 25  ILE A CA  1 
ATOM   191  C C   . ILE A 1 25  ? -13.660 -2.488  -2.453  1.00 28.25  ? 25  ILE A C   1 
ATOM   192  O O   . ILE A 1 25  ? -13.978 -2.646  -1.279  1.00 27.24  ? 25  ILE A O   1 
ATOM   193  C CB  . ILE A 1 25  ? -11.805 -0.760  -2.413  1.00 27.75  ? 25  ILE A CB  1 
ATOM   194  C CG1 . ILE A 1 25  ? -11.117 0.212   -3.386  1.00 29.08  ? 25  ILE A CG1 1 
ATOM   195  C CG2 . ILE A 1 25  ? -10.913 -2.009  -2.286  1.00 28.94  ? 25  ILE A CG2 1 
ATOM   196  C CD1 . ILE A 1 25  ? -12.007 1.279   -3.990  1.00 28.71  ? 25  ILE A CD1 1 
ATOM   197  N N   . THR A 1 26  ? -13.706 -3.477  -3.334  1.00 29.23  ? 26  THR A N   1 
ATOM   198  C CA  . THR A 1 26  ? -14.171 -4.780  -2.883  1.00 30.35  ? 26  THR A CA  1 
ATOM   199  C C   . THR A 1 26  ? -13.139 -5.881  -2.647  1.00 29.31  ? 26  THR A C   1 
ATOM   200  O O   . THR A 1 26  ? -13.488 -6.948  -2.125  1.00 30.02  ? 26  THR A O   1 
ATOM   201  C CB  . THR A 1 26  ? -15.314 -5.318  -3.762  1.00 32.49  ? 26  THR A CB  1 
ATOM   202  O OG1 . THR A 1 26  ? -14.970 -5.191  -5.153  1.00 33.89  ? 26  THR A OG1 1 
ATOM   203  C CG2 . THR A 1 26  ? -16.623 -4.585  -3.435  1.00 33.11  ? 26  THR A CG2 1 
ATOM   204  N N   . GLY A 1 27  ? -11.886 -5.624  -3.016  1.00 27.24  ? 27  GLY A N   1 
ATOM   205  C CA  . GLY A 1 27  ? -10.816 -6.600  -2.829  1.00 23.95  ? 27  GLY A CA  1 
ATOM   206  C C   . GLY A 1 27  ? -9.504  -5.905  -2.518  1.00 20.30  ? 27  GLY A C   1 
ATOM   207  O O   . GLY A 1 27  ? -9.271  -4.809  -2.991  1.00 19.02  ? 27  GLY A O   1 
ATOM   208  N N   . MET A 1 28  ? -8.634  -6.558  -1.759  1.00 19.92  ? 28  MET A N   1 
ATOM   209  C CA  . MET A 1 28  ? -7.346  -5.984  -1.357  1.00 18.02  ? 28  MET A CA  1 
ATOM   210  C C   . MET A 1 28  ? -6.444  -7.142  -0.981  1.00 15.21  ? 28  MET A C   1 
ATOM   211  O O   . MET A 1 28  ? -6.920  -8.110  -0.405  1.00 15.41  ? 28  MET A O   1 
ATOM   212  C CB  . MET A 1 28  ? -7.583  -5.112  -0.130  1.00 18.38  ? 28  MET A CB  1 
ATOM   213  C CG  . MET A 1 28  ? -6.394  -4.820  0.705   1.00 22.07  ? 28  MET A CG  1 
ATOM   214  S SD  . MET A 1 28  ? -6.753  -3.598  2.006   1.00 25.31  ? 28  MET A SD  1 
ATOM   215  C CE  . MET A 1 28  ? -8.426  -3.655  2.026   1.00 23.56  ? 28  MET A CE  1 
ATOM   216  N N   . THR A 1 29  ? -5.181  -7.091  -1.389  1.00 13.46  ? 29  THR A N   1 
ATOM   217  C CA  . THR A 1 29  ? -4.218  -8.138  -1.049  1.00 12.59  ? 29  THR A CA  1 
ATOM   218  C C   . THR A 1 29  ? -3.193  -7.454  -0.163  1.00 13.38  ? 29  THR A C   1 
ATOM   219  O O   . THR A 1 29  ? -2.733  -6.341  -0.466  1.00 13.06  ? 29  THR A O   1 
ATOM   220  C CB  . THR A 1 29  ? -3.506  -8.699  -2.297  1.00 17.24  ? 29  THR A CB  1 
ATOM   221  O OG1 . THR A 1 29  ? -4.463  -9.331  -3.161  1.00 16.59  ? 29  THR A OG1 1 
ATOM   222  C CG2 . THR A 1 29  ? -2.479  -9.709  -1.908  1.00 15.94  ? 29  THR A CG2 1 
ATOM   223  N N   . VAL A 1 30  ? -2.819  -8.121  0.915   1.00 8.88   ? 30  VAL A N   1 
ATOM   224  C CA  . VAL A 1 30  ? -1.888  -7.562  1.874   1.00 9.99   ? 30  VAL A CA  1 
ATOM   225  C C   . VAL A 1 30  ? -0.676  -8.507  2.111   1.00 12.73  ? 30  VAL A C   1 
ATOM   226  O O   . VAL A 1 30  ? -0.813  -9.742  2.304   1.00 11.95  ? 30  VAL A O   1 
ATOM   227  C CB  . VAL A 1 30  ? -2.691  -7.205  3.202   1.00 11.93  ? 30  VAL A CB  1 
ATOM   228  C CG1 . VAL A 1 30  ? -1.801  -7.135  4.423   1.00 13.59  ? 30  VAL A CG1 1 
ATOM   229  C CG2 . VAL A 1 30  ? -3.377  -5.877  3.051   1.00 13.31  ? 30  VAL A CG2 1 
ATOM   230  N N   . THR A 1 31  ? 0.518   -7.940  2.024   1.00 9.81   ? 31  THR A N   1 
ATOM   231  C CA  . THR A 1 31  ? 1.732   -8.706  2.243   1.00 11.31  ? 31  THR A CA  1 
ATOM   232  C C   . THR A 1 31  ? 2.508   -8.118  3.424   1.00 10.55  ? 31  THR A C   1 
ATOM   233  O O   . THR A 1 31  ? 2.541   -6.909  3.609   1.00 9.69   ? 31  THR A O   1 
ATOM   234  C CB  . THR A 1 31  ? 2.608   -8.633  0.985   1.00 11.74  ? 31  THR A CB  1 
ATOM   235  O OG1 . THR A 1 31  ? 1.817   -9.057  -0.124  1.00 12.51  ? 31  THR A OG1 1 
ATOM   236  C CG2 . THR A 1 31  ? 3.887   -9.520  1.090   1.00 11.48  ? 31  THR A CG2 1 
ATOM   237  N N   . GLU A 1 32  ? 3.066   -8.982  4.263   1.00 10.58  ? 32  GLU A N   1 
ATOM   238  C CA  . GLU A 1 32  ? 3.867   -8.504  5.376   1.00 14.43  ? 32  GLU A CA  1 
ATOM   239  C C   . GLU A 1 32  ? 5.303   -8.460  4.820   1.00 15.10  ? 32  GLU A C   1 
ATOM   240  O O   . GLU A 1 32  ? 5.779   -9.460  4.253   1.00 14.92  ? 32  GLU A O   1 
ATOM   241  C CB  . GLU A 1 32  ? 3.722   -9.451  6.554   1.00 19.45  ? 32  GLU A CB  1 
ATOM   242  C CG  . GLU A 1 32  ? 2.316   -9.363  7.144   1.00 27.22  ? 32  GLU A CG  1 
ATOM   243  C CD  . GLU A 1 32  ? 2.064   -10.376 8.236   1.00 35.33  ? 32  GLU A CD  1 
ATOM   244  O OE1 . GLU A 1 32  ? 2.655   -11.495 8.168   1.00 38.50  ? 32  GLU A OE1 1 
ATOM   245  O OE2 . GLU A 1 32  ? 1.272   -10.047 9.161   1.00 38.57  ? 32  GLU A OE2 1 
ATOM   246  N N   . VAL A 1 33  ? 5.964   -7.307  4.951   1.00 11.47  ? 33  VAL A N   1 
ATOM   247  C CA  . VAL A 1 33  ? 7.291   -7.131  4.394   1.00 11.56  ? 33  VAL A CA  1 
ATOM   248  C C   . VAL A 1 33  ? 8.182   -6.495  5.422   1.00 12.24  ? 33  VAL A C   1 
ATOM   249  O O   . VAL A 1 33  ? 7.719   -6.090  6.466   1.00 11.73  ? 33  VAL A O   1 
ATOM   250  C CB  . VAL A 1 33  ? 7.240   -6.134  3.183   1.00 14.26  ? 33  VAL A CB  1 
ATOM   251  C CG1 . VAL A 1 33  ? 6.425   -6.730  2.018   1.00 11.18  ? 33  VAL A CG1 1 
ATOM   252  C CG2 . VAL A 1 33  ? 6.639   -4.760  3.628   1.00 9.13   ? 33  VAL A CG2 1 
ATOM   253  N N   . LYS A 1 34  ? 9.475   -6.450  5.145   1.00 11.29  ? 34  LYS A N   1 
ATOM   254  C CA  . LYS A 1 34  ? 10.421  -5.792  6.034   1.00 12.49  ? 34  LYS A CA  1 
ATOM   255  C C   . LYS A 1 34  ? 10.900  -4.495  5.376   1.00 10.58  ? 34  LYS A C   1 
ATOM   256  O O   . LYS A 1 34  ? 11.286  -4.473  4.194   1.00 10.93  ? 34  LYS A O   1 
ATOM   257  C CB  . LYS A 1 34  ? 11.596  -6.707  6.359   1.00 14.17  ? 34  LYS A CB  1 
ATOM   258  C CG  . LYS A 1 34  ? 11.132  -7.938  7.128   1.00 18.20  ? 34  LYS A CG  1 
ATOM   259  C CD  . LYS A 1 34  ? 12.282  -8.750  7.709   1.00 25.17  ? 34  LYS A CD  1 
ATOM   260  C CE  . LYS A 1 34  ? 11.760  -10.103 8.266   1.00 28.75  ? 34  LYS A CE  1 
ATOM   261  N NZ  . LYS A 1 34  ? 12.807  -10.964 8.884   1.00 29.77  ? 34  LYS A NZ  1 
ATOM   262  N N   . GLY A 1 35  ? 10.813  -3.409  6.126   1.00 9.25   ? 35  GLY A N   1 
ATOM   263  C CA  . GLY A 1 35  ? 11.262  -2.146  5.599   1.00 8.15   ? 35  GLY A CA  1 
ATOM   264  C C   . GLY A 1 35  ? 12.591  -1.699  6.145   1.00 12.18  ? 35  GLY A C   1 
ATOM   265  O O   . GLY A 1 35  ? 12.886  -1.834  7.331   1.00 12.19  ? 35  GLY A O   1 
ATOM   266  N N   . PHE A 1 36  ? 13.430  -1.178  5.269   1.00 13.04  ? 36  PHE A N   1 
ATOM   267  C CA  . PHE A 1 36  ? 14.717  -0.677  5.710   1.00 15.07  ? 36  PHE A CA  1 
ATOM   268  C C   . PHE A 1 36  ? 14.717  0.791   5.330   1.00 17.50  ? 36  PHE A C   1 
ATOM   269  O O   . PHE A 1 36  ? 14.235  1.170   4.250   1.00 15.33  ? 36  PHE A O   1 
ATOM   270  C CB  . PHE A 1 36  ? 15.884  -1.404  5.016   1.00 15.06  ? 36  PHE A CB  1 
ATOM   271  C CG  . PHE A 1 36  ? 16.031  -2.843  5.426   1.00 16.08  ? 36  PHE A CG  1 
ATOM   272  C CD1 . PHE A 1 36  ? 15.285  -3.850  4.782   1.00 15.31  ? 36  PHE A CD1 1 
ATOM   273  C CD2 . PHE A 1 36  ? 16.906  -3.200  6.472   1.00 15.08  ? 36  PHE A CD2 1 
ATOM   274  C CE1 . PHE A 1 36  ? 15.402  -5.215  5.167   1.00 14.51  ? 36  PHE A CE1 1 
ATOM   275  C CE2 . PHE A 1 36  ? 17.030  -4.549  6.864   1.00 14.83  ? 36  PHE A CE2 1 
ATOM   276  C CZ  . PHE A 1 36  ? 16.273  -5.561  6.208   1.00 13.99  ? 36  PHE A CZ  1 
ATOM   277  N N   . GLY A 1 37  ? 15.155  1.634   6.248   1.00 18.81  ? 37  GLY A N   1 
ATOM   278  C CA  . GLY A 1 37  ? 15.214  3.035   5.902   1.00 23.71  ? 37  GLY A CA  1 
ATOM   279  C C   . GLY A 1 37  ? 14.834  4.038   6.953   1.00 25.44  ? 37  GLY A C   1 
ATOM   280  O O   . GLY A 1 37  ? 15.291  3.974   8.092   1.00 29.57  ? 37  GLY A O   1 
ATOM   281  N N   . ARG A 1 38  ? 14.047  5.008   6.536   1.00 25.90  ? 38  ARG A N   1 
ATOM   282  C CA  . ARG A 1 38  ? 13.604  6.077   7.406   1.00 26.64  ? 38  ARG A CA  1 
ATOM   283  C C   . ARG A 1 38  ? 13.053  5.551   8.745   1.00 24.72  ? 38  ARG A C   1 
ATOM   284  O O   . ARG A 1 38  ? 12.022  4.872   8.769   1.00 23.02  ? 38  ARG A O   1 
ATOM   285  C CB  . ARG A 1 38  ? 12.523  6.875   6.680   1.00 32.39  ? 38  ARG A CB  1 
ATOM   286  C CG  . ARG A 1 38  ? 12.917  7.519   5.314   1.00 40.30  ? 38  ARG A CG  1 
ATOM   287  C CD  . ARG A 1 38  ? 11.665  8.176   4.690   1.00 47.92  ? 38  ARG A CD  1 
ATOM   288  N NE  . ARG A 1 38  ? 11.866  8.984   3.480   1.00 53.33  ? 38  ARG A NE  1 
ATOM   289  C CZ  . ARG A 1 38  ? 10.899  9.692   2.869   1.00 55.14  ? 38  ARG A CZ  1 
ATOM   290  N NH1 . ARG A 1 38  ? 9.636   9.707   3.329   1.00 54.16  ? 38  ARG A NH1 1 
ATOM   291  N NH2 . ARG A 1 38  ? 11.208  10.428  1.807   1.00 56.57  ? 38  ARG A NH2 1 
ATOM   292  N N   . GLN A 1 39  ? 13.768  5.816   9.840   1.00 21.28  ? 39  GLN A N   1 
ATOM   293  C CA  . GLN A 1 39  ? 13.316  5.395   11.173  1.00 21.09  ? 39  GLN A CA  1 
ATOM   294  C C   . GLN A 1 39  ? 13.690  6.398   12.270  1.00 20.39  ? 39  GLN A C   1 
ATOM   295  O O   . GLN A 1 39  ? 14.821  6.931   12.304  1.00 20.43  ? 39  GLN A O   1 
ATOM   296  C CB  . GLN A 1 39  ? 13.872  4.013   11.528  1.00 22.50  ? 39  GLN A CB  1 
ATOM   297  C CG  . GLN A 1 39  ? 13.321  3.452   12.819  1.00 24.57  ? 39  GLN A CG  1 
ATOM   298  C CD  . GLN A 1 39  ? 13.821  2.038   13.138  1.00 27.44  ? 39  GLN A CD  1 
ATOM   299  O OE1 . GLN A 1 39  ? 14.301  1.299   12.259  1.00 25.17  ? 39  GLN A OE1 1 
ATOM   300  N NE2 . GLN A 1 39  ? 13.691  1.652   14.397  1.00 24.65  ? 39  GLN A NE2 1 
ATOM   301  N N   . LYS A 1 40  ? 12.759  6.645   13.185  1.00 19.46  ? 40  LYS A N   1 
ATOM   302  C CA  . LYS A 1 40  ? 13.038  7.566   14.293  1.00 19.65  ? 40  LYS A CA  1 
ATOM   303  C C   . LYS A 1 40  ? 14.215  7.025   15.114  1.00 20.41  ? 40  LYS A C   1 
ATOM   304  O O   . LYS A 1 40  ? 14.321  5.820   15.351  1.00 19.17  ? 40  LYS A O   1 
ATOM   305  C CB  . LYS A 1 40  ? 11.798  7.760   15.179  1.00 17.15  ? 40  LYS A CB  1 
ATOM   306  C CG  . LYS A 1 40  ? 11.960  8.712   16.372  1.00 15.88  ? 40  LYS A CG  1 
ATOM   307  C CD  . LYS A 1 40  ? 10.792  8.523   17.365  1.00 14.45  ? 40  LYS A CD  1 
ATOM   308  C CE  . LYS A 1 40  ? 10.730  9.606   18.439  1.00 12.57  ? 40  LYS A CE  1 
ATOM   309  N NZ  . LYS A 1 40  ? 9.659   9.317   19.442  1.00 12.98  ? 40  LYS A NZ  1 
ATOM   310  N N   . GLY A 1 41  ? 15.158  7.903   15.437  1.00 22.80  ? 41  GLY A N   1 
ATOM   311  C CA  . GLY A 1 41  ? 16.303  7.487   16.220  1.00 23.92  ? 41  GLY A CA  1 
ATOM   312  C C   . GLY A 1 41  ? 17.479  7.034   15.410  1.00 26.72  ? 41  GLY A C   1 
ATOM   313  O O   . GLY A 1 41  ? 18.572  6.867   15.967  1.00 27.17  ? 41  GLY A O   1 
ATOM   314  N N   . HIS A 1 42  ? 17.272  6.822   14.110  1.00 28.22  ? 42  HIS A N   1 
ATOM   315  C CA  . HIS A 1 42  ? 18.338  6.376   13.217  1.00 30.97  ? 42  HIS A CA  1 
ATOM   316  C C   . HIS A 1 42  ? 18.565  7.313   12.072  1.00 33.12  ? 42  HIS A C   1 
ATOM   317  O O   . HIS A 1 42  ? 17.682  8.082   11.703  1.00 34.43  ? 42  HIS A O   1 
ATOM   318  C CB  . HIS A 1 42  ? 18.008  5.019   12.637  1.00 30.09  ? 42  HIS A CB  1 
ATOM   319  C CG  . HIS A 1 42  ? 17.792  3.978   13.668  1.00 31.70  ? 42  HIS A CG  1 
ATOM   320  N ND1 . HIS A 1 42  ? 16.654  3.926   14.445  1.00 32.66  ? 42  HIS A ND1 1 
ATOM   321  C CD2 . HIS A 1 42  ? 18.563  2.940   14.060  1.00 31.62  ? 42  HIS A CD2 1 
ATOM   322  C CE1 . HIS A 1 42  ? 16.729  2.891   15.259  1.00 32.10  ? 42  HIS A CE1 1 
ATOM   323  N NE2 . HIS A 1 42  ? 17.877  2.278   15.043  1.00 32.48  ? 42  HIS A NE2 1 
ATOM   324  N N   . THR A 1 43  ? 19.717  7.168   11.434  1.00 36.31  ? 43  THR A N   1 
ATOM   325  C CA  . THR A 1 43  ? 20.076  8.011   10.310  1.00 39.58  ? 43  THR A CA  1 
ATOM   326  C C   . THR A 1 43  ? 20.614  7.198   9.126   1.00 41.59  ? 43  THR A C   1 
ATOM   327  O O   . THR A 1 43  ? 21.087  7.767   8.128   1.00 41.68  ? 43  THR A O   1 
ATOM   328  C CB  . THR A 1 43  ? 21.161  9.002   10.745  1.00 40.37  ? 43  THR A CB  1 
ATOM   329  O OG1 . THR A 1 43  ? 22.268  8.281   11.296  1.00 43.13  ? 43  THR A OG1 1 
ATOM   330  C CG2 . THR A 1 43  ? 20.628  9.944   11.813  1.00 41.46  ? 43  THR A CG2 1 
ATOM   331  N N   . GLU A 1 44  ? 20.454  5.881   9.171   1.00 42.40  ? 44  GLU A N   1 
ATOM   332  C CA  . GLU A 1 44  ? 21.021  5.073   8.109   1.00 43.12  ? 44  GLU A CA  1 
ATOM   333  C C   . GLU A 1 44  ? 20.430  3.710   7.848   1.00 41.68  ? 44  GLU A C   1 
ATOM   334  O O   . GLU A 1 44  ? 19.808  3.114   8.722   1.00 40.56  ? 44  GLU A O   1 
ATOM   335  C CB  . GLU A 1 44  ? 22.502  4.843   8.444   1.00 46.57  ? 44  GLU A CB  1 
ATOM   336  C CG  . GLU A 1 44  ? 22.770  3.859   9.634   1.00 48.93  ? 44  GLU A CG  1 
ATOM   337  C CD  . GLU A 1 44  ? 22.524  4.456   11.037  1.00 51.28  ? 44  GLU A CD  1 
ATOM   338  O OE1 . GLU A 1 44  ? 21.350  4.558   11.473  1.00 50.33  ? 44  GLU A OE1 1 
ATOM   339  O OE2 . GLU A 1 44  ? 23.527  4.791   11.711  1.00 51.64  ? 44  GLU A OE2 1 
ATOM   340  N N   . LEU A 1 45  ? 20.584  3.251   6.611   1.00 41.63  ? 45  LEU A N   1 
ATOM   341  C CA  . LEU A 1 45  ? 20.220  1.883   6.286   1.00 42.47  ? 45  LEU A CA  1 
ATOM   342  C C   . LEU A 1 45  ? 21.565  1.234   6.604   1.00 41.71  ? 45  LEU A C   1 
ATOM   343  O O   . LEU A 1 45  ? 22.631  1.886   6.539   1.00 43.27  ? 45  LEU A O   1 
ATOM   344  C CB  . LEU A 1 45  ? 19.998  1.597   4.801   1.00 44.50  ? 45  LEU A CB  1 
ATOM   345  C CG  . LEU A 1 45  ? 18.824  1.966   3.923   1.00 46.89  ? 45  LEU A CG  1 
ATOM   346  C CD1 . LEU A 1 45  ? 19.326  3.120   3.097   1.00 49.59  ? 45  LEU A CD1 1 
ATOM   347  C CD2 . LEU A 1 45  ? 18.477  0.815   2.998   1.00 45.50  ? 45  LEU A CD2 1 
ATOM   348  N N   . TYR A 1 46  ? 21.532  -0.060  6.855   1.00 39.66  ? 46  TYR A N   1 
ATOM   349  C CA  . TYR A 1 46  ? 22.736  -0.781  7.172   1.00 35.51  ? 46  TYR A CA  1 
ATOM   350  C C   . TYR A 1 46  ? 23.604  -0.178  8.290   1.00 35.38  ? 46  TYR A C   1 
ATOM   351  O O   . TYR A 1 46  ? 24.418  0.736   8.087   1.00 32.66  ? 46  TYR A O   1 
ATOM   352  C CB  . TYR A 1 46  ? 23.595  -0.985  5.913   1.00 32.48  ? 46  TYR A CB  1 
ATOM   353  C CG  . TYR A 1 46  ? 24.481  -2.168  6.116   1.00 26.84  ? 46  TYR A CG  1 
ATOM   354  C CD1 . TYR A 1 46  ? 23.972  -3.456  5.991   1.00 27.61  ? 46  TYR A CD1 1 
ATOM   355  C CD2 . TYR A 1 46  ? 25.790  -2.007  6.565   1.00 26.43  ? 46  TYR A CD2 1 
ATOM   356  C CE1 . TYR A 1 46  ? 24.742  -4.571  6.319   1.00 29.22  ? 46  TYR A CE1 1 
ATOM   357  C CE2 . TYR A 1 46  ? 26.573  -3.122  6.896   1.00 27.63  ? 46  TYR A CE2 1 
ATOM   358  C CZ  . TYR A 1 46  ? 26.035  -4.391  6.769   1.00 27.44  ? 46  TYR A CZ  1 
ATOM   359  O OH  . TYR A 1 46  ? 26.760  -5.499  7.119   1.00 29.69  ? 46  TYR A OH  1 
ATOM   360  N N   . ARG A 1 47  ? 23.370  -0.668  9.493   1.00 35.71  ? 47  ARG A N   1 
ATOM   361  C CA  . ARG A 1 47  ? 24.171  -0.267  10.641  1.00 38.34  ? 47  ARG A CA  1 
ATOM   362  C C   . ARG A 1 47  ? 25.136  -1.459  10.813  1.00 39.79  ? 47  ARG A C   1 
ATOM   363  O O   . ARG A 1 47  ? 26.219  -1.324  11.369  1.00 42.25  ? 47  ARG A O   1 
ATOM   364  C CB  . ARG A 1 47  ? 23.292  -0.069  11.878  1.00 37.07  ? 47  ARG A CB  1 
ATOM   365  C CG  . ARG A 1 47  ? 22.171  0.903   11.671  1.00 37.77  ? 47  ARG A CG  1 
ATOM   366  C CD  . ARG A 1 47  ? 21.427  1.169   12.956  1.00 39.06  ? 47  ARG A CD  1 
ATOM   367  N NE  . ARG A 1 47  ? 20.263  0.308   13.158  1.00 39.95  ? 47  ARG A NE  1 
ATOM   368  C CZ  . ARG A 1 47  ? 19.986  -0.320  14.296  1.00 39.83  ? 47  ARG A CZ  1 
ATOM   369  N NH1 . ARG A 1 47  ? 20.815  -0.178  15.323  1.00 41.99  ? 47  ARG A NH1 1 
ATOM   370  N NH2 . ARG A 1 47  ? 18.889  -1.075  14.421  1.00 34.93  ? 47  ARG A NH2 1 
ATOM   371  N N   . GLY A 1 48  ? 24.730  -2.613  10.274  1.00 40.77  ? 48  GLY A N   1 
ATOM   372  C CA  . GLY A 1 48  ? 25.520  -3.826  10.329  1.00 42.48  ? 48  GLY A CA  1 
ATOM   373  C C   . GLY A 1 48  ? 26.038  -4.187  11.708  1.00 43.86  ? 48  GLY A C   1 
ATOM   374  O O   . GLY A 1 48  ? 27.236  -4.432  11.889  1.00 45.81  ? 48  GLY A O   1 
ATOM   375  N N   . ALA A 1 49  ? 25.155  -4.164  12.696  1.00 42.84  ? 49  ALA A N   1 
ATOM   376  C CA  . ALA A 1 49  ? 25.551  -4.515  14.049  1.00 41.88  ? 49  ALA A CA  1 
ATOM   377  C C   . ALA A 1 49  ? 25.401  -6.030  14.181  1.00 41.06  ? 49  ALA A C   1 
ATOM   378  O O   . ALA A 1 49  ? 24.670  -6.653  13.398  1.00 39.82  ? 49  ALA A O   1 
ATOM   379  C CB  . ALA A 1 49  ? 24.687  -3.782  15.067  1.00 42.59  ? 49  ALA A CB  1 
ATOM   380  N N   . GLU A 1 50  ? 26.085  -6.619  15.161  1.00 39.29  ? 50  GLU A N   1 
ATOM   381  C CA  . GLU A 1 50  ? 26.040  -8.064  15.338  1.00 39.00  ? 50  GLU A CA  1 
ATOM   382  C C   . GLU A 1 50  ? 24.757  -8.620  15.930  1.00 36.01  ? 50  GLU A C   1 
ATOM   383  O O   . GLU A 1 50  ? 24.265  -9.661  15.493  1.00 36.42  ? 50  GLU A O   1 
ATOM   384  C CB  . GLU A 1 50  ? 27.259  -8.533  16.138  1.00 42.11  ? 50  GLU A CB  1 
ATOM   385  C CG  . GLU A 1 50  ? 27.997  -9.692  15.459  1.00 47.91  ? 50  GLU A CG  1 
ATOM   386  C CD  . GLU A 1 50  ? 29.495  -9.745  15.786  1.00 49.43  ? 50  GLU A CD  1 
ATOM   387  O OE1 . GLU A 1 50  ? 29.841  -10.045 16.952  1.00 50.48  ? 50  GLU A OE1 1 
ATOM   388  O OE2 . GLU A 1 50  ? 30.320  -9.496  14.866  1.00 50.30  ? 50  GLU A OE2 1 
ATOM   389  N N   . TYR A 1 51  ? 24.218  -7.923  16.923  1.00 33.80  ? 51  TYR A N   1 
ATOM   390  C CA  . TYR A 1 51  ? 23.002  -8.352  17.594  1.00 32.64  ? 51  TYR A CA  1 
ATOM   391  C C   . TYR A 1 51  ? 21.770  -7.491  17.295  1.00 31.48  ? 51  TYR A C   1 
ATOM   392  O O   . TYR A 1 51  ? 20.633  -7.978  17.370  1.00 32.38  ? 51  TYR A O   1 
ATOM   393  C CB  . TYR A 1 51  ? 23.275  -8.459  19.104  1.00 32.07  ? 51  TYR A CB  1 
ATOM   394  C CG  . TYR A 1 51  ? 24.166  -9.649  19.410  1.00 32.56  ? 51  TYR A CG  1 
ATOM   395  C CD1 . TYR A 1 51  ? 25.541  -9.554  19.275  1.00 33.95  ? 51  TYR A CD1 1 
ATOM   396  C CD2 . TYR A 1 51  ? 23.627  -10.884 19.769  1.00 33.28  ? 51  TYR A CD2 1 
ATOM   397  C CE1 . TYR A 1 51  ? 26.361  -10.650 19.483  1.00 34.55  ? 51  TYR A CE1 1 
ATOM   398  C CE2 . TYR A 1 51  ? 24.439  -11.992 19.980  1.00 32.82  ? 51  TYR A CE2 1 
ATOM   399  C CZ  . TYR A 1 51  ? 25.813  -11.862 19.835  1.00 35.89  ? 51  TYR A CZ  1 
ATOM   400  O OH  . TYR A 1 51  ? 26.671  -12.927 20.051  1.00 36.51  ? 51  TYR A OH  1 
ATOM   401  N N   . MET A 1 52  ? 21.978  -6.226  16.951  1.00 30.35  ? 52  MET A N   1 
ATOM   402  C CA  . MET A 1 52  ? 20.849  -5.365  16.601  1.00 31.06  ? 52  MET A CA  1 
ATOM   403  C C   . MET A 1 52  ? 20.342  -5.793  15.218  1.00 29.98  ? 52  MET A C   1 
ATOM   404  O O   . MET A 1 52  ? 21.079  -6.400  14.435  1.00 30.92  ? 52  MET A O   1 
ATOM   405  C CB  . MET A 1 52  ? 21.267  -3.901  16.529  1.00 32.33  ? 52  MET A CB  1 
ATOM   406  C CG  . MET A 1 52  ? 21.301  -3.161  17.845  1.00 37.88  ? 52  MET A CG  1 
ATOM   407  S SD  . MET A 1 52  ? 21.886  -1.456  17.619  1.00 41.48  ? 52  MET A SD  1 
ATOM   408  C CE  . MET A 1 52  ? 23.630  -1.769  17.306  1.00 40.81  ? 52  MET A CE  1 
ATOM   409  N N   . VAL A 1 53  ? 19.104  -5.439  14.913  1.00 27.38  ? 53  VAL A N   1 
ATOM   410  C CA  . VAL A 1 53  ? 18.487  -5.751  13.635  1.00 27.30  ? 53  VAL A CA  1 
ATOM   411  C C   . VAL A 1 53  ? 18.036  -4.385  13.011  1.00 26.22  ? 53  VAL A C   1 
ATOM   412  O O   . VAL A 1 53  ? 17.542  -3.504  13.729  1.00 25.83  ? 53  VAL A O   1 
ATOM   413  C CB  . VAL A 1 53  ? 17.339  -6.812  13.866  1.00 27.52  ? 53  VAL A CB  1 
ATOM   414  C CG1 . VAL A 1 53  ? 15.998  -6.162  14.040  1.00 26.56  ? 53  VAL A CG1 1 
ATOM   415  C CG2 . VAL A 1 53  ? 17.346  -7.860  12.775  1.00 28.97  ? 53  VAL A CG2 1 
ATOM   416  N N   . ASP A 1 54  ? 18.219  -4.182  11.703  1.00 23.20  ? 54  ASP A N   1 
ATOM   417  C CA  . ASP A 1 54  ? 17.864  -2.880  11.114  1.00 20.73  ? 54  ASP A CA  1 
ATOM   418  C C   . ASP A 1 54  ? 16.469  -2.739  10.516  1.00 19.89  ? 54  ASP A C   1 
ATOM   419  O O   . ASP A 1 54  ? 16.092  -1.634  10.130  1.00 20.18  ? 54  ASP A O   1 
ATOM   420  C CB  . ASP A 1 54  ? 18.845  -2.468  10.013  1.00 21.61  ? 54  ASP A CB  1 
ATOM   421  C CG  . ASP A 1 54  ? 20.272  -2.574  10.431  1.00 21.40  ? 54  ASP A CG  1 
ATOM   422  O OD1 . ASP A 1 54  ? 20.546  -2.626  11.653  1.00 20.77  ? 54  ASP A OD1 1 
ATOM   423  O OD2 . ASP A 1 54  ? 21.116  -2.614  9.512   1.00 20.72  ? 54  ASP A OD2 1 
ATOM   424  N N   . PHE A 1 55  ? 15.738  -3.839  10.365  1.00 17.15  ? 55  PHE A N   1 
ATOM   425  C CA  . PHE A 1 55  ? 14.422  -3.756  9.773   1.00 16.31  ? 55  PHE A CA  1 
ATOM   426  C C   . PHE A 1 55  ? 13.264  -3.410  10.717  1.00 17.36  ? 55  PHE A C   1 
ATOM   427  O O   . PHE A 1 55  ? 13.367  -3.517  11.941  1.00 15.70  ? 55  PHE A O   1 
ATOM   428  C CB  . PHE A 1 55  ? 14.111  -5.035  8.997   1.00 19.01  ? 55  PHE A CB  1 
ATOM   429  C CG  . PHE A 1 55  ? 13.941  -6.232  9.862   1.00 22.30  ? 55  PHE A CG  1 
ATOM   430  C CD1 . PHE A 1 55  ? 12.726  -6.473  10.501  1.00 23.82  ? 55  PHE A CD1 1 
ATOM   431  C CD2 . PHE A 1 55  ? 15.001  -7.121  10.052  1.00 24.25  ? 55  PHE A CD2 1 
ATOM   432  C CE1 . PHE A 1 55  ? 12.567  -7.581  11.324  1.00 25.40  ? 55  PHE A CE1 1 
ATOM   433  C CE2 . PHE A 1 55  ? 14.863  -8.233  10.868  1.00 23.61  ? 55  PHE A CE2 1 
ATOM   434  C CZ  . PHE A 1 55  ? 13.648  -8.471  11.510  1.00 26.04  ? 55  PHE A CZ  1 
ATOM   435  N N   . LEU A 1 56  ? 12.153  -2.994  10.109  1.00 15.84  ? 56  LEU A N   1 
ATOM   436  C CA  . LEU A 1 56  ? 10.933  -2.667  10.817  1.00 14.49  ? 56  LEU A CA  1 
ATOM   437  C C   . LEU A 1 56  ? 9.838   -3.365  10.011  1.00 14.34  ? 56  LEU A C   1 
ATOM   438  O O   . LEU A 1 56  ? 9.898   -3.422  8.786   1.00 13.55  ? 56  LEU A O   1 
ATOM   439  C CB  . LEU A 1 56  ? 10.714  -1.164  10.788  1.00 12.92  ? 56  LEU A CB  1 
ATOM   440  C CG  . LEU A 1 56  ? 10.537  -0.323  12.052  1.00 18.05  ? 56  LEU A CG  1 
ATOM   441  C CD1 . LEU A 1 56  ? 11.119  -0.881  13.320  1.00 12.99  ? 56  LEU A CD1 1 
ATOM   442  C CD2 . LEU A 1 56  ? 11.070  1.019   11.722  1.00 16.28  ? 56  LEU A CD2 1 
ATOM   443  N N   . PRO A 1 57  ? 8.938   -4.061  10.699  1.00 14.47  ? 57  PRO A N   1 
ATOM   444  C CA  . PRO A 1 57  ? 7.862   -4.725  9.965   1.00 13.70  ? 57  PRO A CA  1 
ATOM   445  C C   . PRO A 1 57  ? 6.948   -3.676  9.301   1.00 11.44  ? 57  PRO A C   1 
ATOM   446  O O   . PRO A 1 57  ? 6.632   -2.650  9.907   1.00 9.12   ? 57  PRO A O   1 
ATOM   447  C CB  . PRO A 1 57  ? 7.116   -5.491  11.069  1.00 16.49  ? 57  PRO A CB  1 
ATOM   448  C CG  . PRO A 1 57  ? 7.555   -4.774  12.382  1.00 14.70  ? 57  PRO A CG  1 
ATOM   449  C CD  . PRO A 1 57  ? 8.966   -4.449  12.123  1.00 13.68  ? 57  PRO A CD  1 
ATOM   450  N N   . LYS A 1 58  ? 6.552   -3.930  8.061   1.00 10.23  ? 58  LYS A N   1 
ATOM   451  C CA  . LYS A 1 58  ? 5.644   -3.040  7.335   1.00 9.31   ? 58  LYS A CA  1 
ATOM   452  C C   . LYS A 1 58  ? 4.555   -3.903  6.690   1.00 8.64   ? 58  LYS A C   1 
ATOM   453  O O   . LYS A 1 58  ? 4.624   -5.142  6.686   1.00 8.99   ? 58  LYS A O   1 
ATOM   454  C CB  . LYS A 1 58  ? 6.369   -2.214  6.241   1.00 8.52   ? 58  LYS A CB  1 
ATOM   455  C CG  . LYS A 1 58  ? 7.400   -1.224  6.771   1.00 11.82  ? 58  LYS A CG  1 
ATOM   456  C CD  . LYS A 1 58  ? 6.793   -0.144  7.627   1.00 14.08  ? 58  LYS A CD  1 
ATOM   457  C CE  . LYS A 1 58  ? 7.944   0.641   8.280   1.00 16.94  ? 58  LYS A CE  1 
ATOM   458  N NZ  . LYS A 1 58  ? 7.589   2.040   8.645   1.00 14.90  ? 58  LYS A NZ  1 
ATOM   459  N N   . VAL A 1 59  ? 3.533   -3.233  6.183   1.00 7.05   ? 59  VAL A N   1 
ATOM   460  C CA  . VAL A 1 59  ? 2.430   -3.906  5.536   1.00 10.47  ? 59  VAL A CA  1 
ATOM   461  C C   . VAL A 1 59  ? 2.300   -3.308  4.129   1.00 9.51   ? 59  VAL A C   1 
ATOM   462  O O   . VAL A 1 59  ? 2.264   -2.079  3.975   1.00 10.51  ? 59  VAL A O   1 
ATOM   463  C CB  . VAL A 1 59  ? 1.069   -3.711  6.373   1.00 9.57   ? 59  VAL A CB  1 
ATOM   464  C CG1 . VAL A 1 59  ? -0.149  -3.845  5.493   1.00 14.31  ? 59  VAL A CG1 1 
ATOM   465  C CG2 . VAL A 1 59  ? 0.985   -4.763  7.449   1.00 15.22  ? 59  VAL A CG2 1 
ATOM   466  N N   . LYS A 1 60  ? 2.298   -4.157  3.106   1.00 8.31   ? 60  LYS A N   1 
ATOM   467  C CA  . LYS A 1 60  ? 2.081   -3.636  1.765   1.00 9.03   ? 60  LYS A CA  1 
ATOM   468  C C   . LYS A 1 60  ? 0.673   -3.950  1.310   1.00 9.39   ? 60  LYS A C   1 
ATOM   469  O O   . LYS A 1 60  ? 0.235   -5.101  1.375   1.00 7.16   ? 60  LYS A O   1 
ATOM   470  C CB  . LYS A 1 60  ? 3.064   -4.209  0.748   1.00 9.34   ? 60  LYS A CB  1 
ATOM   471  C CG  . LYS A 1 60  ? 2.750   -3.731  -0.723  1.00 10.52  ? 60  LYS A CG  1 
ATOM   472  C CD  . LYS A 1 60  ? 3.226   -4.787  -1.741  1.00 14.46  ? 60  LYS A CD  1 
ATOM   473  C CE  . LYS A 1 60  ? 4.634   -4.495  -2.159  1.00 18.63  ? 60  LYS A CE  1 
ATOM   474  N NZ  . LYS A 1 60  ? 5.100   -5.594  -3.065  1.00 23.51  ? 60  LYS A NZ  1 
ATOM   475  N N   . ILE A 1 61  ? -0.077  -2.904  0.944   1.00 10.71  ? 61  ILE A N   1 
ATOM   476  C CA  . ILE A 1 61  ? -1.448  -3.080  0.403   1.00 10.48  ? 61  ILE A CA  1 
ATOM   477  C C   . ILE A 1 61  ? -1.404  -2.937  -1.135  1.00 9.29   ? 61  ILE A C   1 
ATOM   478  O O   . ILE A 1 61  ? -0.677  -2.082  -1.649  1.00 6.90   ? 61  ILE A O   1 
ATOM   479  C CB  . ILE A 1 61  ? -2.448  -2.023  0.975   1.00 12.43  ? 61  ILE A CB  1 
ATOM   480  C CG1 . ILE A 1 61  ? -2.679  -2.317  2.456   1.00 13.64  ? 61  ILE A CG1 1 
ATOM   481  C CG2 . ILE A 1 61  ? -3.812  -2.037  0.199   1.00 13.36  ? 61  ILE A CG2 1 
ATOM   482  C CD1 . ILE A 1 61  ? -2.892  -1.114  3.218   1.00 17.48  ? 61  ILE A CD1 1 
ATOM   483  N N   . GLU A 1 62  ? -2.117  -3.821  -1.852  1.00 7.20   ? 62  GLU A N   1 
ATOM   484  C CA  . GLU A 1 62  ? -2.226  -3.736  -3.313  1.00 8.50   ? 62  GLU A CA  1 
ATOM   485  C C   . GLU A 1 62  ? -3.700  -3.821  -3.709  1.00 10.97  ? 62  GLU A C   1 
ATOM   486  O O   . GLU A 1 62  ? -4.423  -4.773  -3.309  1.00 9.07   ? 62  GLU A O   1 
ATOM   487  C CB  . GLU A 1 62  ? -1.507  -4.881  -4.021  1.00 9.74   ? 62  GLU A CB  1 
ATOM   488  C CG  . GLU A 1 62  ? -0.027  -5.019  -3.698  1.00 12.00  ? 62  GLU A CG  1 
ATOM   489  C CD  . GLU A 1 62  ? 0.579   -6.273  -4.319  1.00 16.32  ? 62  GLU A CD  1 
ATOM   490  O OE1 . GLU A 1 62  ? 0.291   -7.381  -3.858  1.00 18.33  ? 62  GLU A OE1 1 
ATOM   491  O OE2 . GLU A 1 62  ? 1.330   -6.163  -5.292  1.00 20.35  ? 62  GLU A OE2 1 
ATOM   492  N N   . ILE A 1 63  ? -4.172  -2.781  -4.400  1.00 11.08  ? 63  ILE A N   1 
ATOM   493  C CA  . ILE A 1 63  ? -5.521  -2.762  -4.936  1.00 11.38  ? 63  ILE A CA  1 
ATOM   494  C C   . ILE A 1 63  ? -5.388  -2.403  -6.425  1.00 11.00  ? 63  ILE A C   1 
ATOM   495  O O   . ILE A 1 63  ? -4.406  -1.807  -6.836  1.00 7.49   ? 63  ILE A O   1 
ATOM   496  C CB  . ILE A 1 63  ? -6.457  -1.766  -4.210  1.00 14.29  ? 63  ILE A CB  1 
ATOM   497  C CG1 . ILE A 1 63  ? -5.872  -0.349  -4.270  1.00 15.11  ? 63  ILE A CG1 1 
ATOM   498  C CG2 . ILE A 1 63  ? -6.668  -2.222  -2.729  1.00 12.05  ? 63  ILE A CG2 1 
ATOM   499  C CD1 . ILE A 1 63  ? -6.757  0.802   -3.720  1.00 15.21  ? 63  ILE A CD1 1 
ATOM   500  N N   . VAL A 1 64  ? -6.325  -2.858  -7.243  1.00 11.86  ? 64  VAL A N   1 
ATOM   501  C CA  . VAL A 1 64  ? -6.337  -2.548  -8.669  1.00 9.82   ? 64  VAL A CA  1 
ATOM   502  C C   . VAL A 1 64  ? -7.723  -1.888  -8.893  1.00 13.01  ? 64  VAL A C   1 
ATOM   503  O O   . VAL A 1 64  ? -8.790  -2.512  -8.670  1.00 12.48  ? 64  VAL A O   1 
ATOM   504  C CB  . VAL A 1 64  ? -6.148  -3.792  -9.549  1.00 10.75  ? 64  VAL A CB  1 
ATOM   505  C CG1 . VAL A 1 64  ? -6.342  -3.425  -11.068 1.00 11.75  ? 64  VAL A CG1 1 
ATOM   506  C CG2 . VAL A 1 64  ? -4.770  -4.408  -9.296  1.00 9.67   ? 64  VAL A CG2 1 
ATOM   507  N N   . VAL A 1 65  ? -7.687  -0.614  -9.276  1.00 9.66   ? 65  VAL A N   1 
ATOM   508  C CA  . VAL A 1 65  ? -8.904  0.175   -9.456  1.00 13.25  ? 65  VAL A CA  1 
ATOM   509  C C   . VAL A 1 65  ? -9.013  0.979   -10.793 1.00 13.00  ? 65  VAL A C   1 
ATOM   510  O O   . VAL A 1 65  ? -8.034  1.159   -11.538 1.00 10.42  ? 65  VAL A O   1 
ATOM   511  C CB  . VAL A 1 65  ? -9.010  1.232   -8.289  1.00 12.52  ? 65  VAL A CB  1 
ATOM   512  C CG1 . VAL A 1 65  ? -9.081  0.540   -6.895  1.00 12.97  ? 65  VAL A CG1 1 
ATOM   513  C CG2 . VAL A 1 65  ? -7.793  2.172   -8.329  1.00 13.41  ? 65  VAL A CG2 1 
ATOM   514  N N   . PRO A 1 66  ? -10.233 1.454   -11.106 1.00 16.51  ? 66  PRO A N   1 
ATOM   515  C CA  . PRO A 1 66  ? -10.480 2.252   -12.313 1.00 14.44  ? 66  PRO A CA  1 
ATOM   516  C C   . PRO A 1 66  ? -9.724  3.558   -12.176 1.00 13.97  ? 66  PRO A C   1 
ATOM   517  O O   . PRO A 1 66  ? -9.495  4.050   -11.071 1.00 11.46  ? 66  PRO A O   1 
ATOM   518  C CB  . PRO A 1 66  ? -11.979 2.490   -12.267 1.00 13.66  ? 66  PRO A CB  1 
ATOM   519  C CG  . PRO A 1 66  ? -12.477 1.219   -11.700 1.00 17.53  ? 66  PRO A CG  1 
ATOM   520  C CD  . PRO A 1 66  ? -11.504 0.939   -10.556 1.00 15.60  ? 66  PRO A CD  1 
ATOM   521  N N   . ASP A 1 67  ? -9.313  4.100   -13.309 1.00 13.12  ? 67  ASP A N   1 
ATOM   522  C CA  . ASP A 1 67  ? -8.547  5.335   -13.324 1.00 14.62  ? 67  ASP A CA  1 
ATOM   523  C C   . ASP A 1 67  ? -9.205  6.472   -12.591 1.00 15.09  ? 67  ASP A C   1 
ATOM   524  O O   . ASP A 1 67  ? -8.514  7.282   -11.969 1.00 18.54  ? 67  ASP A O   1 
ATOM   525  C CB  . ASP A 1 67  ? -8.282  5.775   -14.771 1.00 13.65  ? 67  ASP A CB  1 
ATOM   526  C CG  . ASP A 1 67  ? -7.296  4.888   -15.484 1.00 14.35  ? 67  ASP A CG  1 
ATOM   527  O OD1 . ASP A 1 67  ? -6.672  4.027   -14.852 1.00 11.13  ? 67  ASP A OD1 1 
ATOM   528  O OD2 . ASP A 1 67  ? -7.122  5.058   -16.694 1.00 17.46  ? 67  ASP A OD2 1 
ATOM   529  N N   . ASP A 1 68  ? -10.524 6.573   -12.708 1.00 17.99  ? 68  ASP A N   1 
ATOM   530  C CA  . ASP A 1 68  ? -11.278 7.661   -12.081 1.00 19.28  ? 68  ASP A CA  1 
ATOM   531  C C   . ASP A 1 68  ? -11.343 7.670   -10.577 1.00 18.98  ? 68  ASP A C   1 
ATOM   532  O O   . ASP A 1 68  ? -11.585 8.733   -9.974  1.00 17.90  ? 68  ASP A O   1 
ATOM   533  C CB  . ASP A 1 68  ? -12.680 7.752   -12.658 1.00 20.31  ? 68  ASP A CB  1 
ATOM   534  C CG  . ASP A 1 68  ? -12.663 8.110   -14.102 1.00 22.77  ? 68  ASP A CG  1 
ATOM   535  O OD1 . ASP A 1 68  ? -11.949 9.049   -14.511 1.00 27.04  ? 68  ASP A OD1 1 
ATOM   536  O OD2 . ASP A 1 68  ? -13.341 7.429   -14.855 1.00 26.07  ? 68  ASP A OD2 1 
ATOM   537  N N   . ILE A 1 69  ? -11.122 6.518   -9.951  1.00 17.87  ? 69  ILE A N   1 
ATOM   538  C CA  . ILE A 1 69  ? -11.126 6.514   -8.487  1.00 18.09  ? 69  ILE A CA  1 
ATOM   539  C C   . ILE A 1 69  ? -9.734  6.453   -7.843  1.00 17.27  ? 69  ILE A C   1 
ATOM   540  O O   . ILE A 1 69  ? -9.632  6.449   -6.618  1.00 17.68  ? 69  ILE A O   1 
ATOM   541  C CB  . ILE A 1 69  ? -12.066 5.465   -7.839  1.00 18.04  ? 69  ILE A CB  1 
ATOM   542  C CG1 . ILE A 1 69  ? -11.541 4.054   -8.050  1.00 17.54  ? 69  ILE A CG1 1 
ATOM   543  C CG2 . ILE A 1 69  ? -13.491 5.621   -8.384  1.00 17.53  ? 69  ILE A CG2 1 
ATOM   544  C CD1 . ILE A 1 69  ? -12.354 3.024   -7.274  1.00 23.06  ? 69  ILE A CD1 1 
ATOM   545  N N   . VAL A 1 70  ? -8.682  6.562   -8.652  1.00 16.49  ? 70  VAL A N   1 
ATOM   546  C CA  . VAL A 1 70  ? -7.316  6.530   -8.146  1.00 13.52  ? 70  VAL A CA  1 
ATOM   547  C C   . VAL A 1 70  ? -7.103  7.665   -7.164  1.00 16.38  ? 70  VAL A C   1 
ATOM   548  O O   . VAL A 1 70  ? -6.693  7.417   -6.034  1.00 14.72  ? 70  VAL A O   1 
ATOM   549  C CB  . VAL A 1 70  ? -6.235  6.585   -9.297  1.00 14.95  ? 70  VAL A CB  1 
ATOM   550  C CG1 . VAL A 1 70  ? -4.817  6.811   -8.730  1.00 14.78  ? 70  VAL A CG1 1 
ATOM   551  C CG2 . VAL A 1 70  ? -6.226  5.287   -10.080 1.00 15.65  ? 70  VAL A CG2 1 
ATOM   552  N N   . ASP A 1 71  ? -7.424  8.907   -7.548  1.00 16.29  ? 71  ASP A N   1 
ATOM   553  C CA  . ASP A 1 71  ? -7.201  10.020  -6.611  1.00 15.72  ? 71  ASP A CA  1 
ATOM   554  C C   . ASP A 1 71  ? -7.998  9.864   -5.322  1.00 14.29  ? 71  ASP A C   1 
ATOM   555  O O   . ASP A 1 71  ? -7.515  10.205  -4.258  1.00 15.91  ? 71  ASP A O   1 
ATOM   556  C CB  . ASP A 1 71  ? -7.501  11.371  -7.261  1.00 19.66  ? 71  ASP A CB  1 
ATOM   557  C CG  . ASP A 1 71  ? -6.446  11.773  -8.284  1.00 23.20  ? 71  ASP A CG  1 
ATOM   558  O OD1 . ASP A 1 71  ? -5.433  11.050  -8.446  1.00 27.55  ? 71  ASP A OD1 1 
ATOM   559  O OD2 . ASP A 1 71  ? -6.627  12.817  -8.928  1.00 26.53  ? 71  ASP A OD2 1 
ATOM   560  N N   . THR A 1 72  ? -9.209  9.340   -5.413  1.00 15.99  ? 72  THR A N   1 
ATOM   561  C CA  . THR A 1 72  ? -10.036 9.137   -4.218  1.00 17.38  ? 72  THR A CA  1 
ATOM   562  C C   . THR A 1 72  ? -9.355  8.094   -3.325  1.00 17.28  ? 72  THR A C   1 
ATOM   563  O O   . THR A 1 72  ? -9.277  8.293   -2.119  1.00 16.90  ? 72  THR A O   1 
ATOM   564  C CB  . THR A 1 72  ? -11.497 8.738   -4.578  1.00 17.74  ? 72  THR A CB  1 
ATOM   565  O OG1 . THR A 1 72  ? -12.153 9.885   -5.137  1.00 19.75  ? 72  THR A OG1 1 
ATOM   566  C CG2 . THR A 1 72  ? -12.301 8.249   -3.342  1.00 17.66  ? 72  THR A CG2 1 
ATOM   567  N N   . CYS A 1 73  ? -8.777  7.054   -3.924  1.00 15.70  ? 73  CYS A N   1 
ATOM   568  C CA  . CYS A 1 73  ? -8.068  6.008   -3.150  1.00 16.52  ? 73  CYS A CA  1 
ATOM   569  C C   . CYS A 1 73  ? -6.792  6.554   -2.491  1.00 15.44  ? 73  CYS A C   1 
ATOM   570  O O   . CYS A 1 73  ? -6.549  6.319   -1.303  1.00 14.01  ? 73  CYS A O   1 
ATOM   571  C CB  . CYS A 1 73  ? -7.726  4.824   -4.054  1.00 15.76  ? 73  CYS A CB  1 
ATOM   572  S SG  . CYS A 1 73  ? -9.157  3.832   -4.422  1.00 17.25  ? 73  CYS A SG  1 
ATOM   573  N N   . VAL A 1 74  ? -5.996  7.300   -3.263  1.00 13.51  ? 74  VAL A N   1 
ATOM   574  C CA  . VAL A 1 74  ? -4.766  7.917   -2.772  1.00 14.42  ? 74  VAL A CA  1 
ATOM   575  C C   . VAL A 1 74  ? -5.060  8.854   -1.565  1.00 15.54  ? 74  VAL A C   1 
ATOM   576  O O   . VAL A 1 74  ? -4.442  8.741   -0.494  1.00 12.24  ? 74  VAL A O   1 
ATOM   577  C CB  . VAL A 1 74  ? -4.078  8.704   -3.927  1.00 14.58  ? 74  VAL A CB  1 
ATOM   578  C CG1 . VAL A 1 74  ? -2.931  9.569   -3.403  1.00 16.98  ? 74  VAL A CG1 1 
ATOM   579  C CG2 . VAL A 1 74  ? -3.505  7.716   -4.965  1.00 17.78  ? 74  VAL A CG2 1 
ATOM   580  N N   . ASP A 1 75  ? -6.042  9.744   -1.750  1.00 14.90  ? 75  ASP A N   1 
ATOM   581  C CA  . ASP A 1 75  ? -6.481  10.693  -0.729  1.00 18.22  ? 75  ASP A CA  1 
ATOM   582  C C   . ASP A 1 75  ? -6.953  9.982   0.556   1.00 17.99  ? 75  ASP A C   1 
ATOM   583  O O   . ASP A 1 75  ? -6.604  10.423  1.686   1.00 15.29  ? 75  ASP A O   1 
ATOM   584  C CB  . ASP A 1 75  ? -7.629  11.531  -1.286  1.00 21.45  ? 75  ASP A CB  1 
ATOM   585  C CG  . ASP A 1 75  ? -7.747  12.881  -0.630  1.00 26.05  ? 75  ASP A CG  1 
ATOM   586  O OD1 . ASP A 1 75  ? -6.785  13.670  -0.740  1.00 28.80  ? 75  ASP A OD1 1 
ATOM   587  O OD2 . ASP A 1 75  ? -8.803  13.145  -0.011  1.00 29.04  ? 75  ASP A OD2 1 
ATOM   588  N N   . THR A 1 76  ? -7.710  8.890   0.392   1.00 14.73  ? 76  THR A N   1 
ATOM   589  C CA  . THR A 1 76  ? -8.193  8.185   1.575   1.00 16.41  ? 76  THR A CA  1 
ATOM   590  C C   . THR A 1 76  ? -7.093  7.385   2.275   1.00 14.20  ? 76  THR A C   1 
ATOM   591  O O   . THR A 1 76  ? -7.088  7.303   3.500   1.00 11.86  ? 76  THR A O   1 
ATOM   592  C CB  . THR A 1 76  ? -9.588  7.417   1.427   1.00 17.86  ? 76  THR A CB  1 
ATOM   593  O OG1 . THR A 1 76  ? -9.402  6.012   1.319   1.00 24.74  ? 76  THR A OG1 1 
ATOM   594  C CG2 . THR A 1 76  ? -10.412 7.912   0.295   1.00 14.35  ? 76  THR A CG2 1 
ATOM   595  N N   . ILE A 1 77  ? -6.126  6.874   1.514   1.00 13.30  ? 77  ILE A N   1 
ATOM   596  C CA  . ILE A 1 77  ? -4.994  6.188   2.118   1.00 14.21  ? 77  ILE A CA  1 
ATOM   597  C C   . ILE A 1 77  ? -4.128  7.159   2.947   1.00 13.40  ? 77  ILE A C   1 
ATOM   598  O O   . ILE A 1 77  ? -3.711  6.830   4.041   1.00 13.86  ? 77  ILE A O   1 
ATOM   599  C CB  . ILE A 1 77  ? -4.082  5.563   1.067   1.00 17.42  ? 77  ILE A CB  1 
ATOM   600  C CG1 . ILE A 1 77  ? -4.764  4.371   0.399   1.00 15.76  ? 77  ILE A CG1 1 
ATOM   601  C CG2 . ILE A 1 77  ? -2.795  5.095   1.726   1.00 17.43  ? 77  ILE A CG2 1 
ATOM   602  C CD1 . ILE A 1 77  ? -3.976  3.852   -0.815  1.00 18.38  ? 77  ILE A CD1 1 
ATOM   603  N N   . ILE A 1 78  ? -3.792  8.316   2.380   1.00 13.86  ? 78  ILE A N   1 
ATOM   604  C CA  . ILE A 1 78  ? -2.996  9.310   3.074   1.00 14.87  ? 78  ILE A CA  1 
ATOM   605  C C   . ILE A 1 78  ? -3.717  9.722   4.356   1.00 16.88  ? 78  ILE A C   1 
ATOM   606  O O   . ILE A 1 78  ? -3.134  9.725   5.422   1.00 17.62  ? 78  ILE A O   1 
ATOM   607  C CB  . ILE A 1 78  ? -2.799  10.568  2.221   1.00 14.45  ? 78  ILE A CB  1 
ATOM   608  C CG1 . ILE A 1 78  ? -1.956  10.279  0.976   1.00 15.43  ? 78  ILE A CG1 1 
ATOM   609  C CG2 . ILE A 1 78  ? -2.138  11.651  3.017   1.00 14.01  ? 78  ILE A CG2 1 
ATOM   610  C CD1 . ILE A 1 78  ? -2.081  11.404  -0.048  1.00 13.59  ? 78  ILE A CD1 1 
ATOM   611  N N   . ARG A 1 79  ? -4.987  10.078  4.242   1.00 17.54  ? 79  ARG A N   1 
ATOM   612  C CA  . ARG A 1 79  ? -5.764  10.492  5.394   1.00 18.69  ? 79  ARG A CA  1 
ATOM   613  C C   . ARG A 1 79  ? -5.766  9.510   6.568   1.00 18.72  ? 79  ARG A C   1 
ATOM   614  O O   . ARG A 1 79  ? -5.695  9.918   7.730   1.00 18.03  ? 79  ARG A O   1 
ATOM   615  C CB  . ARG A 1 79  ? -7.228  10.730  4.985   1.00 19.75  ? 79  ARG A CB  1 
ATOM   616  C CG  . ARG A 1 79  ? -8.067  11.337  6.106   1.00 22.40  ? 79  ARG A CG  1 
ATOM   617  C CD  . ARG A 1 79  ? -9.519  11.532  5.740   1.00 23.07  ? 79  ARG A CD  1 
ATOM   618  N NE  . ARG A 1 79  ? -10.231 10.257  5.784   1.00 28.51  ? 79  ARG A NE  1 
ATOM   619  C CZ  . ARG A 1 79  ? -10.908 9.769   4.752   1.00 31.00  ? 79  ARG A CZ  1 
ATOM   620  N NH1 . ARG A 1 79  ? -10.950 10.461  3.615   1.00 33.76  ? 79  ARG A NH1 1 
ATOM   621  N NH2 . ARG A 1 79  ? -11.541 8.603   4.842   1.00 30.48  ? 79  ARG A NH2 1 
ATOM   622  N N   . THR A 1 80  ? -5.908  8.228   6.256   1.00 16.95  ? 80  THR A N   1 
ATOM   623  C CA  . THR A 1 80  ? -5.998  7.186   7.271   1.00 16.43  ? 80  THR A CA  1 
ATOM   624  C C   . THR A 1 80  ? -4.675  6.541   7.704   1.00 18.71  ? 80  THR A C   1 
ATOM   625  O O   . THR A 1 80  ? -4.625  5.856   8.736   1.00 18.39  ? 80  THR A O   1 
ATOM   626  C CB  . THR A 1 80  ? -7.047  6.114   6.819   1.00 15.66  ? 80  THR A CB  1 
ATOM   627  O OG1 . THR A 1 80  ? -6.641  5.492   5.593   1.00 18.35  ? 80  THR A OG1 1 
ATOM   628  C CG2 . THR A 1 80  ? -8.357  6.794   6.486   1.00 16.29  ? 80  THR A CG2 1 
ATOM   629  N N   . ALA A 1 81  ? -3.620  6.734   6.904   1.00 16.63  ? 81  ALA A N   1 
ATOM   630  C CA  . ALA A 1 81  ? -2.301  6.155   7.182   1.00 15.80  ? 81  ALA A CA  1 
ATOM   631  C C   . ALA A 1 81  ? -1.267  7.150   7.731   1.00 15.64  ? 81  ALA A C   1 
ATOM   632  O O   . ALA A 1 81  ? -0.324  6.761   8.406   1.00 13.82  ? 81  ALA A O   1 
ATOM   633  C CB  . ALA A 1 81  ? -1.748  5.496   5.918   1.00 12.87  ? 81  ALA A CB  1 
ATOM   634  N N   . GLN A 1 82  ? -1.451  8.437   7.433   1.00 13.99  ? 82  GLN A N   1 
ATOM   635  C CA  . GLN A 1 82  ? -0.536  9.497   7.854   1.00 14.12  ? 82  GLN A CA  1 
ATOM   636  C C   . GLN A 1 82  ? -0.469  9.717   9.393   1.00 17.18  ? 82  GLN A C   1 
ATOM   637  O O   . GLN A 1 82  ? -1.495  9.698   10.059  1.00 18.09  ? 82  GLN A O   1 
ATOM   638  C CB  . GLN A 1 82  ? -1.045  10.753  7.199   1.00 15.93  ? 82  GLN A CB  1 
ATOM   639  C CG  . GLN A 1 82  ? -0.333  12.041  7.397   1.00 22.64  ? 82  GLN A CG  1 
ATOM   640  C CD  . GLN A 1 82  ? -1.084  13.137  6.624   1.00 25.95  ? 82  GLN A CD  1 
ATOM   641  O OE1 . GLN A 1 82  ? -2.194  13.573  7.020   1.00 28.47  ? 82  GLN A OE1 1 
ATOM   642  N NE2 . GLN A 1 82  ? -0.558  13.485  5.462   1.00 23.48  ? 82  GLN A NE2 1 
ATOM   643  N N   . THR A 1 83  ? 0.730   9.871   9.956   1.00 14.94  ? 83  THR A N   1 
ATOM   644  C CA  . THR A 1 83  ? 0.871   10.160  11.387  1.00 16.78  ? 83  THR A CA  1 
ATOM   645  C C   . THR A 1 83  ? 1.654   11.473  11.497  1.00 17.76  ? 83  THR A C   1 
ATOM   646  O O   . THR A 1 83  ? 1.739   12.063  12.560  1.00 17.63  ? 83  THR A O   1 
ATOM   647  C CB  . THR A 1 83  ? 1.683   9.051   12.148  1.00 13.53  ? 83  THR A CB  1 
ATOM   648  O OG1 . THR A 1 83  ? 3.028   9.031   11.652  1.00 14.60  ? 83  THR A OG1 1 
ATOM   649  C CG2 . THR A 1 83  ? 1.045   7.670   11.966  1.00 11.85  ? 83  THR A CG2 1 
ATOM   650  N N   . GLY A 1 84  ? 2.236   11.917  10.383  1.00 17.95  ? 84  GLY A N   1 
ATOM   651  C CA  . GLY A 1 84  ? 3.028   13.122  10.402  1.00 18.22  ? 84  GLY A CA  1 
ATOM   652  C C   . GLY A 1 84  ? 4.433   12.810  10.910  1.00 21.55  ? 84  GLY A C   1 
ATOM   653  O O   . GLY A 1 84  ? 5.249   13.712  11.067  1.00 25.54  ? 84  GLY A O   1 
ATOM   654  N N   . LYS A 1 85  ? 4.748   11.545  11.175  1.00 20.34  ? 85  LYS A N   1 
ATOM   655  C CA  . LYS A 1 85  ? 6.079   11.229  11.675  1.00 20.74  ? 85  LYS A CA  1 
ATOM   656  C C   . LYS A 1 85  ? 6.963   10.489  10.661  1.00 19.00  ? 85  LYS A C   1 
ATOM   657  O O   . LYS A 1 85  ? 6.539   10.200  9.545   1.00 20.47  ? 85  LYS A O   1 
ATOM   658  C CB  . LYS A 1 85  ? 5.951   10.505  13.035  1.00 21.41  ? 85  LYS A CB  1 
ATOM   659  C CG  . LYS A 1 85  ? 5.580   11.519  14.142  1.00 23.27  ? 85  LYS A CG  1 
ATOM   660  C CD  . LYS A 1 85  ? 4.871   10.925  15.344  1.00 25.03  ? 85  LYS A CD  1 
ATOM   661  C CE  . LYS A 1 85  ? 3.370   10.793  15.135  1.00 26.54  ? 85  LYS A CE  1 
ATOM   662  N NZ  . LYS A 1 85  ? 2.694   10.088  16.288  1.00 27.78  ? 85  LYS A NZ  1 
ATOM   663  N N   . ILE A 1 86  ? 8.210   10.240  11.027  1.00 17.89  ? 86  ILE A N   1 
ATOM   664  C CA  . ILE A 1 86  ? 9.131   9.544   10.155  1.00 18.27  ? 86  ILE A CA  1 
ATOM   665  C C   . ILE A 1 86  ? 8.641   8.121   9.925   1.00 16.42  ? 86  ILE A C   1 
ATOM   666  O O   . ILE A 1 86  ? 8.147   7.495   10.871  1.00 15.44  ? 86  ILE A O   1 
ATOM   667  C CB  . ILE A 1 86  ? 10.546  9.525   10.793  1.00 20.66  ? 86  ILE A CB  1 
ATOM   668  C CG1 . ILE A 1 86  ? 11.150  10.953  10.720  1.00 23.69  ? 86  ILE A CG1 1 
ATOM   669  C CG2 . ILE A 1 86  ? 11.436  8.429   10.147  1.00 21.44  ? 86  ILE A CG2 1 
ATOM   670  C CD1 . ILE A 1 86  ? 12.503  11.121  11.397  1.00 27.54  ? 86  ILE A CD1 1 
ATOM   671  N N   . GLY A 1 87  ? 8.758   7.632   8.681   1.00 14.25  ? 87  GLY A N   1 
ATOM   672  C CA  . GLY A 1 87  ? 8.361   6.267   8.348   1.00 14.16  ? 87  GLY A CA  1 
ATOM   673  C C   . GLY A 1 87  ? 6.928   5.990   7.913   1.00 11.47  ? 87  GLY A C   1 
ATOM   674  O O   . GLY A 1 87  ? 6.521   4.822   7.827   1.00 11.71  ? 87  GLY A O   1 
ATOM   675  N N   . ASP A 1 88  ? 6.165   7.030   7.593   1.00 11.26  ? 88  ASP A N   1 
ATOM   676  C CA  . ASP A 1 88  ? 4.777   6.835   7.143   1.00 11.35  ? 88  ASP A CA  1 
ATOM   677  C C   . ASP A 1 88  ? 4.634   6.041   5.817   1.00 11.26  ? 88  ASP A C   1 
ATOM   678  O O   . ASP A 1 88  ? 3.566   5.472   5.507   1.00 13.51  ? 88  ASP A O   1 
ATOM   679  C CB  . ASP A 1 88  ? 4.036   8.174   7.052   1.00 10.62  ? 88  ASP A CB  1 
ATOM   680  C CG  . ASP A 1 88  ? 3.564   8.680   8.395   1.00 12.26  ? 88  ASP A CG  1 
ATOM   681  O OD1 . ASP A 1 88  ? 3.728   7.978   9.409   1.00 13.23  ? 88  ASP A OD1 1 
ATOM   682  O OD2 . ASP A 1 88  ? 3.008   9.797   8.423   1.00 10.05  ? 88  ASP A OD2 1 
ATOM   683  N N   . GLY A 1 89  ? 5.689   6.028   5.022   1.00 10.77  ? 89  GLY A N   1 
ATOM   684  C CA  . GLY A 1 89  ? 5.638   5.248   3.802   1.00 11.36  ? 89  GLY A CA  1 
ATOM   685  C C   . GLY A 1 89  ? 5.258   5.968   2.532   1.00 11.20  ? 89  GLY A C   1 
ATOM   686  O O   . GLY A 1 89  ? 5.063   7.204   2.505   1.00 10.21  ? 89  GLY A O   1 
ATOM   687  N N   . LYS A 1 90  ? 5.135   5.186   1.476   1.00 9.70   ? 90  LYS A N   1 
ATOM   688  C CA  . LYS A 1 90  ? 4.815   5.766   0.190   1.00 13.08  ? 90  LYS A CA  1 
ATOM   689  C C   . LYS A 1 90  ? 3.736   5.009   -0.560  1.00 11.52  ? 90  LYS A C   1 
ATOM   690  O O   . LYS A 1 90  ? 3.450   3.858   -0.246  1.00 10.25  ? 90  LYS A O   1 
ATOM   691  C CB  . LYS A 1 90  ? 6.088   5.841   -0.659  1.00 13.27  ? 90  LYS A CB  1 
ATOM   692  C CG  . LYS A 1 90  ? 6.962   7.049   -0.317  1.00 19.77  ? 90  LYS A CG  1 
ATOM   693  C CD  . LYS A 1 90  ? 8.075   7.285   -1.323  1.00 21.47  ? 90  LYS A CD  1 
ATOM   694  C CE  . LYS A 1 90  ? 8.798   8.601   -1.048  1.00 24.12  ? 90  LYS A CE  1 
ATOM   695  N NZ  . LYS A 1 90  ? 9.790   8.924   -2.118  1.00 25.99  ? 90  LYS A NZ  1 
ATOM   696  N N   . ILE A 1 91  ? 3.133   5.694   -1.541  1.00 11.25  ? 91  ILE A N   1 
ATOM   697  C CA  . ILE A 1 91  ? 2.118   5.102   -2.410  1.00 8.86   ? 91  ILE A CA  1 
ATOM   698  C C   . ILE A 1 91  ? 2.693   5.136   -3.807  1.00 8.57   ? 91  ILE A C   1 
ATOM   699  O O   . ILE A 1 91  ? 3.223   6.144   -4.209  1.00 8.93   ? 91  ILE A O   1 
ATOM   700  C CB  . ILE A 1 91  ? 0.795   5.887   -2.383  1.00 7.87   ? 91  ILE A CB  1 
ATOM   701  C CG1 . ILE A 1 91  ? 0.147   5.744   -1.004  1.00 10.84  ? 91  ILE A CG1 1 
ATOM   702  C CG2 . ILE A 1 91  ? -0.186  5.272   -3.367  1.00 10.78  ? 91  ILE A CG2 1 
ATOM   703  C CD1 . ILE A 1 91  ? -1.044  6.620   -0.806  1.00 10.11  ? 91  ILE A CD1 1 
ATOM   704  N N   . PHE A 1 92  ? 2.679   4.018   -4.518  1.00 7.53   ? 92  PHE A N   1 
ATOM   705  C CA  . PHE A 1 92  ? 3.199   3.987   -5.884  1.00 9.12   ? 92  PHE A CA  1 
ATOM   706  C C   . PHE A 1 92  ? 2.037   3.554   -6.750  1.00 8.60   ? 92  PHE A C   1 
ATOM   707  O O   . PHE A 1 92  ? 1.296   2.653   -6.361  1.00 10.30  ? 92  PHE A O   1 
ATOM   708  C CB  . PHE A 1 92  ? 4.335   2.971   -6.015  1.00 11.10  ? 92  PHE A CB  1 
ATOM   709  C CG  . PHE A 1 92  ? 5.445   3.162   -5.024  1.00 13.96  ? 92  PHE A CG  1 
ATOM   710  C CD1 . PHE A 1 92  ? 6.398   4.162   -5.208  1.00 12.98  ? 92  PHE A CD1 1 
ATOM   711  C CD2 . PHE A 1 92  ? 5.544   2.347   -3.900  1.00 15.59  ? 92  PHE A CD2 1 
ATOM   712  C CE1 . PHE A 1 92  ? 7.450   4.347   -4.273  1.00 14.60  ? 92  PHE A CE1 1 
ATOM   713  C CE2 . PHE A 1 92  ? 6.585   2.524   -2.960  1.00 13.59  ? 92  PHE A CE2 1 
ATOM   714  C CZ  . PHE A 1 92  ? 7.542   3.531   -3.155  1.00 17.05  ? 92  PHE A CZ  1 
ATOM   715  N N   . VAL A 1 93  ? 1.883   4.162   -7.925  1.00 6.16   ? 93  VAL A N   1 
ATOM   716  C CA  . VAL A 1 93  ? 0.799   3.819   -8.824  1.00 6.95   ? 93  VAL A CA  1 
ATOM   717  C C   . VAL A 1 93  ? 1.397   3.211   -10.087 1.00 7.34   ? 93  VAL A C   1 
ATOM   718  O O   . VAL A 1 93  ? 2.412   3.683   -10.563 1.00 10.18  ? 93  VAL A O   1 
ATOM   719  C CB  . VAL A 1 93  ? -0.025  5.072   -9.116  1.00 7.96   ? 93  VAL A CB  1 
ATOM   720  C CG1 . VAL A 1 93  ? -1.165  4.776   -10.087 1.00 6.81   ? 93  VAL A CG1 1 
ATOM   721  C CG2 . VAL A 1 93  ? -0.510  5.687   -7.807  1.00 8.79   ? 93  VAL A CG2 1 
ATOM   722  N N   . PHE A 1 94  ? 0.828   2.137   -10.615 1.00 6.08   ? 94  PHE A N   1 
ATOM   723  C CA  . PHE A 1 94  ? 1.394   1.509   -11.823 1.00 5.94   ? 94  PHE A CA  1 
ATOM   724  C C   . PHE A 1 94  ? 0.281   1.254   -12.829 1.00 7.20   ? 94  PHE A C   1 
ATOM   725  O O   . PHE A 1 94  ? -0.853  0.941   -12.438 1.00 8.95   ? 94  PHE A O   1 
ATOM   726  C CB  . PHE A 1 94  ? 1.974   0.118   -11.511 1.00 5.47   ? 94  PHE A CB  1 
ATOM   727  C CG  . PHE A 1 94  ? 2.985   0.113   -10.448 1.00 7.82   ? 94  PHE A CG  1 
ATOM   728  C CD1 . PHE A 1 94  ? 4.335   0.348   -10.750 1.00 9.07   ? 94  PHE A CD1 1 
ATOM   729  C CD2 . PHE A 1 94  ? 2.608   -0.087  -9.135  1.00 8.26   ? 94  PHE A CD2 1 
ATOM   730  C CE1 . PHE A 1 94  ? 5.317   0.389   -9.731  1.00 8.75   ? 94  PHE A CE1 1 
ATOM   731  C CE2 . PHE A 1 94  ? 3.583   -0.047  -8.104  1.00 9.88   ? 94  PHE A CE2 1 
ATOM   732  C CZ  . PHE A 1 94  ? 4.920   0.192   -8.410  1.00 8.01   ? 94  PHE A CZ  1 
ATOM   733  N N   . ASP A 1 95  ? 0.604   1.340   -14.112 1.00 7.05   ? 95  ASP A N   1 
ATOM   734  C CA  . ASP A 1 95  ? -0.381  1.088   -15.143 1.00 9.26   ? 95  ASP A CA  1 
ATOM   735  C C   . ASP A 1 95  ? -0.582  -0.420  -15.238 1.00 9.41   ? 95  ASP A C   1 
ATOM   736  O O   . ASP A 1 95  ? 0.359   -1.183  -15.015 1.00 9.08   ? 95  ASP A O   1 
ATOM   737  C CB  . ASP A 1 95  ? 0.088   1.592   -16.523 1.00 11.26  ? 95  ASP A CB  1 
ATOM   738  C CG  . ASP A 1 95  ? -1.055  1.537   -17.577 1.00 16.48  ? 95  ASP A CG  1 
ATOM   739  O OD1 . ASP A 1 95  ? -2.228  1.700   -17.176 1.00 14.08  ? 95  ASP A OD1 1 
ATOM   740  O OD2 . ASP A 1 95  ? -0.806  1.314   -18.784 1.00 17.84  ? 95  ASP A OD2 1 
ATOM   741  N N   . VAL A 1 96  ? -1.808  -0.867  -15.507 1.00 10.38  ? 96  VAL A N   1 
ATOM   742  C CA  . VAL A 1 96  ? -2.028  -2.315  -15.670 1.00 10.62  ? 96  VAL A CA  1 
ATOM   743  C C   . VAL A 1 96  ? -2.467  -2.548  -17.116 1.00 8.60   ? 96  VAL A C   1 
ATOM   744  O O   . VAL A 1 96  ? -3.294  -1.812  -17.660 1.00 6.87   ? 96  VAL A O   1 
ATOM   745  C CB  . VAL A 1 96  ? -3.096  -2.913  -14.702 1.00 13.35  ? 96  VAL A CB  1 
ATOM   746  C CG1 . VAL A 1 96  ? -2.911  -4.457  -14.609 1.00 11.70  ? 96  VAL A CG1 1 
ATOM   747  C CG2 . VAL A 1 96  ? -2.951  -2.318  -13.319 1.00 18.71  ? 96  VAL A CG2 1 
ATOM   748  N N   . ALA A 1 97  ? -1.857  -3.536  -17.744 1.00 8.22   ? 97  ALA A N   1 
ATOM   749  C CA  . ALA A 1 97  ? -2.184  -3.861  -19.123 1.00 11.65  ? 97  ALA A CA  1 
ATOM   750  C C   . ALA A 1 97  ? -3.435  -4.744  -19.295 1.00 11.61  ? 97  ALA A C   1 
ATOM   751  O O   . ALA A 1 97  ? -4.220  -4.524  -20.197 1.00 12.32  ? 97  ALA A O   1 
ATOM   752  C CB  . ALA A 1 97  ? -0.938  -4.499  -19.830 1.00 9.99   ? 97  ALA A CB  1 
ATOM   753  N N   . ARG A 1 98  ? -3.646  -5.723  -18.424 1.00 9.67   ? 98  ARG A N   1 
ATOM   754  C CA  . ARG A 1 98  ? -4.802  -6.580  -18.560 1.00 10.82  ? 98  ARG A CA  1 
ATOM   755  C C   . ARG A 1 98  ? -5.249  -7.025  -17.167 1.00 11.44  ? 98  ARG A C   1 
ATOM   756  O O   . ARG A 1 98  ? -4.421  -7.041  -16.245 1.00 10.25  ? 98  ARG A O   1 
ATOM   757  C CB  . ARG A 1 98  ? -4.434  -7.792  -19.440 1.00 14.95  ? 98  ARG A CB  1 
ATOM   758  C CG  . ARG A 1 98  ? -4.231  -7.435  -20.931 1.00 16.46  ? 98  ARG A CG  1 
ATOM   759  C CD  . ARG A 1 98  ? -3.756  -8.572  -21.743 1.00 20.98  ? 98  ARG A CD  1 
ATOM   760  N NE  . ARG A 1 98  ? -4.683  -9.696  -21.722 1.00 20.72  ? 98  ARG A NE  1 
ATOM   761  C CZ  . ARG A 1 98  ? -4.386  -10.899 -22.217 1.00 23.88  ? 98  ARG A CZ  1 
ATOM   762  N NH1 . ARG A 1 98  ? -3.191  -11.111 -22.760 1.00 23.58  ? 98  ARG A NH1 1 
ATOM   763  N NH2 . ARG A 1 98  ? -5.286  -11.890 -22.194 1.00 22.12  ? 98  ARG A NH2 1 
ATOM   764  N N   . VAL A 1 99  ? -6.547  -7.289  -16.992 1.00 9.08   ? 99  VAL A N   1 
ATOM   765  C CA  . VAL A 1 99  ? -7.085  -7.752  -15.697 1.00 11.78  ? 99  VAL A CA  1 
ATOM   766  C C   . VAL A 1 99  ? -8.053  -8.874  -16.072 1.00 13.73  ? 99  VAL A C   1 
ATOM   767  O O   . VAL A 1 99  ? -8.996  -8.660  -16.853 1.00 14.17  ? 99  VAL A O   1 
ATOM   768  C CB  . VAL A 1 99  ? -7.823  -6.628  -14.947 1.00 14.70  ? 99  VAL A CB  1 
ATOM   769  C CG1 . VAL A 1 99  ? -8.508  -7.167  -13.671 1.00 15.06  ? 99  VAL A CG1 1 
ATOM   770  C CG2 . VAL A 1 99  ? -6.847  -5.472  -14.623 1.00 13.61  ? 99  VAL A CG2 1 
ATOM   771  N N   . ILE A 1 100 ? -7.763  -10.089 -15.622 1.00 10.91  ? 100 ILE A N   1 
ATOM   772  C CA  . ILE A 1 100 ? -8.597  -11.234 -15.977 1.00 11.42  ? 100 ILE A CA  1 
ATOM   773  C C   . ILE A 1 100 ? -9.240  -11.888 -14.741 1.00 13.69  ? 100 ILE A C   1 
ATOM   774  O O   . ILE A 1 100 ? -8.544  -12.122 -13.737 1.00 13.81  ? 100 ILE A O   1 
ATOM   775  C CB  . ILE A 1 100 ? -7.774  -12.324 -16.743 1.00 12.26  ? 100 ILE A CB  1 
ATOM   776  C CG1 . ILE A 1 100 ? -7.103  -11.723 -17.999 1.00 12.12  ? 100 ILE A CG1 1 
ATOM   777  C CG2 . ILE A 1 100 ? -8.689  -13.519 -17.192 1.00 9.57   ? 100 ILE A CG2 1 
ATOM   778  C CD1 . ILE A 1 100 ? -5.734  -11.237 -17.772 1.00 9.67   ? 100 ILE A CD1 1 
ATOM   779  N N   . ARG A 1 101 ? -10.555 -12.150 -14.809 1.00 11.35  ? 101 ARG A N   1 
ATOM   780  C CA  . ARG A 1 101 ? -11.264 -12.812 -13.723 1.00 12.74  ? 101 ARG A CA  1 
ATOM   781  C C   . ARG A 1 101 ? -11.115 -14.325 -13.897 1.00 11.08  ? 101 ARG A C   1 
ATOM   782  O O   . ARG A 1 101 ? -11.593 -14.881 -14.850 1.00 12.80  ? 101 ARG A O   1 
ATOM   783  C CB  . ARG A 1 101 ? -12.731 -12.454 -13.746 1.00 14.58  ? 101 ARG A CB  1 
ATOM   784  C CG  . ARG A 1 101 ? -13.493 -13.086 -12.603 1.00 19.26  ? 101 ARG A CG  1 
ATOM   785  C CD  . ARG A 1 101 ? -14.963 -12.924 -12.777 1.00 22.44  ? 101 ARG A CD  1 
ATOM   786  N NE  . ARG A 1 101 ? -15.642 -13.080 -11.506 1.00 24.33  ? 101 ARG A NE  1 
ATOM   787  C CZ  . ARG A 1 101 ? -16.956 -13.042 -11.364 1.00 28.45  ? 101 ARG A CZ  1 
ATOM   788  N NH1 . ARG A 1 101 ? -17.751 -12.871 -12.419 1.00 28.91  ? 101 ARG A NH1 1 
ATOM   789  N NH2 . ARG A 1 101 ? -17.471 -13.066 -10.146 1.00 29.23  ? 101 ARG A NH2 1 
ATOM   790  N N   . ILE A 1 102 ? -10.435 -14.985 -12.968 1.00 12.65  ? 102 ILE A N   1 
ATOM   791  C CA  . ILE A 1 102 ? -10.216 -16.428 -13.068 1.00 10.64  ? 102 ILE A CA  1 
ATOM   792  C C   . ILE A 1 102 ? -11.517 -17.270 -13.096 1.00 14.31  ? 102 ILE A C   1 
ATOM   793  O O   . ILE A 1 102 ? -11.624 -18.244 -13.868 1.00 15.78  ? 102 ILE A O   1 
ATOM   794  C CB  . ILE A 1 102 ? -9.279  -16.955 -11.892 1.00 10.32  ? 102 ILE A CB  1 
ATOM   795  C CG1 . ILE A 1 102 ? -7.843  -16.444 -12.072 1.00 9.06   ? 102 ILE A CG1 1 
ATOM   796  C CG2 . ILE A 1 102 ? -9.300  -18.485 -11.852 1.00 5.23   ? 102 ILE A CG2 1 
ATOM   797  C CD1 . ILE A 1 102 ? -6.928  -16.612 -10.870 1.00 9.96   ? 102 ILE A CD1 1 
ATOM   798  N N   . ARG A 1 103 ? -12.503 -16.910 -12.279 1.00 15.62  ? 103 ARG A N   1 
ATOM   799  C CA  . ARG A 1 103 ? -13.700 -17.737 -12.229 1.00 18.08  ? 103 ARG A CA  1 
ATOM   800  C C   . ARG A 1 103 ? -14.435 -17.921 -13.530 1.00 19.39  ? 103 ARG A C   1 
ATOM   801  O O   . ARG A 1 103 ? -14.891 -19.031 -13.830 1.00 20.90  ? 103 ARG A O   1 
ATOM   802  C CB  . ARG A 1 103 ? -14.709 -17.248 -11.218 1.00 19.22  ? 103 ARG A CB  1 
ATOM   803  C CG  . ARG A 1 103 ? -15.796 -18.294 -11.033 1.00 22.11  ? 103 ARG A CG  1 
ATOM   804  C CD  . ARG A 1 103 ? -17.133 -17.691 -10.759 1.00 26.28  ? 103 ARG A CD  1 
ATOM   805  N NE  . ARG A 1 103 ? -16.974 -16.607 -9.836  1.00 28.76  ? 103 ARG A NE  1 
ATOM   806  C CZ  . ARG A 1 103 ? -17.890 -16.205 -8.962  1.00 31.43  ? 103 ARG A CZ  1 
ATOM   807  N NH1 . ARG A 1 103 ? -19.082 -16.801 -8.893  1.00 25.39  ? 103 ARG A NH1 1 
ATOM   808  N NH2 . ARG A 1 103 ? -17.554 -15.247 -8.094  1.00 31.76  ? 103 ARG A NH2 1 
ATOM   809  N N   . THR A 1 104 ? -14.501 -16.855 -14.320 1.00 17.43  ? 104 THR A N   1 
ATOM   810  C CA  . THR A 1 104 ? -15.251 -16.860 -15.577 1.00 16.23  ? 104 THR A CA  1 
ATOM   811  C C   . THR A 1 104 ? -14.402 -16.723 -16.843 1.00 17.25  ? 104 THR A C   1 
ATOM   812  O O   . THR A 1 104 ? -14.911 -16.898 -17.948 1.00 16.04  ? 104 THR A O   1 
ATOM   813  C CB  . THR A 1 104 ? -16.243 -15.703 -15.566 1.00 15.14  ? 104 THR A CB  1 
ATOM   814  O OG1 . THR A 1 104 ? -15.527 -14.484 -15.337 1.00 15.23  ? 104 THR A OG1 1 
ATOM   815  C CG2 . THR A 1 104 ? -17.301 -15.897 -14.475 1.00 15.61  ? 104 THR A CG2 1 
ATOM   816  N N   . GLY A 1 105 ? -13.123 -16.386 -16.692 1.00 14.75  ? 105 GLY A N   1 
ATOM   817  C CA  . GLY A 1 105 ? -12.284 -16.212 -17.866 1.00 17.12  ? 105 GLY A CA  1 
ATOM   818  C C   . GLY A 1 105 ? -12.546 -14.854 -18.537 1.00 17.59  ? 105 GLY A C   1 
ATOM   819  O O   . GLY A 1 105 ? -11.963 -14.539 -19.596 1.00 18.21  ? 105 GLY A O   1 
ATOM   820  N N   . GLU A 1 106 ? -13.398 -14.039 -17.916 1.00 17.11  ? 106 GLU A N   1 
ATOM   821  C CA  . GLU A 1 106 ? -13.728 -12.720 -18.454 1.00 19.39  ? 106 GLU A CA  1 
ATOM   822  C C   . GLU A 1 106 ? -12.770 -11.581 -18.059 1.00 17.67  ? 106 GLU A C   1 
ATOM   823  O O   . GLU A 1 106 ? -12.344 -11.456 -16.905 1.00 16.17  ? 106 GLU A O   1 
ATOM   824  C CB  . GLU A 1 106 ? -15.142 -12.328 -18.104 1.00 21.04  ? 106 GLU A CB  1 
ATOM   825  C CG  . GLU A 1 106 ? -16.194 -13.100 -18.840 1.00 27.36  ? 106 GLU A CG  1 
ATOM   826  C CD  . GLU A 1 106 ? -17.566 -12.751 -18.319 1.00 33.58  ? 106 GLU A CD  1 
ATOM   827  O OE1 . GLU A 1 106 ? -17.731 -12.631 -17.078 1.00 37.34  ? 106 GLU A OE1 1 
ATOM   828  O OE2 . GLU A 1 106 ? -18.482 -12.566 -19.144 1.00 38.53  ? 106 GLU A OE2 1 
ATOM   829  N N   . GLU A 1 107 ? -12.456 -10.748 -19.044 1.00 16.46  ? 107 GLU A N   1 
ATOM   830  C CA  . GLU A 1 107 ? -11.559 -9.628  -18.830 1.00 16.12  ? 107 GLU A CA  1 
ATOM   831  C C   . GLU A 1 107 ? -12.285 -8.342  -18.499 1.00 17.93  ? 107 GLU A C   1 
ATOM   832  O O   . GLU A 1 107 ? -13.423 -8.114  -18.925 1.00 15.72  ? 107 GLU A O   1 
ATOM   833  C CB  . GLU A 1 107 ? -10.691 -9.383  -20.072 1.00 15.88  ? 107 GLU A CB  1 
ATOM   834  C CG  . GLU A 1 107 ? -9.915  -10.600 -20.544 1.00 16.88  ? 107 GLU A CG  1 
ATOM   835  C CD  . GLU A 1 107 ? -8.625  -10.256 -21.279 1.00 16.98  ? 107 GLU A CD  1 
ATOM   836  O OE1 . GLU A 1 107 ? -8.058  -9.154  -21.061 1.00 16.38  ? 107 GLU A OE1 1 
ATOM   837  O OE2 . GLU A 1 107 ? -8.153  -11.140 -22.033 1.00 18.72  ? 107 GLU A OE2 1 
ATOM   838  N N   . ASP A 1 108 ? -11.628 -7.514  -17.697 1.00 17.25  ? 108 ASP A N   1 
ATOM   839  C CA  . ASP A 1 108 ? -12.143 -6.190  -17.379 1.00 17.81  ? 108 ASP A CA  1 
ATOM   840  C C   . ASP A 1 108 ? -11.458 -5.286  -18.386 1.00 14.17  ? 108 ASP A C   1 
ATOM   841  O O   . ASP A 1 108 ? -10.401 -5.611  -18.900 1.00 13.94  ? 108 ASP A O   1 
ATOM   842  C CB  . ASP A 1 108 ? -11.721 -5.739  -15.993 1.00 20.39  ? 108 ASP A CB  1 
ATOM   843  C CG  . ASP A 1 108 ? -12.400 -6.503  -14.905 1.00 24.99  ? 108 ASP A CG  1 
ATOM   844  O OD1 . ASP A 1 108 ? -13.167 -7.466  -15.196 1.00 28.61  ? 108 ASP A OD1 1 
ATOM   845  O OD2 . ASP A 1 108 ? -12.132 -6.131  -13.743 1.00 30.32  ? 108 ASP A OD2 1 
ATOM   846  N N   . ASP A 1 109 ? -12.061 -4.159  -18.701 1.00 12.03  ? 109 ASP A N   1 
ATOM   847  C CA  . ASP A 1 109 ? -11.425 -3.272  -19.669 1.00 11.90  ? 109 ASP A CA  1 
ATOM   848  C C   . ASP A 1 109 ? -10.278 -2.628  -18.885 1.00 10.17  ? 109 ASP A C   1 
ATOM   849  O O   . ASP A 1 109 ? -10.546 -1.783  -18.057 1.00 8.84   ? 109 ASP A O   1 
ATOM   850  C CB  . ASP A 1 109 ? -12.480 -2.246  -20.135 1.00 9.17   ? 109 ASP A CB  1 
ATOM   851  C CG  . ASP A 1 109 ? -11.925 -1.205  -21.089 1.00 15.88  ? 109 ASP A CG  1 
ATOM   852  O OD1 . ASP A 1 109 ? -10.684 -1.081  -21.208 1.00 11.44  ? 109 ASP A OD1 1 
ATOM   853  O OD2 . ASP A 1 109 ? -12.755 -0.470  -21.697 1.00 13.96  ? 109 ASP A OD2 1 
ATOM   854  N N   . ALA A 1 110 ? -9.015  -3.018  -19.129 1.00 10.32  ? 110 ALA A N   1 
ATOM   855  C CA  . ALA A 1 110 ? -7.883  -2.419  -18.402 1.00 9.87   ? 110 ALA A CA  1 
ATOM   856  C C   . ALA A 1 110 ? -7.646  -0.923  -18.637 1.00 12.60  ? 110 ALA A C   1 
ATOM   857  O O   . ALA A 1 110 ? -6.862  -0.327  -17.921 1.00 13.99  ? 110 ALA A O   1 
ATOM   858  C CB  . ALA A 1 110 ? -6.625  -3.186  -18.609 1.00 10.63  ? 110 ALA A CB  1 
ATOM   859  N N   . ALA A 1 111 ? -8.424  -0.301  -19.525 1.00 12.35  ? 111 ALA A N   1 
ATOM   860  C CA  . ALA A 1 111 ? -8.336  1.128   -19.824 1.00 12.73  ? 111 ALA A CA  1 
ATOM   861  C C   . ALA A 1 111 ? -9.321  2.009   -19.059 1.00 13.21  ? 111 ALA A C   1 
ATOM   862  O O   . ALA A 1 111 ? -9.278  3.231   -19.208 1.00 11.82  ? 111 ALA A O   1 
ATOM   863  C CB  . ALA A 1 111 ? -8.535  1.354   -21.310 1.00 13.34  ? 111 ALA A CB  1 
ATOM   864  N N   . ILE A 1 112 ? -10.254 1.401   -18.325 1.00 12.46  ? 112 ILE A N   1 
ATOM   865  C CA  . ILE A 1 112 ? -11.273 2.146   -17.556 1.00 14.48  ? 112 ILE A CA  1 
ATOM   866  C C   . ILE A 1 112 ? -10.645 2.935   -16.422 1.00 15.42  ? 112 ILE A C   1 
ATOM   867  O O   . ILE A 1 112 ? -9.828  2.337   -15.686 1.00 12.99  ? 112 ILE A O   1 
ATOM   868  C CB  . ILE A 1 112 ? -12.402 1.189   -17.000 1.00 16.45  ? 112 ILE A CB  1 
ATOM   869  C CG1 . ILE A 1 112 ? -13.363 0.780   -18.131 1.00 19.43  ? 112 ILE A CG1 1 
ATOM   870  C CG2 . ILE A 1 112 ? -13.216 1.853   -15.929 1.00 18.61  ? 112 ILE A CG2 1 
ATOM   871  C CD1 . ILE A 1 112 ? -14.314 -0.349  -17.801 1.00 19.70  ? 112 ILE A CD1 1 
ATOM   872  O OXT . ILE A 1 112 ? -10.960 4.140   -16.289 1.00 14.34  ? 112 ILE A OXT 1 
HETATM 873  O O   . HOH B 2 .   ? -16.269 0.220   5.821   1.00 33.18  ? 500 HOH A O   1 
HETATM 874  O O   . HOH B 2 .   ? -19.152 2.555   -1.373  0.67 42.81  ? 502 HOH A O   1 
HETATM 875  O O   . HOH B 2 .   ? -12.631 5.145   -14.377 0.99 14.20  ? 505 HOH A O   1 
HETATM 876  O O   . HOH B 2 .   ? 1.546   7.806   15.612  1.00 29.59  ? 506 HOH A O   1 
HETATM 877  O O   . HOH B 2 .   ? -15.987 -8.828  -14.934 1.00 37.13  ? 507 HOH A O   1 
HETATM 878  O O   . HOH B 2 .   ? -8.019  -6.850  -19.574 1.00 9.92   ? 508 HOH A O   1 
HETATM 879  O O   . HOH B 2 .   ? -9.767  -0.136  13.733  1.00 47.58  ? 509 HOH A O   1 
HETATM 880  O O   . HOH B 2 .   ? 5.673   2.736   6.002   1.00 15.09  ? 510 HOH A O   1 
HETATM 881  O O   . HOH B 2 .   ? 6.586   1.458   11.192  1.00 11.52  ? 511 HOH A O   1 
HETATM 882  O O   . HOH B 2 .   ? 4.244   7.190   13.443  1.00 13.57  ? 512 HOH A O   1 
HETATM 883  O O   . HOH B 2 .   ? 10.002  5.636   12.613  0.93 12.44  ? 513 HOH A O   1 
HETATM 884  O O   . HOH B 2 .   ? -0.116  -3.758  14.506  0.73 26.89  ? 514 HOH A O   1 
HETATM 885  O O   . HOH B 2 .   ? -4.213  -2.723  12.569  1.00 29.44  ? 515 HOH A O   1 
HETATM 886  O O   . HOH B 2 .   ? 1.726   -1.748  16.676  1.00 35.85  ? 516 HOH A O   1 
HETATM 887  O O   . HOH B 2 .   ? -3.758  -0.827  16.095  1.00 33.50  ? 517 HOH A O   1 
HETATM 888  O O   . HOH B 2 .   ? -5.860  0.910   12.189  0.69 10.17  ? 518 HOH A O   1 
HETATM 889  O O   . HOH B 2 .   ? -7.499  5.774   14.936  1.00 46.40  ? 519 HOH A O   1 
HETATM 890  O O   . HOH B 2 .   ? -11.042 -2.954  14.019  0.99 53.47  ? 520 HOH A O   1 
HETATM 891  O O   . HOH B 2 .   ? -11.185 4.185   8.812   1.00 20.75  ? 521 HOH A O   1 
HETATM 892  O O   . HOH B 2 .   ? -0.963  2.452   18.234  1.00 30.60  ? 522 HOH A O   1 
HETATM 893  O O   . HOH B 2 .   ? -1.493  -5.000  10.735  0.92 18.89  ? 524 HOH A O   1 
HETATM 894  O O   . HOH B 2 .   ? -4.595  -6.249  11.324  0.60 32.13  ? 525 HOH A O   1 
HETATM 895  O O   . HOH B 2 .   ? -2.463  9.444   12.784  0.94 28.58  ? 526 HOH A O   1 
HETATM 896  O O   . HOH B 2 .   ? -5.078  8.595   14.417  0.53 51.06  ? 527 HOH A O   1 
HETATM 897  O O   . HOH B 2 .   ? -4.330  8.910   9.809   0.51 13.41  ? 528 HOH A O   1 
HETATM 898  O O   . HOH B 2 .   ? -10.064 11.520  8.628   0.80 46.26  ? 529 HOH A O   1 
HETATM 899  O O   . HOH B 2 .   ? -1.376  13.371  12.027  1.00 73.68  ? 530 HOH A O   1 
HETATM 900  O O   . HOH B 2 .   ? -20.805 1.953   2.439   0.93 55.81  ? 532 HOH A O   1 
HETATM 901  O O   . HOH B 2 .   ? -12.062 7.942   7.564   1.00 83.36  ? 533 HOH A O   1 
HETATM 902  O O   . HOH B 2 .   ? -18.126 -2.209  4.247   1.00 77.49  ? 534 HOH A O   1 
HETATM 903  O O   . HOH B 2 .   ? -15.640 7.781   1.864   0.80 39.71  ? 535 HOH A O   1 
HETATM 904  O O   . HOH B 2 .   ? -18.194 6.730   -0.826  0.60 31.65  ? 536 HOH A O   1 
HETATM 905  O O   . HOH B 2 .   ? -13.044 4.801   11.453  0.70 41.23  ? 537 HOH A O   1 
HETATM 906  O O   . HOH B 2 .   ? -12.926 0.785   15.602  0.92 53.89  ? 538 HOH A O   1 
HETATM 907  O O   . HOH B 2 .   ? -15.293 -1.836  15.239  0.87 59.16  ? 541 HOH A O   1 
HETATM 908  O O   . HOH B 2 .   ? -8.492  9.456   10.259  0.89 38.50  ? 542 HOH A O   1 
HETATM 909  O O   . HOH B 2 .   ? -8.515  18.330  4.968   0.98 27.15  ? 544 HOH A O   1 
HETATM 910  O O   . HOH B 2 .   ? -5.402  12.613  8.815   0.78 25.74  ? 545 HOH A O   1 
HETATM 911  O O   . HOH B 2 .   ? -16.442 -2.245  0.238   0.89 27.84  ? 547 HOH A O   1 
HETATM 912  O O   . HOH B 2 .   ? -12.933 -9.554  4.043   0.95 25.32  ? 548 HOH A O   1 
HETATM 913  O O   . HOH B 2 .   ? -24.172 -11.241 11.049  0.72 15.40  ? 552 HOH A O   1 
HETATM 914  O O   . HOH B 2 .   ? -23.923 -9.669  13.978  0.98 15.91  ? 553 HOH A O   1 
HETATM 915  O O   . HOH B 2 .   ? -20.812 -8.284  15.186  1.00 58.45  ? 555 HOH A O   1 
HETATM 916  O O   . HOH B 2 .   ? -17.841 0.069   9.760   1.00 61.18  ? 557 HOH A O   1 
HETATM 917  O O   . HOH B 2 .   ? -18.117 -3.031  9.770   1.00 28.37  ? 558 HOH A O   1 
HETATM 918  O O   . HOH B 2 .   ? -18.638 -3.541  -7.839  1.00 58.37  ? 560 HOH A O   1 
HETATM 919  O O   . HOH B 2 .   ? -16.734 -6.388  -8.151  1.00 55.70  ? 561 HOH A O   1 
HETATM 920  O O   . HOH B 2 .   ? -11.152 -3.512  -6.479  1.00 35.91  ? 562 HOH A O   1 
HETATM 921  O O   . HOH B 2 .   ? -19.862 7.013   -11.165 0.65 27.57  ? 565 HOH A O   1 
HETATM 922  O O   . HOH B 2 .   ? -24.250 -2.479  -8.124  0.85 66.76  ? 567 HOH A O   1 
HETATM 923  O O   . HOH B 2 .   ? -20.217 -1.112  -7.943  1.00 62.37  ? 568 HOH A O   1 
HETATM 924  O O   . HOH B 2 .   ? -10.599 -5.301  -11.011 1.00 44.84  ? 569 HOH A O   1 
HETATM 925  O O   . HOH B 2 .   ? -8.420  -4.017  -5.893  1.00 31.24  ? 571 HOH A O   1 
HETATM 926  O O   . HOH B 2 .   ? -11.579 -9.482  -4.671  1.00 59.02  ? 572 HOH A O   1 
HETATM 927  O O   . HOH B 2 .   ? -5.083  -7.206  -5.394  1.00 31.29  ? 573 HOH A O   1 
HETATM 928  O O   . HOH B 2 .   ? 7.531   -8.288  8.517   1.00 24.94  ? 575 HOH A O   1 
HETATM 929  O O   . HOH B 2 .   ? 5.096   -8.221  12.273  0.73 48.71  ? 576 HOH A O   1 
HETATM 930  O O   . HOH B 2 .   ? 14.694  -11.057 4.598   1.00 34.12  ? 578 HOH A O   1 
HETATM 931  O O   . HOH B 2 .   ? 7.851   3.259   1.767   1.00 29.00  ? 579 HOH A O   1 
HETATM 932  O O   . HOH B 2 .   ? 12.439  10.871  6.483   1.00 32.94  ? 580 HOH A O   1 
HETATM 933  O O   . HOH B 2 .   ? 12.754  3.762   16.262  1.00 16.47  ? 581 HOH A O   1 
HETATM 934  O O   . HOH B 2 .   ? 12.100  12.623  15.018  0.59 41.29  ? 583 HOH A O   1 
HETATM 935  O O   . HOH B 2 .   ? 9.399   11.125  14.303  0.92 16.52  ? 585 HOH A O   1 
HETATM 936  O O   . HOH B 2 .   ? 15.309  13.673  12.996  0.51 36.17  ? 586 HOH A O   1 
HETATM 937  O O   . HOH B 2 .   ? 11.594  14.913  11.541  1.00 40.49  ? 587 HOH A O   1 
HETATM 938  O O   . HOH B 2 .   ? 5.634   9.341   4.170   1.00 10.75  ? 589 HOH A O   1 
HETATM 939  O O   . HOH B 2 .   ? 25.188  2.547   12.861  1.00 56.18  ? 591 HOH A O   1 
HETATM 940  O O   . HOH B 2 .   ? 26.118  9.148   15.683  0.66 41.36  ? 592 HOH A O   1 
HETATM 941  O O   . HOH B 2 .   ? 23.090  7.626   18.841  1.00 37.51  ? 593 HOH A O   1 
HETATM 942  O O   . HOH B 2 .   ? 22.538  -8.208  13.877  1.00 37.71  ? 594 HOH A O   1 
HETATM 943  O O   . HOH B 2 .   ? 30.444  2.633   5.873   1.00 59.33  ? 596 HOH A O   1 
HETATM 944  O O   . HOH B 2 .   ? 10.426  -17.247 18.956  0.85 55.71  ? 597 HOH A O   1 
HETATM 945  O O   . HOH B 2 .   ? 9.150   -4.431  15.875  0.61 21.60  ? 599 HOH A O   1 
HETATM 946  O O   . HOH B 2 .   ? 3.788   -10.783 11.332  0.80 62.76  ? 600 HOH A O   1 
HETATM 947  O O   . HOH B 2 .   ? 8.199   11.095  16.870  0.66 19.64  ? 602 HOH A O   1 
HETATM 948  O O   . HOH B 2 .   ? 8.315   -0.399  -3.768  1.00 33.42  ? 603 HOH A O   1 
HETATM 949  O O   . HOH B 2 .   ? -5.971  3.356   -18.262 0.92 17.72  ? 605 HOH A O   1 
HETATM 950  O O   . HOH B 2 .   ? -16.635 3.442   9.261   0.53 24.52  ? 608 HOH A O   1 
HETATM 951  O O   . HOH B 2 .   ? -20.111 10.232  4.092   0.79 47.85  ? 609 HOH A O   1 
HETATM 952  O O   . HOH B 2 .   ? -15.807 -0.429  -10.323 1.00 51.05  ? 611 HOH A O   1 
HETATM 953  O O   . HOH B 2 .   ? 8.537   9.793   6.112   1.00 14.88  ? 615 HOH A O   1 
HETATM 954  O O   . HOH B 2 .   ? 31.274  -5.770  15.617  0.96 79.61  ? 616 HOH A O   1 
HETATM 955  O O   . HOH B 2 .   ? 28.518  -7.609  10.861  0.96 53.37  ? 617 HOH A O   1 
HETATM 956  O O   . HOH B 2 .   ? 32.753  -4.811  11.850  0.86 47.22  ? 618 HOH A O   1 
HETATM 957  O O   . HOH B 2 .   ? 36.581  -9.232  21.752  0.85 67.05  ? 619 HOH A O   1 
HETATM 958  O O   . HOH B 2 .   ? 30.817  -15.282 18.897  1.00 71.97  ? 620 HOH A O   1 
HETATM 959  O O   . HOH B 2 .   ? 20.549  -14.826 19.533  1.00 44.07  ? 621 HOH A O   1 
HETATM 960  O O   . HOH B 2 .   ? 16.282  -14.213 16.959  1.00 63.65  ? 622 HOH A O   1 
HETATM 961  O O   . HOH B 2 .   ? 18.641  -11.005 14.138  1.00 76.29  ? 625 HOH A O   1 
HETATM 962  O O   . HOH B 2 .   ? 15.381  -1.185  13.219  0.95 28.12  ? 626 HOH A O   1 
HETATM 963  O O   . HOH B 2 .   ? -14.230 10.158  -9.223  0.54 16.18  ? 628 HOH A O   1 
HETATM 964  O O   . HOH B 2 .   ? 1.779   4.450   7.358   1.00 8.45   ? 631 HOH A O   1 
HETATM 965  O O   . HOH B 2 .   ? 8.502   6.487   5.169   1.00 18.40  ? 632 HOH A O   1 
HETATM 966  O O   . HOH B 2 .   ? 3.220   2.215   -14.756 0.88 12.46  ? 635 HOH A O   1 
HETATM 967  O O   . HOH B 2 .   ? -3.493  7.538   -11.706 0.85 36.80  ? 636 HOH A O   1 
HETATM 968  O O   . HOH B 2 .   ? 3.501   -8.916  -2.490  0.54 9.84   ? 637 HOH A O   1 
HETATM 969  O O   . HOH B 2 .   ? 4.360   -3.227  -12.014 0.53 15.40  ? 639 HOH A O   1 
HETATM 970  O O   . HOH B 2 .   ? 7.937   2.346   4.305   0.60 14.89  ? 641 HOH A O   1 
HETATM 971  O O   . HOH B 2 .   ? 6.518   -1.095  12.251  0.91 15.21  ? 642 HOH A O   1 
HETATM 972  O O   . HOH B 2 .   ? 2.376   -1.058  14.088  0.88 18.96  ? 643 HOH A O   1 
HETATM 973  O O   . HOH B 2 .   ? 3.128   -5.358  13.311  1.00 51.57  ? 644 HOH A O   1 
HETATM 974  O O   . HOH B 2 .   ? 0.739   -4.129  17.196  1.00 66.10  ? 645 HOH A O   1 
HETATM 975  O O   . HOH B 2 .   ? 4.806   -6.814  14.651  0.77 58.69  ? 646 HOH A O   1 
HETATM 976  O O   . HOH B 2 .   ? 5.086   -1.748  14.337  0.52 15.68  ? 647 HOH A O   1 
HETATM 977  O O   . HOH B 2 .   ? 6.596   -0.812  16.629  0.89 24.60  ? 649 HOH A O   1 
HETATM 978  O O   . HOH B 2 .   ? 5.102   -2.161  20.543  0.85 38.31  ? 650 HOH A O   1 
HETATM 979  O O   . HOH B 2 .   ? 4.263   -6.280  8.855   0.86 25.31  ? 651 HOH A O   1 
HETATM 980  O O   . HOH B 2 .   ? -5.818  6.203   11.189  1.00 22.18  ? 652 HOH A O   1 
HETATM 981  O O   . HOH B 2 .   ? -10.274 6.121   14.232  1.00 56.02  ? 653 HOH A O   1 
HETATM 982  O O   . HOH B 2 .   ? -4.684  3.079   14.281  0.95 43.97  ? 654 HOH A O   1 
HETATM 983  O O   . HOH B 2 .   ? -4.428  5.531   14.881  0.81 32.04  ? 655 HOH A O   1 
HETATM 984  O O   . HOH B 2 .   ? -1.055  7.280   14.656  0.56 13.02  ? 656 HOH A O   1 
HETATM 985  O O   . HOH B 2 .   ? -10.090 7.189   9.416   0.65 35.88  ? 657 HOH A O   1 
HETATM 986  O O   . HOH B 2 .   ? -10.514 -2.214  16.828  1.00 55.48  ? 658 HOH A O   1 
HETATM 987  O O   . HOH B 2 .   ? -6.507  -8.201  10.096  0.72 40.40  ? 659 HOH A O   1 
HETATM 988  O O   . HOH B 2 .   ? -5.212  4.922   17.472  1.00 63.12  ? 660 HOH A O   1 
HETATM 989  O O   . HOH B 2 .   ? -0.059  -6.397  13.571  0.97 72.96  ? 661 HOH A O   1 
HETATM 990  O O   . HOH B 2 .   ? -13.455 6.335   3.220   0.50 17.93  ? 662 HOH A O   1 
HETATM 991  O O   . HOH B 2 .   ? -9.736  1.114   18.463  0.61 35.76  ? 663 HOH A O   1 
HETATM 992  O O   . HOH B 2 .   ? -7.326  2.930   16.545  1.00 44.22  ? 664 HOH A O   1 
HETATM 993  O O   . HOH B 2 .   ? -9.242  -9.068  10.079  1.00 22.09  ? 665 HOH A O   1 
HETATM 994  O O   . HOH B 2 .   ? -12.095 -0.071  19.449  0.43 27.19  ? 667 HOH A O   1 
HETATM 995  O O   . HOH B 2 .   ? -14.615 -11.596 3.918   1.00 59.50  ? 669 HOH A O   1 
HETATM 996  O O   . HOH B 2 .   ? -17.890 -1.404  12.059  0.54 50.17  ? 670 HOH A O   1 
HETATM 997  O O   . HOH B 2 .   ? -21.848 -1.530  13.491  0.76 47.56  ? 672 HOH A O   1 
HETATM 998  O O   . HOH B 2 .   ? -24.182 -4.913  12.311  0.89 43.95  ? 673 HOH A O   1 
HETATM 999  O O   . HOH B 2 .   ? -24.787 -3.826  2.745   0.66 43.11  ? 674 HOH A O   1 
HETATM 1000 O O   . HOH B 2 .   ? -19.758 -6.572  16.975  0.96 103.49 ? 675 HOH A O   1 
HETATM 1001 O O   . HOH B 2 .   ? -20.638 -9.781  20.597  1.00 41.28  ? 676 HOH A O   1 
HETATM 1002 O O   . HOH B 2 .   ? -24.229 -8.799  7.584   1.00 71.53  ? 678 HOH A O   1 
HETATM 1003 O O   . HOH B 2 .   ? -22.944 -12.267 8.604   0.79 32.91  ? 679 HOH A O   1 
HETATM 1004 O O   . HOH B 2 .   ? -20.208 -11.044 7.416   1.00 28.38  ? 680 HOH A O   1 
HETATM 1005 O O   . HOH B 2 .   ? -13.263 -8.701  12.045  0.92 25.32  ? 681 HOH A O   1 
HETATM 1006 O O   . HOH B 2 .   ? -22.251 0.689   0.469   0.44 23.29  ? 683 HOH A O   1 
HETATM 1007 O O   . HOH B 2 .   ? -26.489 2.011   -4.718  1.00 38.70  ? 684 HOH A O   1 
HETATM 1008 O O   . HOH B 2 .   ? -23.895 2.656   -0.615  0.49 38.58  ? 685 HOH A O   1 
HETATM 1009 O O   . HOH B 2 .   ? -22.400 10.668  -3.999  1.00 53.99  ? 686 HOH A O   1 
HETATM 1010 O O   . HOH B 2 .   ? -18.995 -0.595  -3.099  1.00 67.91  ? 689 HOH A O   1 
HETATM 1011 O O   . HOH B 2 .   ? -18.703 2.485   -5.405  0.85 35.49  ? 690 HOH A O   1 
HETATM 1012 O O   . HOH B 2 .   ? -18.985 -2.290  -5.490  1.00 74.31  ? 691 HOH A O   1 
HETATM 1013 O O   . HOH B 2 .   ? -15.121 9.061   -0.510  1.00 35.77  ? 692 HOH A O   1 
HETATM 1014 O O   . HOH B 2 .   ? -18.205 6.013   -6.530  0.88 85.59  ? 693 HOH A O   1 
HETATM 1015 O O   . HOH B 2 .   ? -13.513 -2.853  -8.916  0.51 36.95  ? 694 HOH A O   1 
HETATM 1016 O O   . HOH B 2 .   ? -23.156 -6.485  -9.214  0.40 16.73  ? 695 HOH A O   1 
HETATM 1017 O O   . HOH B 2 .   ? -26.097 -7.200  -0.089  0.84 45.84  ? 696 HOH A O   1 
HETATM 1018 O O   . HOH B 2 .   ? -23.165 -10.522 -3.917  0.66 54.95  ? 697 HOH A O   1 
HETATM 1019 O O   . HOH B 2 .   ? -6.658  -10.676 -2.154  1.00 32.92  ? 698 HOH A O   1 
HETATM 1020 O O   . HOH B 2 .   ? -7.394  -6.323  -6.125  1.00 45.03  ? 699 HOH A O   1 
HETATM 1021 O O   . HOH B 2 .   ? 2.713   -11.882 3.738   0.95 15.09  ? 702 HOH A O   1 
HETATM 1022 O O   . HOH B 2 .   ? -0.943  -9.823  5.913   1.00 34.35  ? 703 HOH A O   1 
HETATM 1023 O O   . HOH B 2 .   ? 3.596   -14.492 5.540   1.00 40.80  ? 704 HOH A O   1 
HETATM 1024 O O   . HOH B 2 .   ? 1.535   -16.398 5.999   0.94 63.60  ? 705 HOH A O   1 
HETATM 1025 O O   . HOH B 2 .   ? -3.502  -17.560 7.544   0.65 23.47  ? 706 HOH A O   1 
HETATM 1026 O O   . HOH B 2 .   ? 0.387   -13.180 9.826   1.00 50.88  ? 707 HOH A O   1 
HETATM 1027 O O   . HOH B 2 .   ? -2.639  -11.492 11.720  0.92 40.29  ? 708 HOH A O   1 
HETATM 1028 O O   . HOH B 2 .   ? 1.084   -14.294 12.772  0.69 53.58  ? 709 HOH A O   1 
HETATM 1029 O O   . HOH B 2 .   ? 11.241  1.811   3.614   1.00 39.41  ? 712 HOH A O   1 
HETATM 1030 O O   . HOH B 2 .   ? 15.175  9.343   5.709   1.00 67.40  ? 715 HOH A O   1 
HETATM 1031 O O   . HOH B 2 .   ? 16.087  7.336   9.255   0.96 31.05  ? 716 HOH A O   1 
HETATM 1032 O O   . HOH B 2 .   ? 14.245  0.655   9.727   1.00 30.16  ? 717 HOH A O   1 
HETATM 1033 O O   . HOH B 2 .   ? 18.464  8.203   18.787  1.00 29.60  ? 720 HOH A O   1 
HETATM 1034 O O   . HOH B 2 .   ? 20.263  9.630   15.077  0.70 34.48  ? 721 HOH A O   1 
HETATM 1035 O O   . HOH B 2 .   ? 19.700  13.446  10.351  0.80 59.52  ? 722 HOH A O   1 
HETATM 1036 O O   . HOH B 2 .   ? 18.058  13.836  12.651  0.60 50.12  ? 723 HOH A O   1 
HETATM 1037 O O   . HOH B 2 .   ? 19.796  15.250  3.909   0.26 54.45  ? 724 HOH A O   1 
HETATM 1038 O O   . HOH B 2 .   ? 25.738  5.212   8.256   1.00 74.53  ? 725 HOH A O   1 
HETATM 1039 O O   . HOH B 2 .   ? 24.232  10.628  9.596   0.84 57.75  ? 726 HOH A O   1 
HETATM 1040 O O   . HOH B 2 .   ? 22.395  6.766   14.024  1.00 52.12  ? 727 HOH A O   1 
HETATM 1041 O O   . HOH B 2 .   ? 27.758  5.493   6.270   0.88 65.25  ? 728 HOH A O   1 
HETATM 1042 O O   . HOH B 2 .   ? 16.271  6.963   4.549   1.00 50.11  ? 730 HOH A O   1 
HETATM 1043 O O   . HOH B 2 .   ? 31.513  -0.861  14.093  0.51 40.72  ? 731 HOH A O   1 
HETATM 1044 O O   . HOH B 2 .   ? 33.216  2.965   12.821  0.85 59.38  ? 732 HOH A O   1 
HETATM 1045 O O   . HOH B 2 .   ? 33.168  -0.312  7.594   0.79 80.36  ? 733 HOH A O   1 
HETATM 1046 O O   . HOH B 2 .   ? 24.969  6.917   1.250   1.00 42.95  ? 734 HOH A O   1 
HETATM 1047 O O   . HOH B 2 .   ? 28.195  0.174   12.210  0.54 30.84  ? 735 HOH A O   1 
HETATM 1048 O O   . HOH B 2 .   ? 27.377  3.067   14.307  0.61 48.00  ? 736 HOH A O   1 
HETATM 1049 O O   . HOH B 2 .   ? 26.422  -0.679  14.564  1.00 69.04  ? 737 HOH A O   1 
HETATM 1050 O O   . HOH B 2 .   ? 16.959  4.832   10.113  1.00 39.03  ? 738 HOH A O   1 
HETATM 1051 O O   . HOH B 2 .   ? 20.485  -10.557 18.728  1.00 43.04  ? 739 HOH A O   1 
HETATM 1052 O O   . HOH B 2 .   ? 21.916  -6.235  10.189  1.00 73.07  ? 742 HOH A O   1 
HETATM 1053 O O   . HOH B 2 .   ? 1.559   -11.245 12.890  0.85 56.05  ? 743 HOH A O   1 
HETATM 1054 O O   . HOH B 2 .   ? -0.401  -16.596 11.896  0.76 58.50  ? 744 HOH A O   1 
HETATM 1055 O O   . HOH B 2 .   ? -1.595  -15.175 15.180  1.00 84.02  ? 745 HOH A O   1 
HETATM 1056 O O   . HOH B 2 .   ? -3.697  -12.892 17.794  0.51 60.98  ? 746 HOH A O   1 
HETATM 1057 O O   . HOH B 2 .   ? 6.541   -16.616 14.709  0.63 49.07  ? 747 HOH A O   1 
HETATM 1058 O O   . HOH B 2 .   ? 8.203   -14.299 15.676  0.91 50.22  ? 748 HOH A O   1 
HETATM 1059 O O   . HOH B 2 .   ? 6.551   -13.653 21.059  1.00 41.73  ? 749 HOH A O   1 
HETATM 1060 O O   . HOH B 2 .   ? 3.978   -14.737 17.647  1.00 60.98  ? 750 HOH A O   1 
HETATM 1061 O O   . HOH B 2 .   ? 6.250   -10.587 21.909  0.79 42.40  ? 751 HOH A O   1 
HETATM 1062 O O   . HOH B 2 .   ? 0.955   -16.334 15.440  0.95 47.06  ? 752 HOH A O   1 
HETATM 1063 O O   . HOH B 2 .   ? -1.149  -17.126 20.355  0.89 54.42  ? 753 HOH A O   1 
HETATM 1064 O O   . HOH B 2 .   ? 8.776   -2.270  14.498  1.00 44.93  ? 754 HOH A O   1 
HETATM 1065 O O   . HOH B 2 .   ? 9.705   4.255   10.378  0.95 29.73  ? 755 HOH A O   1 
HETATM 1066 O O   . HOH B 2 .   ? 9.949   3.161   7.965   0.92 30.30  ? 756 HOH A O   1 
HETATM 1067 O O   . HOH B 2 .   ? 3.117   -6.796  11.228  1.00 32.05  ? 757 HOH A O   1 
HETATM 1068 O O   . HOH B 2 .   ? 4.204   -5.070  -5.546  1.00 26.56  ? 758 HOH A O   1 
HETATM 1069 O O   . HOH B 2 .   ? 6.105   -5.382  -9.807  0.93 35.68  ? 759 HOH A O   1 
HETATM 1070 O O   . HOH B 2 .   ? 5.806   -1.769  -4.624  0.97 23.01  ? 760 HOH A O   1 
HETATM 1071 O O   . HOH B 2 .   ? -0.221  15.737  9.818   0.90 67.68  ? 762 HOH A O   1 
HETATM 1072 O O   . HOH B 2 .   ? 6.189   15.921  9.686   1.00 64.02  ? 763 HOH A O   1 
HETATM 1073 O O   . HOH B 2 .   ? 1.791   15.294  8.244   1.00 54.81  ? 764 HOH A O   1 
HETATM 1074 O O   . HOH B 2 .   ? 6.154   14.855  16.125  0.79 28.33  ? 765 HOH A O   1 
HETATM 1075 O O   . HOH B 2 .   ? 7.492   15.099  13.524  1.00 40.75  ? 766 HOH A O   1 
HETATM 1076 O O   . HOH B 2 .   ? 8.480   14.959  10.974  1.00 63.59  ? 767 HOH A O   1 
HETATM 1077 O O   . HOH B 2 .   ? -0.424  13.356  15.283  1.00 64.44  ? 770 HOH A O   1 
HETATM 1078 O O   . HOH B 2 .   ? -2.551  12.467  16.602  0.99 83.26  ? 771 HOH A O   1 
HETATM 1079 O O   . HOH B 2 .   ? 8.929   7.543   2.208   0.90 31.64  ? 773 HOH A O   1 
HETATM 1080 O O   . HOH B 2 .   ? 10.872  5.537   -2.432  1.00 54.37  ? 776 HOH A O   1 
HETATM 1081 O O   . HOH B 2 .   ? 3.784   4.569   -16.202 0.98 21.55  ? 777 HOH A O   1 
HETATM 1082 O O   . HOH B 2 .   ? -0.128  6.091   -16.667 1.00 36.11  ? 779 HOH A O   1 
HETATM 1083 O O   . HOH B 2 .   ? 4.329   2.684   -24.568 0.57 32.65  ? 781 HOH A O   1 
HETATM 1084 O O   . HOH B 2 .   ? 6.864   6.314   -19.294 0.63 22.40  ? 782 HOH A O   1 
HETATM 1085 O O   . HOH B 2 .   ? -4.007  6.967   -17.325 0.82 53.80  ? 783 HOH A O   1 
HETATM 1086 O O   . HOH B 2 .   ? -7.038  -9.350  -12.566 0.65 86.19  ? 784 HOH A O   1 
HETATM 1087 O O   . HOH B 2 .   ? -16.025 -11.457 -15.217 0.97 41.02  ? 785 HOH A O   1 
HETATM 1088 O O   . HOH B 2 .   ? -21.723 -11.702 -17.467 0.90 51.95  ? 786 HOH A O   1 
HETATM 1089 O O   . HOH B 2 .   ? -32.253 -18.968 -9.206  0.54 52.23  ? 788 HOH A O   1 
HETATM 1090 O O   . HOH B 2 .   ? -17.610 -9.724  -19.121 0.96 32.76  ? 789 HOH A O   1 
HETATM 1091 O O   . HOH B 2 .   ? -15.454 -9.419  -20.499 1.00 18.56  ? 790 HOH A O   1 
HETATM 1092 O O   . HOH B 2 .   ? -20.540 -15.416 -12.331 0.80 52.34  ? 791 HOH A O   1 
HETATM 1093 O O   . HOH B 2 .   ? 1.768   7.212   -20.756 0.70 26.85  ? 792 HOH A O   1 
HETATM 1094 O O   . HOH B 2 .   ? 4.694   4.075   -20.589 0.60 42.95  ? 793 HOH A O   1 
HETATM 1095 O O   . HOH B 2 .   ? 2.990   2.167   -17.767 1.00 45.78  ? 794 HOH A O   1 
HETATM 1096 O O   . HOH B 2 .   ? 3.958   0.395   -17.646 0.91 32.45  ? 795 HOH A O   1 
HETATM 1097 O O   . HOH B 2 .   ? 4.113   -1.040  -15.413 0.33 28.93  ? 796 HOH A O   1 
HETATM 1098 O O   . HOH B 2 .   ? 3.279   7.318   -16.821 1.00 36.40  ? 797 HOH A O   1 
HETATM 1099 O O   . HOH B 2 .   ? 15.155  8.942   18.163  0.51 35.17  ? 798 HOH A O   1 
HETATM 1100 O O   . HOH B 2 .   ? 15.275  10.846  14.575  1.00 49.62  ? 799 HOH A O   1 
HETATM 1101 O O   . HOH B 2 .   ? 21.806  9.548   17.639  0.96 33.94  ? 800 HOH A O   1 
HETATM 1102 O O   . HOH B 2 .   ? -12.901 -1.110  -6.751  0.77 30.59  ? 803 HOH A O   1 
HETATM 1103 O O   . HOH B 2 .   ? -12.950 -6.325  -8.029  1.00 55.64  ? 804 HOH A O   1 
HETATM 1104 O O   . HOH B 2 .   ? -15.190 3.632   -10.405 0.96 50.87  ? 805 HOH A O   1 
HETATM 1105 O O   . HOH B 2 .   ? -20.819 4.196   -5.712  0.69 30.13  ? 806 HOH A O   1 
HETATM 1106 O O   . HOH B 2 .   ? -23.349 -2.983  -5.658  0.59 45.04  ? 807 HOH A O   1 
HETATM 1107 O O   . HOH B 2 .   ? -19.237 -7.488  -6.957  0.78 45.20  ? 808 HOH A O   1 
HETATM 1108 O O   . HOH B 2 .   ? -21.821 -12.313 -7.028  1.00 37.96  ? 809 HOH A O   1 
HETATM 1109 O O   . HOH B 2 .   ? -23.419 -14.901 -8.821  1.00 47.37  ? 810 HOH A O   1 
HETATM 1110 O O   . HOH B 2 .   ? -28.894 -18.338 -8.516  0.26 42.70  ? 811 HOH A O   1 
HETATM 1111 O O   . HOH B 2 .   ? -20.642 -13.435 -14.578 1.00 39.70  ? 812 HOH A O   1 
HETATM 1112 O O   . HOH B 2 .   ? 0.561   -6.795  10.996  1.00 39.45  ? 814 HOH A O   1 
HETATM 1113 O O   . HOH B 2 .   ? -6.035  -10.120 12.378  0.65 33.92  ? 815 HOH A O   1 
HETATM 1114 O O   . HOH B 2 .   ? -0.916  -11.831 13.663  1.00 53.49  ? 816 HOH A O   1 
HETATM 1115 O O   . HOH B 2 .   ? 3.021   -15.452 11.000  0.82 42.76  ? 817 HOH A O   1 
HETATM 1116 O O   . HOH B 2 .   ? -2.733  -15.716 12.637  1.00 34.90  ? 818 HOH A O   1 
HETATM 1117 O O   . HOH B 2 .   ? -3.155  -17.406 15.204  1.00 50.06  ? 819 HOH A O   1 
HETATM 1118 O O   . HOH B 2 .   ? -6.146  9.342   11.544  1.00 54.17  ? 820 HOH A O   1 
HETATM 1119 O O   . HOH B 2 .   ? -2.336  -8.340  13.508  1.00 64.16  ? 821 HOH A O   1 
HETATM 1120 O O   . HOH B 2 .   ? -7.397  8.060   16.305  0.97 56.11  ? 822 HOH A O   1 
HETATM 1121 O O   . HOH B 2 .   ? -13.446 3.269   21.067  0.89 53.88  ? 823 HOH A O   1 
HETATM 1122 O O   . HOH B 2 .   ? -15.908 2.089   15.294  0.63 54.56  ? 824 HOH A O   1 
HETATM 1123 O O   . HOH B 2 .   ? -14.652 6.550   6.133   1.00 54.07  ? 825 HOH A O   1 
HETATM 1124 O O   . HOH B 2 .   ? -13.605 10.595  7.030   1.00 48.61  ? 826 HOH A O   1 
HETATM 1125 O O   . HOH B 2 .   ? -11.703 12.383  10.514  0.55 54.73  ? 827 HOH A O   1 
HETATM 1126 O O   . HOH B 2 .   ? -19.328 0.615   4.241   1.00 67.43  ? 828 HOH A O   1 
HETATM 1127 O O   . HOH B 2 .   ? -22.284 7.552   -2.597  1.00 45.25  ? 829 HOH A O   1 
HETATM 1128 O O   . HOH B 2 .   ? -22.174 -5.321  1.722   0.88 54.87  ? 830 HOH A O   1 
HETATM 1129 O O   . HOH B 2 .   ? -26.029 -4.454  -0.768  0.91 47.54  ? 831 HOH A O   1 
HETATM 1130 O O   . HOH B 2 .   ? -25.758 -3.291  -3.415  0.60 24.80  ? 832 HOH A O   1 
HETATM 1131 O O   . HOH B 2 .   ? -22.274 -1.523  -1.311  0.74 52.23  ? 833 HOH A O   1 
HETATM 1132 O O   . HOH B 2 .   ? -20.835 -3.082  0.508   0.49 22.33  ? 834 HOH A O   1 
HETATM 1133 O O   . HOH B 2 .   ? -16.305 6.803   -2.832  0.86 44.90  ? 835 HOH A O   1 
HETATM 1134 O O   . HOH B 2 .   ? -21.703 4.680   6.564   0.88 39.26  ? 836 HOH A O   1 
HETATM 1135 O O   . HOH B 2 .   ? -17.394 -6.032  -0.655  1.00 43.00  ? 837 HOH A O   1 
HETATM 1136 O O   . HOH B 2 .   ? -17.753 -3.518  1.992   0.77 29.24  ? 838 HOH A O   1 
HETATM 1137 O O   . HOH B 2 .   ? -17.028 -8.885  0.884   1.00 42.23  ? 839 HOH A O   1 
HETATM 1138 O O   . HOH B 2 .   ? -10.704 -13.070 0.261   0.75 18.39  ? 840 HOH A O   1 
HETATM 1139 O O   . HOH B 2 .   ? 0.689   -13.517 5.120   1.00 47.30  ? 841 HOH A O   1 
HETATM 1140 O O   . HOH B 2 .   ? 5.369   -12.144 1.857   0.33 45.93  ? 842 HOH A O   1 
HETATM 1141 O O   . HOH B 2 .   ? 5.108   -9.814  -1.754  0.74 25.43  ? 843 HOH A O   1 
HETATM 1142 O O   . HOH B 2 .   ? 9.621   -8.969  9.980   1.00 45.56  ? 844 HOH A O   1 
HETATM 1143 O O   . HOH B 2 .   ? 14.737  -3.396  14.263  1.00 25.14  ? 845 HOH A O   1 
HETATM 1144 O O   . HOH B 2 .   ? 19.179  1.361   10.994  1.00 39.98  ? 846 HOH A O   1 
HETATM 1145 O O   . HOH B 2 .   ? 10.848  5.080   15.202  0.55 80.59  ? 847 HOH A O   1 
HETATM 1146 O O   . HOH B 2 .   ? 16.376  10.144  12.000  0.75 31.02  ? 848 HOH A O   1 
HETATM 1147 O O   . HOH B 2 .   ? 21.891  13.014  14.484  0.78 46.47  ? 849 HOH A O   1 
HETATM 1148 O O   . HOH B 2 .   ? 27.697  6.319   10.295  0.89 60.37  ? 850 HOH A O   1 
HETATM 1149 O O   . HOH B 2 .   ? 26.187  2.859   9.663   1.00 32.23  ? 851 HOH A O   1 
HETATM 1150 O O   . HOH B 2 .   ? 28.928  8.003   8.384   0.43 50.54  ? 852 HOH A O   1 
HETATM 1151 O O   . HOH B 2 .   ? 29.255  7.747   12.804  0.59 24.46  ? 853 HOH A O   1 
HETATM 1152 O O   . HOH B 2 .   ? 30.292  10.854  6.236   0.76 50.98  ? 854 HOH A O   1 
HETATM 1153 O O   . HOH B 2 .   ? 29.245  2.707   11.804  0.81 44.29  ? 855 HOH A O   1 
HETATM 1154 O O   . HOH B 2 .   ? 17.675  4.855   5.108   1.00 46.99  ? 857 HOH A O   1 
HETATM 1155 O O   . HOH B 2 .   ? 23.941  -7.898  10.719  1.00 46.80  ? 858 HOH A O   1 
HETATM 1156 O O   . HOH B 2 .   ? 24.291  -10.220 9.385   0.51 43.01  ? 859 HOH A O   1 
HETATM 1157 O O   . HOH B 2 .   ? 28.683  -12.519 14.288  0.34 32.46  ? 860 HOH A O   1 
HETATM 1158 O O   . HOH B 2 .   ? 27.279  -10.884 12.149  1.00 43.24  ? 861 HOH A O   1 
HETATM 1159 O O   . HOH B 2 .   ? 29.382  -2.096  11.489  0.67 48.31  ? 862 HOH A O   1 
HETATM 1160 O O   . HOH B 2 .   ? 17.414  0.485   12.841  1.00 43.90  ? 863 HOH A O   1 
HETATM 1161 O O   . HOH B 2 .   ? 28.630  -5.844  16.420  1.00 38.46  ? 864 HOH A O   1 
HETATM 1162 O O   . HOH B 2 .   ? 29.088  -9.244  19.241  0.92 57.94  ? 865 HOH A O   1 
HETATM 1163 O O   . HOH B 2 .   ? 34.185  -1.325  14.899  1.00 53.72  ? 866 HOH A O   1 
HETATM 1164 O O   . HOH B 2 .   ? 16.108  -11.709 15.938  0.64 26.88  ? 868 HOH A O   1 
HETATM 1165 O O   . HOH B 2 .   ? 21.535  -12.338 17.054  0.88 44.95  ? 869 HOH A O   1 
HETATM 1166 O O   . HOH B 2 .   ? 14.890  -15.930 20.396  1.00 44.82  ? 870 HOH A O   1 
HETATM 1167 O O   . HOH B 2 .   ? 21.153  -10.251 15.645  0.98 63.13  ? 871 HOH A O   1 
HETATM 1168 O O   . HOH B 2 .   ? 21.972  -2.220  14.237  0.84 43.58  ? 872 HOH A O   1 
HETATM 1169 O O   . HOH B 2 .   ? 9.460   0.571   5.775   0.73 52.14  ? 873 HOH A O   1 
HETATM 1170 O O   . HOH B 2 .   ? 1.071   -9.733  16.356  0.77 36.48  ? 874 HOH A O   1 
HETATM 1171 O O   . HOH B 2 .   ? -20.228 1.224   -10.300 0.40 25.63  ? 875 HOH A O   1 
HETATM 1172 O O   . HOH B 2 .   ? -21.575 2.219   -13.407 1.00 41.03  ? 876 HOH A O   1 
HETATM 1173 O O   . HOH B 2 .   ? -11.397 11.647  -11.476 0.96 42.81  ? 877 HOH A O   1 
HETATM 1174 O O   . HOH B 2 .   ? -3.670  12.850  -9.309  1.00 76.42  ? 878 HOH A O   1 
HETATM 1175 O O   . HOH B 2 .   ? -16.586 8.868   -4.457  0.56 47.71  ? 879 HOH A O   1 
HETATM 1176 O O   . HOH B 2 .   ? -14.077 9.557   -6.738  0.89 46.86  ? 880 HOH A O   1 
HETATM 1177 O O   . HOH B 2 .   ? -12.719 9.685   1.798   1.00 47.20  ? 881 HOH A O   1 
HETATM 1178 O O   . HOH B 2 .   ? 2.671   14.705  13.486  0.66 31.59  ? 882 HOH A O   1 
HETATM 1179 O O   . HOH B 2 .   ? 4.452   16.743  12.817  0.85 54.45  ? 883 HOH A O   1 
HETATM 1180 O O   . HOH B 2 .   ? 15.245  10.558  9.580   1.00 50.84  ? 884 HOH A O   1 
HETATM 1181 O O   . HOH B 2 .   ? 9.754   4.398   5.310   1.00 31.41  ? 885 HOH A O   1 
HETATM 1182 O O   . HOH B 2 .   ? 3.994   0.679   -2.299  0.85 83.50  ? 887 HOH A O   1 
HETATM 1183 O O   . HOH B 2 .   ? -8.425  -5.054  -17.210 1.00 43.09  ? 888 HOH A O   1 
HETATM 1184 O O   . HOH B 2 .   ? -12.240 1.878   -20.254 0.81 47.59  ? 889 HOH A O   1 
# 
